data_5M54
#
_entry.id   5M54
#
loop_
_entity.id
_entity.type
_entity.pdbx_description
1 polymer 'Calmodulin-regulated spectrin-associated protein 1'
2 polymer 'Tubulin alpha chain'
3 polymer 'Tubulin beta-2B chain'
4 non-polymer "GUANOSINE-5'-TRIPHOSPHATE"
5 non-polymer 'MAGNESIUM ION'
6 non-polymer "GUANOSINE-5'-DIPHOSPHATE"
7 non-polymer TAXOL
8 water water
#
loop_
_entity_poly.entity_id
_entity_poly.type
_entity_poly.pdbx_seq_one_letter_code
_entity_poly.pdbx_strand_id
1 'polypeptide(L)'
;KSNKPIIHNAISHCCLAGKVNEPHKNSILEELEKCDANHYIILFRDAGCQFRALYCYYPDTEEIYKLTGTGPKNITKKMI
DKLYKYSSDRKQFNLIPAKTMSVSVDALTIHNHLWQP
;
C
2 'polypeptide(L)'
;RECISIHVGQAGVQIGNACWELYCLEHGIQPDGQMPSDKTIGGGDDSFNTFFSETGAGKHVPRAVFVDLEPTVIDEVRTG
TYRQLFHPEQLITGKEDAANNYARGHYTIGKEIIDLVLDRIRKLADQCTGLQGFSVFHSFGGGTGSGFTSLLMERLSVDY
GKKSKLEFSIYPAPQVSTAVVEPYNSILTTHTTLEHSDCAFMVDNEAIYDICRRNLDIERPTYTNLNRLIGQIVSSITAS
LRFDGALNVDLTEFQTNLVPYPRGHFPLATYAPVISAEKAYHEQLSVAEITNACFEPANQMVKCDPRHGKYMACCLLYRG
DVVPKDVNAAIATIKTKRTIQFVDWCPTGFKVGINYEPPTVVPGGDLAKVQRAVCMLSNTTAIAEAWARLDHKFDLMYAK
RAFVHWYVGEGMEEGEFSEAREDMAALEKDYEEVGVDS
;
D,A
3 'polypeptide(L)'
;REIVHIQAGQCGNQIGAKFWEVISDEHGIDPTGSYHGDSDLQLERINVYYNEAAGNKYVPRAILVDLEPGTMDSVRSGPF
GQIFRPDNFVFGQSGAGNNWAKGHYTEGAELVDSVLDVVRKESESCDCLQGFQLTHSLGGGTGSGMGTLLISKIREEYPD
RIMNTFSVVPSPKVSDTVVEPYNATLSVHQLVENTDETYCIDNEALYDICFRTLKLTTPTYGDLNHLVSATMSGVTTCLR
FPGQLNADLRKLAVNMVPFPRLHFFMPGFAPLTSRGSQQYRALTVPELTQQMFDAKNMMAACDPRHGRYLTVAAVFRGRM
SMKEVDEQMLNVQNKNSSYFVEWIPNNVKTAVCDIPPRGLKMSATFIGNSTAIQELFKRISEQFTAMFRRKAFLHWYTGE
GMDEMEFTEAESNMNDLVSEYQQYQD
;
E,B
#
loop_
_chem_comp.id
_chem_comp.type
_chem_comp.name
_chem_comp.formula
GDP RNA linking GUANOSINE-5'-DIPHOSPHATE 'C10 H15 N5 O11 P2'
GTP non-polymer GUANOSINE-5'-TRIPHOSPHATE 'C10 H16 N5 O14 P3'
MG non-polymer 'MAGNESIUM ION' 'Mg 2'
TA1 non-polymer TAXOL 'C47 H51 N O14'
#
# COMPACT_ATOMS: atom_id res chain seq x y z
N LYS A 1 14.84 23.73 -8.56
CA LYS A 1 13.82 22.82 -8.08
C LYS A 1 12.56 23.60 -7.73
N SER A 2 11.41 22.96 -7.88
CA SER A 2 10.12 23.63 -7.70
C SER A 2 9.05 22.60 -7.40
N ASN A 3 8.04 23.05 -6.64
CA ASN A 3 6.89 22.21 -6.35
C ASN A 3 5.71 22.52 -7.27
N LYS A 4 5.81 23.59 -8.05
CA LYS A 4 4.67 24.14 -8.82
C LYS A 4 4.05 23.20 -9.86
N PRO A 5 4.81 22.42 -10.67
CA PRO A 5 4.12 21.42 -11.50
C PRO A 5 3.54 20.27 -10.68
N ILE A 6 4.16 19.93 -9.55
CA ILE A 6 3.63 18.86 -8.70
C ILE A 6 2.35 19.32 -8.01
N ILE A 7 2.32 20.58 -7.56
CA ILE A 7 1.10 21.16 -7.00
C ILE A 7 0.02 21.27 -8.08
N HIS A 8 0.42 21.64 -9.30
CA HIS A 8 -0.53 21.66 -10.42
C HIS A 8 -0.97 20.25 -10.78
N ASN A 9 -0.13 19.25 -10.51
CA ASN A 9 -0.54 17.86 -10.69
C ASN A 9 -1.46 17.43 -9.55
N ALA A 10 -1.42 18.14 -8.43
CA ALA A 10 -2.19 17.72 -7.26
C ALA A 10 -3.62 18.22 -7.32
N ILE A 11 -3.81 19.55 -7.32
CA ILE A 11 -5.14 20.12 -7.13
C ILE A 11 -6.00 19.95 -8.37
N SER A 12 -5.36 19.86 -9.54
CA SER A 12 -6.11 19.66 -10.78
C SER A 12 -6.64 18.24 -10.88
N HIS A 13 -6.11 17.33 -10.06
CA HIS A 13 -6.53 15.93 -10.10
C HIS A 13 -7.17 15.50 -8.79
N CYS A 14 -6.57 15.87 -7.66
CA CYS A 14 -7.05 15.35 -6.38
C CYS A 14 -8.04 16.28 -5.67
N CYS A 15 -7.61 17.52 -5.38
CA CYS A 15 -8.40 18.39 -4.51
C CYS A 15 -9.49 19.12 -5.28
N LEU A 16 -9.08 20.01 -6.18
CA LEU A 16 -10.02 20.90 -6.86
C LEU A 16 -10.65 20.28 -8.09
N ALA A 17 -10.56 18.95 -8.25
CA ALA A 17 -11.27 18.29 -9.32
C ALA A 17 -12.76 18.26 -9.00
N GLY A 18 -13.55 18.80 -9.90
CA GLY A 18 -14.99 18.91 -9.73
C GLY A 18 -15.53 20.05 -10.57
N LYS A 19 -16.73 19.84 -11.11
CA LYS A 19 -17.37 20.84 -11.95
C LYS A 19 -17.78 22.05 -11.15
N VAL A 20 -18.14 21.86 -9.88
CA VAL A 20 -18.45 22.98 -9.00
C VAL A 20 -17.15 23.64 -8.53
N ASN A 21 -16.06 22.86 -8.45
CA ASN A 21 -14.77 23.40 -8.04
C ASN A 21 -14.02 24.04 -9.20
N GLU A 22 -14.56 23.96 -10.40
CA GLU A 22 -13.90 24.56 -11.56
C GLU A 22 -13.89 26.09 -11.55
N PRO A 23 -14.94 26.83 -11.14
CA PRO A 23 -14.75 28.28 -11.00
C PRO A 23 -13.84 28.67 -9.84
N HIS A 24 -13.72 27.80 -8.83
CA HIS A 24 -12.84 28.10 -7.71
C HIS A 24 -11.38 27.98 -8.11
N LYS A 25 -11.04 26.97 -8.92
CA LYS A 25 -9.63 26.73 -9.25
C LYS A 25 -9.13 27.71 -10.31
N ASN A 26 -10.05 28.34 -11.06
CA ASN A 26 -9.63 29.26 -12.11
C ASN A 26 -9.04 30.54 -11.52
N SER A 27 -9.40 30.88 -10.29
CA SER A 27 -8.77 32.00 -9.60
C SER A 27 -7.43 31.58 -9.00
N ILE A 28 -7.16 30.28 -8.97
CA ILE A 28 -5.99 29.77 -8.25
C ILE A 28 -4.85 29.48 -9.22
N LEU A 29 -5.16 28.91 -10.39
CA LEU A 29 -4.11 28.61 -11.38
C LEU A 29 -3.51 29.88 -11.96
N GLU A 30 -4.30 30.96 -12.05
CA GLU A 30 -3.75 32.24 -12.47
C GLU A 30 -2.91 32.85 -11.37
N GLU A 31 -3.23 32.53 -10.11
CA GLU A 31 -2.50 33.11 -8.99
C GLU A 31 -1.13 32.45 -8.82
N LEU A 32 -1.03 31.18 -9.21
CA LEU A 32 0.25 30.48 -9.10
C LEU A 32 1.27 31.00 -10.11
N GLU A 33 0.78 31.51 -11.23
CA GLU A 33 1.68 32.06 -12.25
C GLU A 33 2.21 33.42 -11.82
N LYS A 34 1.42 34.16 -11.04
CA LYS A 34 1.87 35.47 -10.56
C LYS A 34 2.92 35.33 -9.47
N CYS A 35 2.86 34.24 -8.71
CA CYS A 35 3.75 34.06 -7.56
C CYS A 35 5.16 33.71 -8.02
N ASP A 36 6.15 34.32 -7.38
CA ASP A 36 7.54 34.12 -7.77
C ASP A 36 8.15 32.90 -7.10
N ALA A 37 7.49 32.38 -6.06
CA ALA A 37 8.05 31.27 -5.29
C ALA A 37 7.98 29.97 -6.09
N ASN A 38 8.87 29.04 -5.75
CA ASN A 38 8.90 27.74 -6.41
C ASN A 38 8.28 26.66 -5.54
N HIS A 39 8.19 26.92 -4.25
CA HIS A 39 7.77 25.93 -3.25
C HIS A 39 6.40 26.29 -2.73
N TYR A 40 5.41 25.46 -3.03
CA TYR A 40 4.00 25.73 -2.74
C TYR A 40 3.44 24.66 -1.82
N ILE A 41 2.72 25.11 -0.79
CA ILE A 41 2.18 24.23 0.26
C ILE A 41 0.68 24.46 0.36
N ILE A 42 -0.08 23.37 0.54
CA ILE A 42 -1.53 23.42 0.60
C ILE A 42 -1.97 23.23 2.05
N LEU A 43 -2.99 23.97 2.47
CA LEU A 43 -3.52 23.91 3.83
C LEU A 43 -4.63 22.88 3.93
N PHE A 44 -4.66 22.14 5.03
CA PHE A 44 -5.70 21.16 5.30
C PHE A 44 -6.15 21.22 6.75
N ARG A 45 -7.41 20.82 6.98
CA ARG A 45 -7.96 20.89 8.33
C ARG A 45 -7.73 19.59 9.09
N ASP A 46 -7.99 18.45 8.47
CA ASP A 46 -7.91 17.17 9.14
C ASP A 46 -7.25 16.17 8.18
N ALA A 47 -7.28 14.88 8.52
CA ALA A 47 -6.71 13.85 7.66
C ALA A 47 -7.65 13.47 6.54
N GLY A 48 -8.85 14.05 6.51
CA GLY A 48 -9.79 13.78 5.43
C GLY A 48 -9.45 14.48 4.12
N CYS A 49 -8.40 15.31 4.13
CA CYS A 49 -7.84 15.98 2.94
C CYS A 49 -8.86 16.92 2.29
N GLN A 50 -9.32 17.90 3.07
CA GLN A 50 -10.24 18.90 2.58
C GLN A 50 -9.50 20.20 2.29
N PHE A 51 -9.62 20.67 1.04
CA PHE A 51 -8.84 21.78 0.53
C PHE A 51 -9.22 23.07 1.25
N ARG A 52 -8.33 23.55 2.13
CA ARG A 52 -8.60 24.75 2.90
C ARG A 52 -8.00 25.98 2.22
N ALA A 53 -6.68 26.01 2.06
CA ALA A 53 -5.99 27.15 1.47
C ALA A 53 -4.67 26.65 0.90
N LEU A 54 -3.91 27.58 0.34
CA LEU A 54 -2.58 27.28 -0.20
C LEU A 54 -1.59 28.33 0.30
N TYR A 55 -0.39 27.87 0.66
CA TYR A 55 0.65 28.71 1.23
C TYR A 55 1.88 28.70 0.35
N CYS A 56 2.78 29.65 0.61
CA CYS A 56 4.02 29.81 -0.13
C CYS A 56 5.26 29.56 0.70
N TYR A 57 5.27 28.51 1.52
CA TYR A 57 6.39 28.26 2.43
C TYR A 57 7.66 27.89 1.66
N TYR A 58 8.78 28.39 2.16
CA TYR A 58 10.12 28.11 1.66
C TYR A 58 10.99 27.83 2.86
N PRO A 59 11.95 26.91 2.75
CA PRO A 59 12.78 26.55 3.92
C PRO A 59 13.65 27.68 4.45
N ASP A 60 13.88 28.72 3.68
CA ASP A 60 14.62 29.88 4.14
C ASP A 60 13.62 30.84 4.83
N THR A 61 14.03 32.09 5.05
CA THR A 61 13.17 33.03 5.78
C THR A 61 12.11 33.67 4.88
N GLU A 62 11.88 33.15 3.68
CA GLU A 62 10.75 33.58 2.87
C GLU A 62 9.44 33.20 3.55
N GLU A 63 8.38 33.94 3.24
CA GLU A 63 7.22 33.98 4.09
C GLU A 63 6.34 32.74 3.97
N ILE A 64 5.50 32.52 4.98
CA ILE A 64 4.51 31.45 4.98
C ILE A 64 3.27 31.88 4.19
N TYR A 65 3.23 33.17 3.81
CA TYR A 65 2.07 33.99 3.44
C TYR A 65 0.95 33.31 2.67
N LYS A 66 -0.29 33.51 3.13
CA LYS A 66 -1.47 32.85 2.59
C LYS A 66 -1.73 33.35 1.17
N LEU A 67 -1.57 32.46 0.19
CA LEU A 67 -1.69 32.86 -1.20
C LEU A 67 -3.15 32.94 -1.61
N THR A 68 -3.89 31.83 -1.50
CA THR A 68 -5.29 31.81 -1.88
C THR A 68 -6.03 30.84 -0.95
N GLY A 69 -7.16 31.29 -0.42
CA GLY A 69 -7.98 30.45 0.41
C GLY A 69 -8.25 31.06 1.78
N THR A 70 -8.87 30.25 2.63
CA THR A 70 -9.21 30.64 3.99
C THR A 70 -8.22 29.99 4.95
N GLY A 71 -7.56 30.80 5.76
CA GLY A 71 -6.62 30.31 6.74
C GLY A 71 -5.95 31.42 7.49
N PRO A 72 -5.11 31.08 8.46
CA PRO A 72 -4.34 32.11 9.17
C PRO A 72 -3.26 32.72 8.29
N LYS A 73 -2.88 33.93 8.64
CA LYS A 73 -1.86 34.65 7.87
C LYS A 73 -0.48 34.08 8.14
N ASN A 74 -0.11 33.95 9.42
CA ASN A 74 1.19 33.45 9.80
C ASN A 74 1.04 32.07 10.43
N ILE A 75 1.81 31.11 9.91
CA ILE A 75 1.91 29.77 10.49
C ILE A 75 3.36 29.55 10.88
N THR A 76 3.60 29.32 12.16
CA THR A 76 4.92 29.11 12.72
C THR A 76 5.27 27.62 12.60
N LYS A 77 6.55 27.30 12.75
CA LYS A 77 6.98 25.90 12.68
C LYS A 77 6.53 25.10 13.91
N LYS A 78 6.11 25.79 14.98
CA LYS A 78 5.46 25.10 16.08
C LYS A 78 4.03 24.69 15.71
N MET A 79 3.40 25.44 14.81
CA MET A 79 1.97 25.25 14.55
C MET A 79 1.70 24.02 13.69
N ILE A 80 2.72 23.50 13.01
CA ILE A 80 2.53 22.36 12.12
C ILE A 80 2.35 21.10 12.97
N ASP A 81 1.51 20.18 12.49
CA ASP A 81 1.34 18.89 13.16
C ASP A 81 1.81 17.74 12.30
N LYS A 82 1.34 17.67 11.06
CA LYS A 82 1.65 16.56 10.17
C LYS A 82 2.02 17.10 8.80
N LEU A 83 2.91 16.40 8.11
CA LEU A 83 3.45 16.83 6.83
C LEU A 83 2.94 15.90 5.74
N TYR A 84 2.59 16.48 4.60
CA TYR A 84 1.89 15.75 3.55
C TYR A 84 2.69 15.76 2.26
N LYS A 85 2.47 14.72 1.44
CA LYS A 85 3.01 14.63 0.10
C LYS A 85 1.95 14.03 -0.83
N TYR A 86 2.32 13.89 -2.09
CA TYR A 86 1.41 13.41 -3.12
C TYR A 86 2.01 12.22 -3.86
N SER A 87 1.18 11.22 -4.16
CA SER A 87 1.55 10.08 -4.97
C SER A 87 0.78 10.17 -6.29
N SER A 88 1.52 10.18 -7.40
CA SER A 88 0.89 10.35 -8.70
C SER A 88 0.18 9.07 -9.14
N ASP A 89 0.66 7.92 -8.67
CA ASP A 89 0.00 6.66 -8.98
C ASP A 89 -1.26 6.48 -8.13
N ARG A 90 -1.24 6.97 -6.90
CA ARG A 90 -2.38 6.79 -6.00
C ARG A 90 -3.41 7.89 -6.20
N LYS A 91 -2.96 9.09 -6.59
CA LYS A 91 -3.75 10.33 -6.63
C LYS A 91 -4.38 10.64 -5.26
N GLN A 92 -3.63 10.33 -4.20
CA GLN A 92 -4.03 10.64 -2.84
C GLN A 92 -2.84 11.23 -2.10
N PHE A 93 -3.00 11.37 -0.79
CA PHE A 93 -2.04 12.04 0.07
C PHE A 93 -1.52 11.07 1.13
N ASN A 94 -0.20 10.94 1.19
CA ASN A 94 0.45 10.00 2.09
C ASN A 94 1.08 10.75 3.25
N LEU A 95 1.26 10.03 4.35
CA LEU A 95 1.77 10.62 5.58
C LEU A 95 3.29 10.64 5.60
N ILE A 96 3.84 11.71 6.17
CA ILE A 96 5.29 11.86 6.31
C ILE A 96 5.61 11.89 7.80
N PRO A 97 6.65 11.21 8.25
CA PRO A 97 7.11 11.39 9.64
C PRO A 97 7.66 12.79 9.87
N ALA A 98 7.80 13.14 11.15
CA ALA A 98 8.27 14.48 11.51
C ALA A 98 9.74 14.64 11.16
N LYS A 99 10.04 15.73 10.44
CA LYS A 99 11.40 16.00 9.95
C LYS A 99 11.51 17.48 9.63
N THR A 100 12.67 17.87 9.09
CA THR A 100 12.84 19.23 8.58
C THR A 100 12.04 19.41 7.30
N MET A 101 11.13 20.39 7.32
CA MET A 101 10.24 20.62 6.20
C MET A 101 10.97 21.33 5.05
N SER A 102 10.82 20.79 3.85
CA SER A 102 11.48 21.34 2.68
C SER A 102 10.63 21.05 1.44
N VAL A 103 11.28 21.11 0.27
CA VAL A 103 10.60 21.14 -1.02
C VAL A 103 9.86 19.82 -1.30
N SER A 104 10.42 18.70 -0.83
CA SER A 104 9.79 17.40 -1.05
C SER A 104 8.49 17.22 -0.27
N VAL A 105 8.22 18.07 0.72
CA VAL A 105 6.94 18.06 1.44
C VAL A 105 5.98 18.92 0.64
N ASP A 106 4.75 18.42 0.44
CA ASP A 106 3.83 19.08 -0.47
C ASP A 106 2.75 19.87 0.26
N ALA A 107 2.32 19.39 1.43
CA ALA A 107 1.24 20.05 2.16
C ALA A 107 1.39 19.75 3.64
N LEU A 108 0.45 20.28 4.44
CA LEU A 108 0.52 20.14 5.89
C LEU A 108 -0.88 20.18 6.48
N THR A 109 -0.91 20.11 7.81
CA THR A 109 -2.08 20.44 8.62
C THR A 109 -1.60 21.14 9.89
N ILE A 110 -2.53 21.83 10.56
CA ILE A 110 -2.18 22.67 11.71
C ILE A 110 -3.10 22.36 12.88
N HIS A 111 -2.94 23.14 13.95
CA HIS A 111 -3.53 22.82 15.23
C HIS A 111 -5.03 23.13 15.24
N ASN A 112 -5.77 22.38 16.05
CA ASN A 112 -7.23 22.47 16.05
C ASN A 112 -7.73 23.74 16.75
N HIS A 113 -7.04 24.16 17.81
CA HIS A 113 -7.43 25.39 18.48
C HIS A 113 -7.03 26.62 17.66
N LEU A 114 -6.08 26.45 16.74
CA LEU A 114 -5.76 27.52 15.81
C LEU A 114 -6.91 27.79 14.85
N TRP A 115 -7.69 26.76 14.53
CA TRP A 115 -8.95 26.95 13.83
C TRP A 115 -9.95 27.66 14.74
N GLN A 116 -10.80 28.49 14.15
CA GLN A 116 -11.92 29.09 14.87
C GLN A 116 -13.20 28.42 14.42
N PRO A 117 -14.20 28.25 15.30
CA PRO A 117 -15.46 27.58 14.93
C PRO A 117 -16.42 28.48 14.15
N ARG B 1 31.03 -4.69 25.94
CA ARG B 1 31.97 -5.61 25.28
C ARG B 1 31.43 -6.09 23.93
N GLU B 2 30.69 -5.23 23.24
CA GLU B 2 30.02 -5.61 22.01
C GLU B 2 30.07 -4.47 21.00
N CYS B 3 29.87 -4.82 19.72
CA CYS B 3 29.80 -3.85 18.64
C CYS B 3 28.97 -4.43 17.51
N ILE B 4 28.62 -3.56 16.56
CA ILE B 4 27.67 -3.88 15.50
C ILE B 4 28.32 -3.59 14.16
N SER B 5 28.20 -4.54 13.23
CA SER B 5 28.69 -4.35 11.87
C SER B 5 27.55 -3.78 11.02
N ILE B 6 27.88 -2.80 10.18
CA ILE B 6 26.90 -2.10 9.36
C ILE B 6 27.30 -2.25 7.90
N HIS B 7 26.32 -2.56 7.04
CA HIS B 7 26.55 -2.85 5.63
C HIS B 7 25.59 -1.99 4.81
N VAL B 8 26.11 -0.96 4.15
CA VAL B 8 25.30 0.00 3.40
C VAL B 8 25.71 -0.07 1.94
N GLY B 9 24.72 -0.28 1.06
CA GLY B 9 24.95 -0.34 -0.37
C GLY B 9 25.12 -1.75 -0.89
N GLN B 10 25.24 -1.85 -2.21
CA GLN B 10 25.45 -3.15 -2.83
C GLN B 10 26.86 -3.66 -2.55
N ALA B 11 27.79 -2.74 -2.30
CA ALA B 11 29.17 -3.14 -2.04
C ALA B 11 29.32 -3.78 -0.66
N GLY B 12 28.80 -3.12 0.37
CA GLY B 12 29.12 -3.53 1.73
C GLY B 12 28.36 -4.77 2.20
N VAL B 13 27.17 -4.98 1.64
CA VAL B 13 26.38 -6.16 1.98
C VAL B 13 27.03 -7.42 1.41
N GLN B 14 27.56 -7.31 0.18
CA GLN B 14 28.26 -8.44 -0.44
C GLN B 14 29.58 -8.73 0.28
N ILE B 15 30.14 -7.73 0.95
CA ILE B 15 31.23 -7.99 1.89
C ILE B 15 30.71 -8.78 3.09
N GLY B 16 29.58 -8.33 3.66
CA GLY B 16 29.08 -8.93 4.88
C GLY B 16 28.41 -10.27 4.66
N ASN B 17 28.10 -10.59 3.40
CA ASN B 17 27.63 -11.94 3.09
C ASN B 17 28.73 -12.97 3.31
N ALA B 18 29.99 -12.56 3.14
CA ALA B 18 31.10 -13.47 3.39
C ALA B 18 31.61 -13.36 4.82
N CYS B 19 31.52 -12.16 5.42
CA CYS B 19 32.18 -11.93 6.71
C CYS B 19 31.45 -12.62 7.85
N TRP B 20 30.12 -12.69 7.80
CA TRP B 20 29.41 -13.41 8.84
C TRP B 20 29.50 -14.91 8.65
N GLU B 21 29.77 -15.36 7.42
CA GLU B 21 30.15 -16.74 7.20
C GLU B 21 31.53 -17.01 7.77
N LEU B 22 32.44 -16.03 7.64
CA LEU B 22 33.75 -16.10 8.28
C LEU B 22 33.62 -16.10 9.80
N TYR B 23 32.60 -15.42 10.33
CA TYR B 23 32.40 -15.39 11.76
C TYR B 23 31.78 -16.69 12.26
N CYS B 24 31.06 -17.41 11.39
CA CYS B 24 30.63 -18.76 11.73
C CYS B 24 31.79 -19.74 11.69
N LEU B 25 32.83 -19.41 10.93
CA LEU B 25 34.02 -20.24 10.88
C LEU B 25 34.85 -20.10 12.15
N GLU B 26 34.61 -19.02 12.91
CA GLU B 26 35.42 -18.74 14.09
C GLU B 26 35.15 -19.73 15.21
N HIS B 27 33.95 -20.32 15.23
CA HIS B 27 33.60 -21.30 16.25
C HIS B 27 32.89 -22.52 15.69
N GLY B 28 32.79 -22.66 14.37
CA GLY B 28 32.10 -23.80 13.79
C GLY B 28 30.60 -23.70 14.01
N ILE B 29 30.04 -22.54 13.69
CA ILE B 29 28.69 -22.20 14.13
C ILE B 29 27.68 -22.73 13.12
N GLN B 30 26.64 -23.39 13.62
CA GLN B 30 25.59 -23.97 12.80
C GLN B 30 24.70 -22.86 12.24
N PRO B 31 23.99 -23.12 11.12
CA PRO B 31 23.13 -22.08 10.54
C PRO B 31 21.91 -21.71 11.35
N ASP B 32 21.57 -22.46 12.40
CA ASP B 32 20.42 -22.10 13.23
C ASP B 32 20.81 -21.19 14.40
N GLY B 33 22.05 -21.25 14.86
CA GLY B 33 22.50 -20.50 16.01
C GLY B 33 23.12 -21.33 17.09
N GLN B 34 23.21 -22.65 16.91
CA GLN B 34 23.76 -23.51 17.93
C GLN B 34 25.28 -23.52 17.87
N MET B 35 25.91 -23.15 18.97
CA MET B 35 27.36 -23.12 19.05
C MET B 35 27.82 -23.35 20.49
N PRO B 36 28.78 -24.24 20.70
CA PRO B 36 29.44 -24.32 22.02
C PRO B 36 30.50 -23.24 22.18
N SER B 37 30.19 -22.24 23.02
CA SER B 37 31.05 -21.07 23.31
C SER B 37 31.48 -20.31 22.05
N PHE B 48 31.20 -16.52 23.80
CA PHE B 48 31.36 -15.55 22.72
C PHE B 48 30.07 -14.77 22.47
N ASN B 49 29.95 -13.60 23.10
CA ASN B 49 28.92 -12.64 22.77
C ASN B 49 29.57 -11.26 22.63
N THR B 50 30.15 -11.01 21.47
CA THR B 50 30.62 -9.68 21.06
C THR B 50 29.98 -9.22 19.77
N PHE B 51 29.92 -10.11 18.77
CA PHE B 51 29.17 -9.89 17.55
C PHE B 51 27.77 -10.46 17.63
N PHE B 52 27.45 -11.16 18.72
CA PHE B 52 26.22 -11.94 18.81
C PHE B 52 25.41 -11.53 20.02
N SER B 53 24.13 -11.90 19.96
CA SER B 53 23.24 -11.88 21.10
C SER B 53 22.62 -13.26 21.25
N GLU B 54 22.71 -13.82 22.45
CA GLU B 54 22.22 -15.17 22.71
C GLU B 54 20.76 -15.11 23.16
N THR B 55 19.94 -15.96 22.55
CA THR B 55 18.55 -16.10 22.94
C THR B 55 18.42 -17.23 23.98
N GLY B 56 17.20 -17.40 24.48
CA GLY B 56 16.94 -18.42 25.47
C GLY B 56 17.05 -19.84 24.99
N ALA B 57 16.94 -20.07 23.68
CA ALA B 57 17.07 -21.40 23.11
C ALA B 57 18.51 -21.75 22.77
N GLY B 58 19.49 -20.97 23.23
CA GLY B 58 20.87 -21.22 22.90
C GLY B 58 21.26 -20.81 21.50
N LYS B 59 20.48 -19.96 20.86
CA LYS B 59 20.71 -19.55 19.47
C LYS B 59 21.23 -18.12 19.47
N HIS B 60 22.14 -17.84 18.55
CA HIS B 60 22.78 -16.54 18.46
C HIS B 60 22.41 -15.83 17.18
N VAL B 61 22.09 -14.54 17.28
CA VAL B 61 21.79 -13.72 16.12
C VAL B 61 22.93 -12.74 15.92
N PRO B 62 23.27 -12.39 14.68
CA PRO B 62 24.35 -11.42 14.46
C PRO B 62 23.95 -10.01 14.89
N ARG B 63 24.96 -9.19 15.11
CA ARG B 63 24.77 -7.75 15.31
C ARG B 63 25.13 -7.10 13.98
N ALA B 64 24.24 -7.25 13.00
CA ALA B 64 24.51 -6.84 11.63
C ALA B 64 23.44 -5.86 11.19
N VAL B 65 23.86 -4.87 10.42
CA VAL B 65 22.96 -3.90 9.83
C VAL B 65 23.08 -4.02 8.31
N PHE B 66 21.97 -4.39 7.67
CA PHE B 66 21.94 -4.63 6.23
C PHE B 66 21.11 -3.54 5.57
N VAL B 67 21.78 -2.69 4.79
CA VAL B 67 21.14 -1.53 4.18
C VAL B 67 21.32 -1.58 2.67
N ASP B 68 20.21 -1.61 1.95
CA ASP B 68 20.18 -1.39 0.52
C ASP B 68 18.78 -0.92 0.14
N LEU B 69 18.69 0.14 -0.67
CA LEU B 69 17.41 0.63 -1.15
C LEU B 69 16.82 -0.23 -2.25
N GLU B 70 17.61 -1.09 -2.85
CA GLU B 70 17.15 -2.07 -3.81
C GLU B 70 16.81 -3.37 -3.11
N PRO B 71 15.63 -3.95 -3.36
CA PRO B 71 15.28 -5.21 -2.69
C PRO B 71 16.09 -6.41 -3.17
N THR B 72 16.74 -6.31 -4.32
CA THR B 72 17.33 -7.47 -4.99
C THR B 72 18.47 -8.10 -4.19
N VAL B 73 19.37 -7.25 -3.67
CA VAL B 73 20.45 -7.75 -2.83
C VAL B 73 19.89 -8.26 -1.50
N ILE B 74 18.82 -7.63 -1.01
CA ILE B 74 18.15 -8.10 0.20
C ILE B 74 17.44 -9.43 -0.06
N ASP B 75 16.91 -9.60 -1.27
CA ASP B 75 16.30 -10.87 -1.64
C ASP B 75 17.33 -11.98 -1.77
N GLU B 76 18.58 -11.62 -2.07
CA GLU B 76 19.65 -12.60 -2.08
C GLU B 76 19.97 -13.09 -0.68
N VAL B 77 19.90 -12.21 0.30
CA VAL B 77 20.28 -12.56 1.66
C VAL B 77 19.19 -13.39 2.33
N ARG B 78 17.94 -12.98 2.18
CA ARG B 78 16.84 -13.63 2.89
C ARG B 78 16.47 -14.98 2.31
N THR B 79 16.96 -15.32 1.12
CA THR B 79 16.63 -16.57 0.46
C THR B 79 17.79 -17.53 0.35
N GLY B 80 18.94 -17.19 0.95
CA GLY B 80 20.11 -18.04 0.92
C GLY B 80 20.30 -18.80 2.22
N THR B 81 21.52 -19.28 2.41
CA THR B 81 21.88 -19.92 3.66
C THR B 81 22.04 -18.89 4.76
N TYR B 82 22.13 -19.37 6.01
CA TYR B 82 22.26 -18.61 7.25
C TYR B 82 21.10 -17.65 7.50
N ARG B 83 19.97 -17.81 6.81
CA ARG B 83 18.82 -16.95 7.04
C ARG B 83 18.11 -17.25 8.35
N GLN B 84 18.36 -18.43 8.92
CA GLN B 84 17.85 -18.73 10.25
C GLN B 84 18.57 -17.92 11.32
N LEU B 85 19.82 -17.56 11.07
CA LEU B 85 20.55 -16.64 11.94
C LEU B 85 19.97 -15.24 11.89
N PHE B 86 19.48 -14.82 10.73
CA PHE B 86 19.16 -13.43 10.45
C PHE B 86 17.75 -13.10 10.90
N HIS B 87 17.54 -11.83 11.25
CA HIS B 87 16.26 -11.33 11.69
C HIS B 87 15.74 -10.27 10.72
N PRO B 88 14.42 -10.13 10.57
CA PRO B 88 13.89 -9.02 9.74
C PRO B 88 14.20 -7.63 10.27
N GLU B 89 14.53 -7.50 11.56
CA GLU B 89 15.10 -6.26 12.08
C GLU B 89 16.45 -5.98 11.43
N GLN B 90 17.25 -7.02 11.21
CA GLN B 90 18.51 -6.87 10.50
C GLN B 90 18.30 -6.65 9.01
N LEU B 91 17.24 -7.24 8.44
CA LEU B 91 16.98 -7.16 7.00
C LEU B 91 16.16 -5.90 6.72
N ILE B 92 16.88 -4.80 6.52
CA ILE B 92 16.26 -3.52 6.18
C ILE B 92 16.41 -3.31 4.69
N THR B 93 15.28 -3.20 4.00
CA THR B 93 15.26 -3.02 2.55
C THR B 93 14.51 -1.75 2.18
N GLY B 94 14.78 -1.24 1.00
CA GLY B 94 14.06 -0.13 0.42
C GLY B 94 13.13 -0.59 -0.67
N LYS B 95 12.53 0.36 -1.35
CA LYS B 95 11.64 0.03 -2.44
C LYS B 95 12.02 0.73 -3.74
N GLU B 96 12.56 1.95 -3.67
CA GLU B 96 12.93 2.71 -4.84
C GLU B 96 14.44 2.89 -4.81
N ASP B 97 15.07 2.79 -5.99
CA ASP B 97 16.52 2.89 -6.11
C ASP B 97 16.98 4.30 -5.80
N ALA B 98 18.23 4.44 -5.35
CA ALA B 98 18.89 5.72 -5.21
C ALA B 98 19.40 6.25 -6.54
N ALA B 99 19.33 5.45 -7.61
CA ALA B 99 19.75 5.80 -8.97
C ALA B 99 21.22 6.21 -9.02
N ASN B 100 22.03 5.52 -8.21
CA ASN B 100 23.47 5.72 -8.07
C ASN B 100 23.82 7.16 -7.72
N ASN B 101 23.00 7.83 -6.91
CA ASN B 101 23.13 9.25 -6.65
C ASN B 101 23.49 9.50 -5.19
N TYR B 102 24.32 10.52 -4.98
CA TYR B 102 24.60 10.98 -3.62
C TYR B 102 23.41 11.73 -3.04
N ALA B 103 22.85 12.66 -3.82
CA ALA B 103 21.76 13.50 -3.32
C ALA B 103 20.49 12.70 -3.07
N ARG B 104 20.30 11.62 -3.82
CA ARG B 104 19.19 10.73 -3.51
C ARG B 104 19.54 9.77 -2.39
N GLY B 105 20.80 9.36 -2.30
CA GLY B 105 21.22 8.54 -1.17
C GLY B 105 21.24 9.30 0.13
N HIS B 106 21.81 10.51 0.12
CA HIS B 106 21.91 11.29 1.34
C HIS B 106 20.58 11.97 1.68
N TYR B 107 19.89 12.50 0.69
CA TYR B 107 18.79 13.38 1.02
C TYR B 107 17.42 12.89 0.53
N THR B 108 17.31 12.56 -0.75
CA THR B 108 15.98 12.43 -1.35
C THR B 108 15.32 11.10 -1.01
N ILE B 109 15.96 9.99 -1.36
CA ILE B 109 15.37 8.67 -1.15
C ILE B 109 15.66 8.15 0.26
N GLY B 110 16.82 8.50 0.81
CA GLY B 110 17.23 7.92 2.08
C GLY B 110 16.52 8.50 3.28
N LYS B 111 15.80 9.62 3.09
CA LYS B 111 15.13 10.28 4.20
C LYS B 111 13.92 9.50 4.70
N GLU B 112 13.32 8.65 3.86
CA GLU B 112 12.15 7.90 4.31
C GLU B 112 12.54 6.61 5.02
N ILE B 113 13.81 6.21 4.93
CA ILE B 113 14.25 4.96 5.52
C ILE B 113 15.03 5.22 6.81
N ILE B 114 15.73 6.36 6.89
CA ILE B 114 16.60 6.70 8.03
C ILE B 114 15.79 6.87 9.32
N ASP B 115 14.49 7.16 9.20
CA ASP B 115 13.63 7.21 10.37
C ASP B 115 13.43 5.82 10.95
N LEU B 116 13.43 4.80 10.09
CA LEU B 116 13.36 3.42 10.57
C LEU B 116 14.73 2.91 10.98
N VAL B 117 15.76 3.25 10.20
CA VAL B 117 17.10 2.68 10.41
C VAL B 117 17.69 3.16 11.73
N LEU B 118 17.55 4.45 12.03
CA LEU B 118 17.98 4.96 13.34
C LEU B 118 17.14 4.39 14.47
N ASP B 119 15.89 4.04 14.17
CA ASP B 119 15.03 3.43 15.18
C ASP B 119 15.45 1.99 15.45
N ARG B 120 15.99 1.30 14.44
CA ARG B 120 16.43 -0.08 14.64
C ARG B 120 17.72 -0.16 15.43
N ILE B 121 18.61 0.82 15.24
CA ILE B 121 19.91 0.81 15.92
C ILE B 121 19.72 1.07 17.41
N ARG B 122 18.78 1.95 17.75
CA ARG B 122 18.52 2.28 19.15
C ARG B 122 17.86 1.10 19.88
N LYS B 123 17.21 0.21 19.14
CA LYS B 123 16.82 -1.08 19.72
C LYS B 123 18.06 -1.91 20.05
N LEU B 124 18.97 -2.03 19.07
CA LEU B 124 20.10 -2.93 19.21
C LEU B 124 21.14 -2.38 20.18
N ALA B 125 21.30 -1.05 20.20
CA ALA B 125 22.24 -0.43 21.14
C ALA B 125 21.70 -0.51 22.56
N ASP B 126 20.37 -0.55 22.71
CA ASP B 126 19.79 -0.83 24.02
C ASP B 126 20.05 -2.26 24.45
N GLN B 127 20.10 -3.19 23.49
CA GLN B 127 20.41 -4.58 23.78
C GLN B 127 21.87 -4.80 24.16
N CYS B 128 22.76 -3.90 23.78
CA CYS B 128 24.17 -4.05 24.07
C CYS B 128 24.49 -3.57 25.49
N THR B 129 25.47 -4.22 26.10
CA THR B 129 25.95 -3.89 27.44
C THR B 129 27.44 -3.58 27.33
N GLY B 130 27.78 -2.31 27.21
CA GLY B 130 29.17 -1.94 27.02
C GLY B 130 29.55 -1.84 25.57
N LEU B 131 28.84 -1.00 24.81
CA LEU B 131 29.06 -0.85 23.39
C LEU B 131 30.42 -0.22 23.12
N GLN B 132 31.23 -0.89 22.29
CA GLN B 132 32.54 -0.35 21.93
C GLN B 132 32.44 0.61 20.75
N GLY B 133 31.53 0.35 19.84
CA GLY B 133 31.37 1.18 18.67
C GLY B 133 30.71 0.37 17.56
N PHE B 134 31.14 0.67 16.33
CA PHE B 134 30.58 0.03 15.16
C PHE B 134 31.52 0.18 13.98
N SER B 135 31.22 -0.53 12.90
CA SER B 135 31.94 -0.43 11.64
C SER B 135 30.95 -0.43 10.49
N VAL B 136 31.22 0.39 9.47
CA VAL B 136 30.33 0.55 8.33
C VAL B 136 31.10 0.11 7.08
N PHE B 137 30.49 -0.76 6.28
CA PHE B 137 31.10 -1.25 5.05
C PHE B 137 30.34 -0.69 3.86
N HIS B 138 31.06 0.03 2.99
CA HIS B 138 30.43 0.69 1.85
C HIS B 138 31.51 1.03 0.83
N SER B 139 31.13 1.86 -0.14
CA SER B 139 32.05 2.35 -1.16
C SER B 139 32.11 3.86 -1.13
N PHE B 140 33.01 4.43 -1.93
CA PHE B 140 33.13 5.88 -2.01
C PHE B 140 32.28 6.48 -3.12
N GLY B 141 32.13 5.77 -4.24
CA GLY B 141 31.49 6.34 -5.42
C GLY B 141 30.08 5.87 -5.71
N GLY B 142 29.45 5.12 -4.82
CA GLY B 142 28.14 4.57 -5.04
C GLY B 142 27.03 5.58 -4.81
N GLY B 143 25.80 5.09 -4.84
CA GLY B 143 24.66 5.92 -4.52
C GLY B 143 24.18 5.70 -3.10
N THR B 144 24.04 4.43 -2.73
CA THR B 144 23.63 4.10 -1.37
C THR B 144 24.82 4.14 -0.41
N GLY B 145 25.95 3.55 -0.82
CA GLY B 145 27.11 3.48 0.05
C GLY B 145 27.88 4.78 0.18
N SER B 146 27.51 5.80 -0.58
CA SER B 146 28.11 7.12 -0.43
C SER B 146 27.09 8.13 0.10
N GLY B 147 25.88 8.11 -0.44
CA GLY B 147 24.86 9.04 0.02
C GLY B 147 24.33 8.70 1.40
N PHE B 148 23.76 7.50 1.53
CA PHE B 148 23.10 7.13 2.78
C PHE B 148 24.11 6.90 3.89
N THR B 149 25.34 6.55 3.53
CA THR B 149 26.42 6.49 4.51
C THR B 149 26.71 7.88 5.08
N SER B 150 26.71 8.88 4.19
CA SER B 150 26.83 10.27 4.64
C SER B 150 25.60 10.71 5.43
N LEU B 151 24.46 10.10 5.13
CA LEU B 151 23.25 10.37 5.91
C LEU B 151 23.32 9.69 7.28
N LEU B 152 23.83 8.46 7.32
CA LEU B 152 23.79 7.68 8.55
C LEU B 152 24.88 8.11 9.53
N MET B 153 26.10 8.31 9.03
CA MET B 153 27.22 8.67 9.89
C MET B 153 27.06 10.07 10.46
N GLU B 154 26.29 10.92 9.77
CA GLU B 154 25.94 12.22 10.32
C GLU B 154 25.03 12.08 11.53
N ARG B 155 24.14 11.08 11.49
CA ARG B 155 23.18 10.92 12.57
C ARG B 155 23.77 10.13 13.73
N LEU B 156 24.67 9.18 13.43
CA LEU B 156 25.26 8.38 14.50
C LEU B 156 26.27 9.19 15.31
N SER B 157 26.95 10.14 14.68
CA SER B 157 27.87 11.00 15.41
C SER B 157 27.14 11.96 16.34
N VAL B 158 25.92 12.37 15.98
CA VAL B 158 25.12 13.19 16.89
C VAL B 158 24.61 12.36 18.05
N ASP B 159 24.07 11.18 17.74
CA ASP B 159 23.44 10.34 18.76
C ASP B 159 24.47 9.74 19.70
N TYR B 160 25.48 9.07 19.16
CA TYR B 160 26.47 8.35 19.95
C TYR B 160 27.84 8.97 19.68
N GLY B 161 28.20 9.97 20.47
CA GLY B 161 29.44 10.69 20.23
C GLY B 161 30.66 9.96 20.72
N LYS B 162 30.52 9.19 21.80
CA LYS B 162 31.65 8.54 22.44
C LYS B 162 31.77 7.07 22.08
N LYS B 163 31.45 6.70 20.85
CA LYS B 163 31.62 5.33 20.37
C LYS B 163 32.57 5.30 19.18
N SER B 164 33.06 4.10 18.87
CA SER B 164 33.98 3.93 17.76
C SER B 164 33.24 4.03 16.43
N LYS B 165 33.78 4.82 15.51
CA LYS B 165 33.15 5.08 14.22
C LYS B 165 34.12 4.63 13.13
N LEU B 166 34.01 3.35 12.75
CA LEU B 166 34.91 2.72 11.80
C LEU B 166 34.26 2.62 10.43
N GLU B 167 35.06 2.74 9.38
CA GLU B 167 34.62 2.47 8.02
C GLU B 167 35.72 1.72 7.28
N PHE B 168 35.35 0.62 6.64
CA PHE B 168 36.27 -0.10 5.75
C PHE B 168 35.67 0.07 4.36
N SER B 169 36.08 1.13 3.66
CA SER B 169 35.38 1.59 2.46
C SER B 169 36.16 1.24 1.22
N ILE B 170 35.44 1.01 0.12
CA ILE B 170 36.05 0.58 -1.14
C ILE B 170 36.32 1.80 -2.00
N TYR B 171 37.59 1.99 -2.39
CA TYR B 171 37.94 3.09 -3.27
C TYR B 171 38.03 2.60 -4.71
N PRO B 172 37.27 3.21 -5.63
CA PRO B 172 37.33 2.78 -7.03
C PRO B 172 38.66 3.12 -7.67
N ALA B 173 39.08 2.27 -8.61
CA ALA B 173 40.38 2.44 -9.22
C ALA B 173 40.37 3.64 -10.18
N PRO B 174 41.49 4.33 -10.34
CA PRO B 174 41.56 5.39 -11.36
C PRO B 174 41.48 4.85 -12.78
N GLN B 175 41.81 3.58 -12.99
CA GLN B 175 41.67 2.95 -14.30
C GLN B 175 40.38 2.16 -14.41
N VAL B 176 39.89 1.60 -13.32
CA VAL B 176 38.69 0.75 -13.33
C VAL B 176 37.61 1.43 -12.51
N SER B 177 36.55 1.85 -13.19
CA SER B 177 35.38 2.41 -12.53
C SER B 177 34.14 1.91 -13.25
N THR B 178 33.19 1.40 -12.47
CA THR B 178 31.95 0.86 -13.01
C THR B 178 30.90 1.92 -13.31
N ALA B 179 31.11 3.16 -12.87
CA ALA B 179 30.18 4.24 -13.14
C ALA B 179 30.96 5.53 -13.27
N VAL B 180 30.46 6.43 -14.12
CA VAL B 180 31.17 7.68 -14.39
C VAL B 180 30.92 8.67 -13.24
N VAL B 181 29.86 8.45 -12.46
CA VAL B 181 29.50 9.35 -11.38
C VAL B 181 30.19 8.96 -10.08
N GLU B 182 31.03 7.92 -10.14
CA GLU B 182 31.80 7.54 -8.96
C GLU B 182 32.82 8.59 -8.52
N PRO B 183 33.54 9.31 -9.40
CA PRO B 183 34.20 10.54 -8.91
C PRO B 183 33.23 11.68 -8.65
N TYR B 184 32.04 11.64 -9.23
CA TYR B 184 31.10 12.74 -9.05
C TYR B 184 30.33 12.60 -7.74
N ASN B 185 30.32 11.39 -7.16
CA ASN B 185 29.68 11.19 -5.86
C ASN B 185 30.67 11.38 -4.72
N SER B 186 31.91 10.95 -4.92
CA SER B 186 32.85 10.81 -3.81
C SER B 186 33.41 12.14 -3.34
N ILE B 187 33.26 13.20 -4.15
CA ILE B 187 33.73 14.52 -3.72
C ILE B 187 32.88 15.05 -2.58
N LEU B 188 31.56 14.94 -2.73
CA LEU B 188 30.65 15.38 -1.67
C LEU B 188 30.67 14.41 -0.48
N THR B 189 31.03 13.16 -0.74
CA THR B 189 30.98 12.13 0.31
C THR B 189 32.14 12.30 1.29
N THR B 190 33.31 12.69 0.78
CA THR B 190 34.56 12.53 1.53
C THR B 190 34.67 13.54 2.67
N HIS B 191 34.24 14.79 2.42
CA HIS B 191 34.27 15.80 3.46
C HIS B 191 33.31 15.48 4.59
N THR B 192 32.13 14.95 4.24
CA THR B 192 31.23 14.46 5.26
C THR B 192 31.76 13.20 5.92
N THR B 193 32.53 12.40 5.17
CA THR B 193 33.13 11.19 5.74
C THR B 193 34.24 11.56 6.72
N LEU B 194 35.08 12.51 6.35
CA LEU B 194 36.18 12.94 7.21
C LEU B 194 35.66 13.67 8.44
N GLU B 195 34.48 14.28 8.32
CA GLU B 195 33.90 15.04 9.43
C GLU B 195 33.45 14.15 10.57
N HIS B 196 32.91 12.97 10.25
CA HIS B 196 32.24 12.16 11.26
C HIS B 196 33.00 10.90 11.65
N SER B 197 33.80 10.33 10.76
CA SER B 197 34.38 9.02 11.03
C SER B 197 35.57 9.13 11.97
N ASP B 198 35.74 8.09 12.80
CA ASP B 198 36.89 7.96 13.67
C ASP B 198 38.07 7.27 13.00
N CYS B 199 37.79 6.42 12.01
CA CYS B 199 38.81 5.71 11.25
C CYS B 199 38.18 5.22 9.96
N ALA B 200 38.84 5.46 8.84
CA ALA B 200 38.33 5.10 7.52
C ALA B 200 39.44 4.49 6.69
N PHE B 201 39.17 3.32 6.12
CA PHE B 201 40.13 2.68 5.23
C PHE B 201 39.72 2.91 3.77
N MET B 202 40.65 2.63 2.87
CA MET B 202 40.41 2.66 1.43
C MET B 202 40.76 1.30 0.86
N VAL B 203 39.90 0.78 -0.02
CA VAL B 203 40.10 -0.53 -0.62
C VAL B 203 40.04 -0.38 -2.13
N ASP B 204 41.16 -0.65 -2.79
CA ASP B 204 41.25 -0.58 -4.25
C ASP B 204 41.32 -2.01 -4.78
N ASN B 205 40.26 -2.42 -5.49
CA ASN B 205 40.11 -3.79 -5.97
C ASN B 205 41.10 -4.13 -7.07
N GLU B 206 41.64 -3.12 -7.74
CA GLU B 206 42.64 -3.35 -8.79
C GLU B 206 43.93 -3.90 -8.20
N ALA B 207 44.33 -3.38 -7.04
CA ALA B 207 45.47 -3.97 -6.33
C ALA B 207 45.10 -5.34 -5.76
N ILE B 208 43.82 -5.54 -5.45
CA ILE B 208 43.37 -6.86 -5.00
C ILE B 208 43.38 -7.84 -6.17
N TYR B 209 43.12 -7.35 -7.38
CA TYR B 209 43.22 -8.18 -8.57
C TYR B 209 44.66 -8.62 -8.81
N ASP B 210 45.63 -7.77 -8.45
CA ASP B 210 47.03 -8.13 -8.61
C ASP B 210 47.45 -9.18 -7.60
N ILE B 211 46.83 -9.16 -6.42
CA ILE B 211 47.15 -10.14 -5.38
C ILE B 211 46.63 -11.52 -5.77
N CYS B 212 45.44 -11.57 -6.38
CA CYS B 212 44.82 -12.84 -6.72
C CYS B 212 45.54 -13.53 -7.88
N ARG B 213 46.01 -12.74 -8.85
CA ARG B 213 46.58 -13.32 -10.07
C ARG B 213 48.02 -13.78 -9.88
N ARG B 214 48.70 -13.30 -8.84
CA ARG B 214 50.11 -13.61 -8.67
C ARG B 214 50.41 -14.36 -7.38
N ASN B 215 49.95 -13.84 -6.23
CA ASN B 215 50.21 -14.47 -4.95
C ASN B 215 49.21 -15.57 -4.63
N LEU B 216 48.12 -15.64 -5.38
CA LEU B 216 47.21 -16.78 -5.33
C LEU B 216 47.05 -17.48 -6.67
N ASP B 217 47.51 -16.83 -7.75
CA ASP B 217 47.42 -17.33 -9.13
C ASP B 217 45.98 -17.62 -9.55
N ILE B 218 45.05 -16.80 -9.09
CA ILE B 218 43.63 -16.92 -9.46
C ILE B 218 43.41 -16.03 -10.66
N GLU B 219 43.17 -16.65 -11.81
CA GLU B 219 42.93 -15.91 -13.05
C GLU B 219 41.47 -15.56 -13.25
N ARG B 220 40.55 -16.17 -12.51
CA ARG B 220 39.13 -15.85 -12.59
C ARG B 220 38.54 -15.56 -11.21
N PRO B 221 38.76 -14.37 -10.65
CA PRO B 221 38.04 -14.01 -9.43
C PRO B 221 36.76 -13.24 -9.70
N THR B 222 35.81 -13.38 -8.80
CA THR B 222 34.60 -12.57 -8.78
C THR B 222 34.55 -11.83 -7.45
N TYR B 223 33.45 -11.09 -7.23
CA TYR B 223 33.27 -10.36 -5.97
C TYR B 223 33.13 -11.28 -4.78
N THR B 224 32.68 -12.53 -4.99
CA THR B 224 32.64 -13.51 -3.91
C THR B 224 34.04 -13.86 -3.43
N ASN B 225 34.95 -14.15 -4.34
CA ASN B 225 36.31 -14.52 -3.96
C ASN B 225 37.11 -13.33 -3.46
N LEU B 226 36.74 -12.12 -3.87
CA LEU B 226 37.39 -10.93 -3.31
C LEU B 226 37.02 -10.75 -1.84
N ASN B 227 35.74 -10.95 -1.51
CA ASN B 227 35.29 -10.74 -0.14
C ASN B 227 35.77 -11.84 0.79
N ARG B 228 36.19 -12.98 0.24
CA ARG B 228 36.82 -14.02 1.05
C ARG B 228 38.15 -13.54 1.60
N LEU B 229 38.97 -12.91 0.75
CA LEU B 229 40.29 -12.49 1.17
C LEU B 229 40.22 -11.22 2.02
N ILE B 230 39.27 -10.34 1.71
CA ILE B 230 39.14 -9.08 2.45
C ILE B 230 38.67 -9.34 3.87
N GLY B 231 37.60 -10.10 4.02
CA GLY B 231 37.03 -10.32 5.35
C GLY B 231 37.90 -11.21 6.22
N GLN B 232 38.76 -12.03 5.60
CA GLN B 232 39.73 -12.81 6.36
C GLN B 232 40.73 -11.89 7.06
N ILE B 233 41.12 -10.80 6.39
CA ILE B 233 41.93 -9.78 7.04
C ILE B 233 41.13 -9.07 8.12
N VAL B 234 39.85 -8.80 7.83
CA VAL B 234 38.97 -8.10 8.76
C VAL B 234 38.68 -8.97 9.98
N SER B 235 38.60 -10.29 9.78
CA SER B 235 38.45 -11.21 10.91
C SER B 235 39.67 -11.20 11.81
N SER B 236 40.86 -11.01 11.23
CA SER B 236 42.05 -10.79 12.05
C SER B 236 42.05 -9.40 12.65
N ILE B 237 41.33 -8.45 12.04
CA ILE B 237 41.23 -7.11 12.60
C ILE B 237 40.14 -7.05 13.67
N THR B 238 38.95 -7.51 13.34
CA THR B 238 37.80 -7.33 14.23
C THR B 238 37.64 -8.44 15.25
N ALA B 239 37.48 -9.69 14.81
CA ALA B 239 37.13 -10.77 15.74
C ALA B 239 38.32 -11.20 16.58
N SER B 240 39.54 -10.90 16.12
CA SER B 240 40.72 -11.45 16.76
C SER B 240 41.18 -10.61 17.94
N LEU B 241 40.91 -9.30 17.91
CA LEU B 241 41.41 -8.42 18.97
C LEU B 241 40.64 -8.60 20.26
N ARG B 242 39.45 -9.19 20.21
CA ARG B 242 38.78 -9.56 21.44
C ARG B 242 39.30 -10.89 21.96
N PHE B 243 39.75 -11.75 21.06
CA PHE B 243 40.26 -13.05 21.46
C PHE B 243 41.64 -12.92 22.07
N ASP B 244 41.85 -13.64 23.17
CA ASP B 244 43.01 -13.40 24.02
C ASP B 244 44.26 -14.05 23.44
N GLY B 245 45.39 -13.35 23.57
CA GLY B 245 46.67 -13.87 23.15
C GLY B 245 47.78 -13.45 24.07
N ALA B 246 49.00 -13.34 23.54
CA ALA B 246 50.13 -12.93 24.36
C ALA B 246 50.12 -11.43 24.65
N LEU B 247 49.51 -10.64 23.77
CA LEU B 247 49.41 -9.19 23.96
C LEU B 247 48.04 -8.75 23.46
N ASN B 248 47.08 -8.68 24.38
CA ASN B 248 45.69 -8.41 24.04
C ASN B 248 45.47 -6.91 23.96
N VAL B 249 45.24 -6.40 22.74
CA VAL B 249 45.02 -4.98 22.49
C VAL B 249 43.69 -4.83 21.77
N ASP B 250 42.88 -3.88 22.23
CA ASP B 250 41.57 -3.61 21.64
C ASP B 250 41.66 -2.48 20.62
N LEU B 251 40.50 -2.10 20.08
CA LEU B 251 40.43 -1.03 19.10
C LEU B 251 40.53 0.35 19.72
N THR B 252 40.18 0.50 21.00
CA THR B 252 40.18 1.80 21.65
C THR B 252 41.58 2.34 21.88
N GLU B 253 42.58 1.46 21.94
CA GLU B 253 43.95 1.93 22.07
C GLU B 253 44.56 2.24 20.71
N PHE B 254 43.94 1.75 19.63
CA PHE B 254 44.42 2.09 18.30
C PHE B 254 44.10 3.53 17.94
N GLN B 255 42.96 4.04 18.41
CA GLN B 255 42.52 5.38 18.01
C GLN B 255 43.40 6.47 18.60
N THR B 256 44.10 6.15 19.69
CA THR B 256 45.08 7.07 20.24
C THR B 256 46.44 6.89 19.56
N ASN B 257 46.87 5.65 19.38
CA ASN B 257 48.24 5.34 18.96
C ASN B 257 48.43 5.37 17.45
N LEU B 258 47.35 5.26 16.69
CA LEU B 258 47.44 5.35 15.24
C LEU B 258 46.91 6.65 14.69
N VAL B 259 45.99 7.31 15.39
CA VAL B 259 45.50 8.62 14.97
C VAL B 259 45.86 9.63 16.06
N PRO B 260 47.02 10.29 15.99
CA PRO B 260 47.29 11.42 16.87
C PRO B 260 46.78 12.73 16.32
N TYR B 261 46.17 12.72 15.14
CA TYR B 261 45.81 13.91 14.38
C TYR B 261 44.33 14.23 14.59
N PRO B 262 43.95 15.50 14.47
CA PRO B 262 42.52 15.80 14.33
C PRO B 262 41.93 15.23 13.05
N ARG B 263 42.52 15.54 11.90
CA ARG B 263 42.10 14.95 10.64
C ARG B 263 43.28 14.18 10.02
N GLY B 264 43.44 12.94 10.48
CA GLY B 264 44.50 12.10 9.95
C GLY B 264 44.13 10.63 9.86
N HIS B 265 42.85 10.32 10.07
CA HIS B 265 42.44 8.94 10.28
C HIS B 265 42.14 8.15 9.00
N PHE B 266 43.10 8.12 8.09
CA PHE B 266 43.03 7.28 6.88
C PHE B 266 44.20 6.30 6.88
N PRO B 267 44.08 5.19 7.59
CA PRO B 267 45.20 4.24 7.63
C PRO B 267 45.16 3.29 6.44
N LEU B 268 46.35 2.91 5.97
CA LEU B 268 46.49 1.90 4.93
C LEU B 268 46.56 0.53 5.56
N ALA B 269 45.54 -0.29 5.29
CA ALA B 269 45.46 -1.65 5.79
C ALA B 269 46.15 -2.60 4.81
N THR B 270 47.20 -3.25 5.31
CA THR B 270 47.95 -4.22 4.53
C THR B 270 47.97 -5.56 5.23
N TYR B 271 48.23 -6.61 4.46
CA TYR B 271 48.25 -7.98 4.93
C TYR B 271 49.01 -8.81 3.92
N ALA B 272 50.13 -9.41 4.34
CA ALA B 272 50.83 -10.23 3.37
C ALA B 272 51.35 -11.57 3.88
N PRO B 273 50.57 -12.33 4.68
CA PRO B 273 50.74 -13.74 4.32
C PRO B 273 49.69 -14.09 3.29
N VAL B 274 50.06 -14.25 2.03
CA VAL B 274 49.10 -14.57 0.98
C VAL B 274 49.66 -15.75 0.21
N ILE B 275 49.19 -16.96 0.54
CA ILE B 275 49.78 -18.20 0.05
C ILE B 275 48.70 -18.99 -0.67
N SER B 276 48.97 -19.36 -1.92
CA SER B 276 48.06 -20.22 -2.66
C SER B 276 48.17 -21.65 -2.16
N ALA B 277 47.30 -22.51 -2.70
CA ALA B 277 47.29 -23.91 -2.29
C ALA B 277 48.54 -24.64 -2.73
N GLU B 278 49.10 -24.27 -3.87
CA GLU B 278 50.32 -24.91 -4.34
C GLU B 278 51.57 -24.20 -3.82
N LYS B 279 51.44 -22.96 -3.37
CA LYS B 279 52.58 -22.23 -2.84
C LYS B 279 52.97 -22.72 -1.45
N ALA B 280 52.07 -23.44 -0.78
CA ALA B 280 52.32 -23.94 0.57
C ALA B 280 53.33 -25.07 0.61
N TYR B 281 53.62 -25.72 -0.52
CA TYR B 281 54.57 -26.81 -0.51
C TYR B 281 56.01 -26.32 -0.49
N HIS B 282 56.27 -25.16 -1.09
CA HIS B 282 57.55 -24.48 -0.99
C HIS B 282 57.34 -23.23 -0.15
N GLU B 283 57.39 -23.40 1.17
CA GLU B 283 57.10 -22.29 2.07
C GLU B 283 57.73 -22.54 3.43
N GLN B 284 58.46 -21.54 3.93
CA GLN B 284 58.84 -21.48 5.34
C GLN B 284 59.05 -20.02 5.69
N LEU B 285 58.08 -19.42 6.36
CA LEU B 285 58.05 -17.98 6.61
C LEU B 285 58.28 -17.70 8.09
N SER B 286 59.31 -16.93 8.40
CA SER B 286 59.50 -16.46 9.76
C SER B 286 58.75 -15.14 9.95
N VAL B 287 59.07 -14.46 11.06
CA VAL B 287 58.38 -13.21 11.40
C VAL B 287 58.86 -12.09 10.48
N ALA B 288 60.17 -11.96 10.32
CA ALA B 288 60.72 -10.84 9.56
C ALA B 288 60.51 -11.03 8.06
N GLU B 289 60.36 -12.29 7.62
CA GLU B 289 60.19 -12.55 6.20
C GLU B 289 58.81 -12.13 5.71
N ILE B 290 57.80 -12.21 6.57
CA ILE B 290 56.46 -11.78 6.21
C ILE B 290 56.39 -10.26 6.15
N THR B 291 57.06 -9.59 7.10
CA THR B 291 57.07 -8.14 7.14
C THR B 291 57.83 -7.53 5.97
N ASN B 292 58.78 -8.28 5.40
CA ASN B 292 59.40 -7.86 4.15
C ASN B 292 58.42 -7.93 3.00
N ALA B 293 57.55 -8.94 3.01
CA ALA B 293 56.51 -9.03 1.99
C ALA B 293 55.42 -7.99 2.22
N CYS B 294 55.25 -7.56 3.46
CA CYS B 294 54.31 -6.48 3.75
C CYS B 294 54.81 -5.14 3.23
N PHE B 295 56.13 -5.01 3.05
CA PHE B 295 56.74 -3.81 2.52
C PHE B 295 56.73 -3.78 1.00
N GLU B 296 56.21 -4.82 0.36
CA GLU B 296 56.14 -4.87 -1.08
C GLU B 296 54.99 -4.00 -1.59
N PRO B 297 55.18 -3.32 -2.71
CA PRO B 297 54.07 -2.55 -3.31
C PRO B 297 52.93 -3.42 -3.82
N ALA B 298 53.19 -4.71 -4.09
CA ALA B 298 52.16 -5.59 -4.61
C ALA B 298 51.16 -6.02 -3.53
N ASN B 299 51.51 -5.89 -2.26
CA ASN B 299 50.67 -6.34 -1.16
C ASN B 299 50.16 -5.19 -0.32
N GLN B 300 49.80 -4.07 -0.96
CA GLN B 300 49.38 -2.89 -0.21
C GLN B 300 47.87 -2.72 -0.20
N MET B 301 47.16 -3.50 -1.02
CA MET B 301 45.70 -3.54 -1.21
C MET B 301 45.15 -2.27 -1.86
N VAL B 302 46.01 -1.29 -2.12
CA VAL B 302 45.67 -0.03 -2.76
C VAL B 302 46.78 0.25 -3.76
N LYS B 303 46.40 0.66 -4.98
CA LYS B 303 47.37 1.01 -6.01
C LYS B 303 48.05 2.31 -5.59
N CYS B 304 49.20 2.19 -4.94
CA CYS B 304 49.97 3.33 -4.47
C CYS B 304 51.43 2.92 -4.39
N ASP B 305 52.30 3.91 -4.17
CA ASP B 305 53.73 3.64 -4.05
C ASP B 305 54.20 4.06 -2.66
N PRO B 306 54.39 3.10 -1.74
CA PRO B 306 54.79 3.46 -0.37
C PRO B 306 56.22 3.96 -0.25
N ARG B 307 57.02 3.74 -1.31
CA ARG B 307 58.41 4.19 -1.33
C ARG B 307 58.52 5.71 -1.30
N HIS B 308 57.58 6.41 -1.97
CA HIS B 308 57.59 7.86 -2.01
C HIS B 308 56.63 8.47 -0.99
N GLY B 309 56.19 7.69 0.00
CA GLY B 309 55.33 8.19 1.04
C GLY B 309 55.99 8.15 2.41
N LYS B 310 55.61 9.11 3.24
CA LYS B 310 56.17 9.24 4.58
C LYS B 310 55.30 8.53 5.60
N TYR B 311 55.91 7.61 6.33
CA TYR B 311 55.21 6.80 7.33
C TYR B 311 55.06 7.57 8.62
N MET B 312 53.81 7.68 9.08
CA MET B 312 53.53 8.29 10.37
C MET B 312 53.52 7.23 11.46
N ALA B 313 52.95 6.06 11.16
CA ALA B 313 52.84 4.99 12.14
C ALA B 313 52.90 3.64 11.44
N CYS B 314 53.21 2.61 12.21
CA CYS B 314 53.25 1.23 11.72
C CYS B 314 52.72 0.32 12.82
N CYS B 315 51.43 0.00 12.76
CA CYS B 315 50.80 -0.89 13.71
C CYS B 315 50.78 -2.30 13.15
N LEU B 316 51.02 -3.28 14.02
CA LEU B 316 51.18 -4.67 13.62
C LEU B 316 50.20 -5.55 14.39
N LEU B 317 49.45 -6.37 13.66
CA LEU B 317 48.54 -7.34 14.25
C LEU B 317 49.02 -8.74 13.89
N TYR B 318 49.16 -9.60 14.89
CA TYR B 318 49.75 -10.92 14.72
C TYR B 318 48.75 -12.02 15.03
N ARG B 319 49.00 -13.21 14.48
CA ARG B 319 48.16 -14.38 14.72
C ARG B 319 49.04 -15.60 14.93
N GLY B 320 48.54 -16.53 15.75
CA GLY B 320 49.09 -17.89 15.77
C GLY B 320 50.46 -17.98 16.40
N ASP B 321 51.39 -18.59 15.66
CA ASP B 321 52.74 -18.89 16.14
C ASP B 321 53.55 -17.60 16.18
N VAL B 322 53.53 -16.94 17.33
CA VAL B 322 54.24 -15.69 17.54
C VAL B 322 55.12 -15.83 18.77
N VAL B 323 56.42 -15.56 18.61
CA VAL B 323 57.36 -15.48 19.72
C VAL B 323 57.82 -14.03 19.83
N PRO B 324 57.62 -13.37 20.99
CA PRO B 324 57.95 -11.94 21.08
C PRO B 324 59.44 -11.63 21.03
N LYS B 325 60.29 -12.60 21.38
CA LYS B 325 61.73 -12.40 21.26
C LYS B 325 62.14 -12.34 19.79
N ASP B 326 61.43 -13.08 18.93
CA ASP B 326 61.73 -13.04 17.51
C ASP B 326 61.15 -11.79 16.86
N VAL B 327 60.13 -11.20 17.49
CA VAL B 327 59.58 -9.93 17.00
C VAL B 327 60.60 -8.80 17.21
N ASN B 328 61.33 -8.86 18.32
CA ASN B 328 62.35 -7.84 18.60
C ASN B 328 63.50 -7.92 17.60
N ALA B 329 63.81 -9.13 17.13
CA ALA B 329 64.76 -9.26 16.04
C ALA B 329 64.16 -8.74 14.73
N ALA B 330 62.85 -8.89 14.57
CA ALA B 330 62.20 -8.44 13.34
C ALA B 330 62.07 -6.92 13.32
N ILE B 331 61.99 -6.29 14.51
CA ILE B 331 62.00 -4.84 14.58
C ILE B 331 63.35 -4.29 14.14
N ALA B 332 64.43 -4.94 14.59
CA ALA B 332 65.76 -4.54 14.14
C ALA B 332 65.97 -4.91 12.67
N THR B 333 65.22 -5.90 12.18
CA THR B 333 65.29 -6.26 10.76
C THR B 333 64.65 -5.18 9.90
N ILE B 334 63.52 -4.64 10.35
CA ILE B 334 62.85 -3.56 9.65
C ILE B 334 63.71 -2.30 9.68
N LYS B 335 64.35 -2.03 10.82
CA LYS B 335 65.25 -0.88 10.93
C LYS B 335 66.52 -1.08 10.11
N THR B 336 66.87 -2.34 9.82
CA THR B 336 67.98 -2.61 8.93
C THR B 336 67.60 -2.38 7.47
N LYS B 337 66.38 -2.79 7.10
CA LYS B 337 65.93 -2.72 5.72
C LYS B 337 65.20 -1.41 5.39
N ARG B 338 65.58 -0.30 6.00
CA ARG B 338 64.80 0.93 5.90
C ARG B 338 64.86 1.55 4.51
N THR B 339 63.70 1.53 3.84
CA THR B 339 63.40 2.35 2.67
C THR B 339 62.05 3.02 2.90
N ILE B 340 61.79 3.41 4.14
CA ILE B 340 60.44 3.62 4.63
C ILE B 340 60.07 5.09 4.70
N GLN B 341 61.09 5.96 4.86
CA GLN B 341 60.96 7.39 5.11
C GLN B 341 60.02 7.64 6.28
N PHE B 342 60.42 7.19 7.46
CA PHE B 342 59.61 7.36 8.65
C PHE B 342 59.82 8.77 9.21
N VAL B 343 58.72 9.38 9.68
CA VAL B 343 58.76 10.79 10.05
C VAL B 343 59.45 10.98 11.39
N ASP B 344 59.75 12.24 11.71
CA ASP B 344 60.50 12.59 12.91
C ASP B 344 59.61 13.07 14.04
N TRP B 345 58.31 13.20 13.82
CA TRP B 345 57.41 13.65 14.89
C TRP B 345 57.27 12.60 15.97
N CYS B 346 57.38 11.32 15.61
CA CYS B 346 57.45 10.24 16.59
C CYS B 346 58.75 9.49 16.32
N PRO B 347 59.59 9.27 17.33
CA PRO B 347 60.88 8.61 17.10
C PRO B 347 60.80 7.14 16.67
N THR B 348 60.15 6.30 17.46
CA THR B 348 60.14 4.86 17.17
C THR B 348 58.82 4.20 17.56
N GLY B 349 57.70 4.83 17.23
CA GLY B 349 56.43 4.28 17.63
C GLY B 349 55.91 3.21 16.69
N PHE B 350 56.12 1.95 17.04
CA PHE B 350 55.81 0.78 16.22
C PHE B 350 54.96 -0.15 17.07
N LYS B 351 53.64 -0.01 16.98
CA LYS B 351 52.76 -0.73 17.88
C LYS B 351 52.55 -2.16 17.38
N VAL B 352 52.50 -3.11 18.31
CA VAL B 352 52.40 -4.54 18.00
C VAL B 352 51.18 -5.10 18.71
N GLY B 353 50.38 -5.87 18.00
CA GLY B 353 49.30 -6.63 18.62
C GLY B 353 49.45 -8.11 18.31
N ILE B 354 49.35 -8.92 19.36
CA ILE B 354 49.65 -10.35 19.27
C ILE B 354 48.46 -11.15 19.75
N ASN B 355 47.95 -12.04 18.90
CA ASN B 355 46.92 -12.99 19.28
C ASN B 355 47.50 -14.40 19.14
N TYR B 356 47.22 -15.25 20.12
CA TYR B 356 47.79 -16.59 20.14
C TYR B 356 47.07 -17.52 19.16
N GLU B 357 45.83 -17.21 18.83
CA GLU B 357 45.00 -18.12 18.06
C GLU B 357 45.42 -18.12 16.60
N PRO B 358 45.46 -19.28 15.95
CA PRO B 358 45.88 -19.32 14.55
C PRO B 358 44.79 -18.75 13.66
N PRO B 359 45.14 -18.25 12.47
CA PRO B 359 44.12 -17.75 11.54
C PRO B 359 43.33 -18.89 10.91
N THR B 360 42.11 -18.56 10.49
CA THR B 360 41.17 -19.54 9.94
C THR B 360 41.26 -19.59 8.41
N VAL B 361 40.84 -20.73 7.86
CA VAL B 361 40.86 -20.98 6.43
C VAL B 361 39.51 -21.55 6.01
N VAL B 362 38.89 -20.95 5.01
CA VAL B 362 37.56 -21.31 4.56
C VAL B 362 37.65 -22.62 3.77
N PRO B 363 36.85 -23.64 4.10
CA PRO B 363 36.69 -24.76 3.17
C PRO B 363 35.93 -24.29 1.93
N GLY B 364 36.64 -24.22 0.81
CA GLY B 364 36.10 -23.67 -0.41
C GLY B 364 36.90 -22.51 -0.96
N GLY B 365 37.80 -21.91 -0.17
CA GLY B 365 38.66 -20.86 -0.66
C GLY B 365 39.94 -21.39 -1.27
N ASP B 366 40.77 -20.46 -1.75
CA ASP B 366 42.03 -20.80 -2.40
C ASP B 366 43.24 -20.43 -1.55
N LEU B 367 43.02 -20.09 -0.29
CA LEU B 367 44.09 -19.77 0.65
C LEU B 367 44.51 -21.03 1.40
N ALA B 368 45.81 -21.21 1.58
CA ALA B 368 46.32 -22.37 2.28
C ALA B 368 46.30 -22.14 3.79
N LYS B 369 46.50 -23.22 4.54
CA LYS B 369 46.53 -23.11 5.99
C LYS B 369 47.91 -22.69 6.47
N VAL B 370 47.96 -21.59 7.22
CA VAL B 370 49.22 -21.05 7.73
C VAL B 370 49.19 -21.08 9.25
N GLN B 371 50.39 -21.07 9.82
CA GLN B 371 50.56 -21.08 11.27
C GLN B 371 50.48 -19.68 11.88
N ARG B 372 50.60 -18.64 11.07
CA ARG B 372 50.66 -17.28 11.57
C ARG B 372 50.20 -16.31 10.50
N ALA B 373 49.64 -15.19 10.94
CA ALA B 373 49.16 -14.15 10.04
C ALA B 373 49.57 -12.78 10.59
N VAL B 374 50.03 -11.91 9.69
CA VAL B 374 50.54 -10.60 10.06
C VAL B 374 49.76 -9.53 9.32
N CYS B 375 49.03 -8.71 10.05
CA CYS B 375 48.40 -7.52 9.52
C CYS B 375 49.23 -6.30 9.88
N MET B 376 49.33 -5.37 8.93
CA MET B 376 50.08 -4.15 9.15
C MET B 376 49.25 -2.94 8.74
N LEU B 377 49.16 -1.96 9.63
CA LEU B 377 48.49 -0.70 9.37
C LEU B 377 49.54 0.40 9.26
N SER B 378 49.32 1.34 8.35
CA SER B 378 50.27 2.41 8.15
C SER B 378 49.56 3.68 7.69
N ASN B 379 50.13 4.82 8.10
CA ASN B 379 49.73 6.13 7.59
C ASN B 379 50.83 6.65 6.69
N THR B 380 50.56 6.75 5.39
CA THR B 380 51.55 7.18 4.43
C THR B 380 51.04 8.40 3.68
N THR B 381 51.99 9.15 3.10
CA THR B 381 51.62 10.36 2.36
C THR B 381 51.41 10.11 0.88
N ALA B 382 51.49 8.85 0.42
CA ALA B 382 51.19 8.55 -0.97
C ALA B 382 49.70 8.35 -1.20
N ILE B 383 48.86 8.55 -0.17
CA ILE B 383 47.42 8.39 -0.31
C ILE B 383 46.84 9.52 -1.16
N ALA B 384 47.42 10.72 -1.04
CA ALA B 384 46.90 11.89 -1.75
C ALA B 384 47.09 11.80 -3.24
N GLU B 385 48.01 10.95 -3.71
CA GLU B 385 48.15 10.71 -5.14
C GLU B 385 46.93 10.00 -5.70
N ALA B 386 46.30 9.14 -4.89
CA ALA B 386 45.01 8.58 -5.28
C ALA B 386 43.92 9.64 -5.22
N TRP B 387 44.07 10.61 -4.31
CA TRP B 387 43.13 11.73 -4.28
C TRP B 387 43.42 12.72 -5.41
N ALA B 388 44.67 12.76 -5.88
CA ALA B 388 45.00 13.60 -7.02
C ALA B 388 44.38 13.06 -8.29
N ARG B 389 44.26 11.74 -8.39
CA ARG B 389 43.55 11.13 -9.53
C ARG B 389 42.06 11.45 -9.46
N LEU B 390 41.53 11.57 -8.25
CA LEU B 390 40.10 11.85 -8.08
C LEU B 390 39.79 13.29 -8.44
N ASP B 391 40.68 14.21 -8.08
CA ASP B 391 40.41 15.63 -8.24
C ASP B 391 40.52 16.05 -9.70
N HIS B 392 41.46 15.46 -10.44
CA HIS B 392 41.62 15.81 -11.85
C HIS B 392 40.46 15.30 -12.70
N LYS B 393 39.86 14.17 -12.30
CA LYS B 393 38.66 13.70 -12.99
C LYS B 393 37.49 14.61 -12.71
N PHE B 394 37.39 15.11 -11.49
CA PHE B 394 36.23 15.91 -11.09
C PHE B 394 36.31 17.32 -11.68
N ASP B 395 37.52 17.85 -11.85
CA ASP B 395 37.66 19.20 -12.37
C ASP B 395 37.34 19.26 -13.86
N LEU B 396 37.59 18.17 -14.57
CA LEU B 396 37.17 18.09 -15.97
C LEU B 396 35.66 18.00 -16.08
N MET B 397 35.02 17.30 -15.13
CA MET B 397 33.58 17.22 -15.11
C MET B 397 32.97 18.54 -14.64
N TYR B 398 33.69 19.27 -13.78
CA TYR B 398 33.21 20.57 -13.32
C TYR B 398 33.45 21.64 -14.36
N ALA B 399 34.40 21.43 -15.27
CA ALA B 399 34.62 22.40 -16.34
C ALA B 399 33.53 22.31 -17.40
N LYS B 400 33.22 21.09 -17.85
CA LYS B 400 32.20 20.90 -18.88
C LYS B 400 30.80 20.93 -18.30
N ARG B 401 30.67 20.84 -16.97
CA ARG B 401 29.40 20.79 -16.24
C ARG B 401 28.52 19.64 -16.71
N ALA B 402 29.13 18.50 -16.99
CA ALA B 402 28.39 17.29 -17.31
C ALA B 402 27.81 16.70 -16.04
N PHE B 403 26.65 16.05 -16.18
CA PHE B 403 25.90 15.34 -15.14
C PHE B 403 25.42 16.25 -14.02
N VAL B 404 25.49 17.57 -14.17
CA VAL B 404 25.21 18.46 -13.05
C VAL B 404 23.70 18.61 -12.87
N HIS B 405 22.92 18.32 -13.91
CA HIS B 405 21.47 18.43 -13.81
C HIS B 405 20.85 17.32 -12.98
N TRP B 406 21.59 16.26 -12.68
CA TRP B 406 21.05 15.19 -11.86
C TRP B 406 21.01 15.55 -10.39
N TYR B 407 21.75 16.56 -9.96
CA TYR B 407 21.70 17.02 -8.58
C TYR B 407 21.08 18.41 -8.43
N VAL B 408 21.22 19.27 -9.44
CA VAL B 408 20.44 20.50 -9.45
C VAL B 408 18.96 20.16 -9.64
N GLY B 409 18.67 19.11 -10.40
CA GLY B 409 17.34 18.54 -10.43
C GLY B 409 16.90 17.97 -9.09
N GLU B 410 17.85 17.53 -8.26
CA GLU B 410 17.57 17.21 -6.87
C GLU B 410 17.66 18.43 -5.95
N GLY B 411 18.07 19.57 -6.48
CA GLY B 411 18.15 20.79 -5.70
C GLY B 411 19.50 21.10 -5.09
N MET B 412 20.56 20.45 -5.54
CA MET B 412 21.89 20.71 -5.01
C MET B 412 22.47 21.96 -5.67
N GLU B 413 23.47 22.54 -5.01
CA GLU B 413 24.08 23.78 -5.45
C GLU B 413 25.40 23.50 -6.15
N GLU B 414 25.65 24.22 -7.25
CA GLU B 414 26.94 24.12 -7.93
C GLU B 414 28.05 24.74 -7.10
N GLY B 415 27.73 25.76 -6.29
CA GLY B 415 28.70 26.33 -5.38
C GLY B 415 29.11 25.40 -4.26
N GLU B 416 28.23 24.48 -3.87
CA GLU B 416 28.61 23.46 -2.89
C GLU B 416 29.56 22.44 -3.50
N PHE B 417 29.52 22.29 -4.82
CA PHE B 417 30.33 21.27 -5.49
C PHE B 417 31.80 21.66 -5.49
N SER B 418 32.10 22.94 -5.78
CA SER B 418 33.48 23.41 -5.67
C SER B 418 33.86 23.68 -4.22
N GLU B 419 32.86 23.83 -3.33
CA GLU B 419 33.13 23.96 -1.91
C GLU B 419 33.72 22.67 -1.34
N ALA B 420 33.16 21.52 -1.74
CA ALA B 420 33.71 20.25 -1.31
C ALA B 420 35.03 19.97 -2.01
N ARG B 421 35.26 20.59 -3.18
CA ARG B 421 36.55 20.48 -3.84
C ARG B 421 37.61 21.23 -3.05
N GLU B 422 37.25 22.37 -2.47
CA GLU B 422 38.18 23.06 -1.58
C GLU B 422 38.34 22.31 -0.27
N ASP B 423 37.31 21.55 0.13
CA ASP B 423 37.46 20.63 1.25
C ASP B 423 38.33 19.44 0.88
N MET B 424 38.18 18.95 -0.36
CA MET B 424 39.12 17.96 -0.90
C MET B 424 40.50 18.56 -1.06
N ALA B 425 40.58 19.85 -1.39
CA ALA B 425 41.87 20.54 -1.38
C ALA B 425 42.41 20.66 0.04
N ALA B 426 41.53 20.92 1.01
CA ALA B 426 41.96 20.99 2.41
C ALA B 426 42.36 19.63 2.94
N LEU B 427 41.81 18.55 2.36
CA LEU B 427 42.27 17.21 2.67
C LEU B 427 43.71 17.00 2.20
N GLU B 428 44.04 17.49 1.00
CA GLU B 428 45.38 17.32 0.47
C GLU B 428 46.35 18.31 1.11
N LYS B 429 45.83 19.37 1.71
CA LYS B 429 46.69 20.24 2.51
C LYS B 429 47.13 19.55 3.79
N ASP B 430 46.30 18.64 4.32
CA ASP B 430 46.65 17.94 5.55
C ASP B 430 47.82 17.00 5.35
N TYR B 431 47.88 16.32 4.20
CA TYR B 431 49.04 15.50 3.88
C TYR B 431 50.22 16.34 3.47
N GLU B 432 49.97 17.57 3.01
CA GLU B 432 51.06 18.48 2.69
C GLU B 432 51.71 19.01 3.96
N GLU B 433 50.91 19.28 4.99
CA GLU B 433 51.45 19.76 6.25
C GLU B 433 52.25 18.67 6.97
N VAL B 434 51.84 17.42 6.80
CA VAL B 434 52.63 16.32 7.34
C VAL B 434 53.82 16.02 6.44
N GLY B 435 53.63 16.12 5.13
CA GLY B 435 54.68 15.79 4.17
C GLY B 435 55.84 16.78 4.13
N VAL B 436 55.54 18.07 4.21
CA VAL B 436 56.61 19.07 4.15
C VAL B 436 57.34 19.12 5.49
N ASP B 437 56.60 19.26 6.58
CA ASP B 437 57.19 19.44 7.89
C ASP B 437 57.72 18.12 8.44
N SER B 438 58.73 18.22 9.29
CA SER B 438 59.33 17.04 9.92
C SER B 438 59.93 17.43 11.27
N ARG C 1 8.61 -1.64 -8.95
CA ARG C 1 9.55 -1.54 -10.05
C ARG C 1 8.97 -2.19 -11.30
N GLU C 2 7.87 -1.65 -11.79
CA GLU C 2 7.13 -2.29 -12.88
C GLU C 2 7.12 -1.42 -14.13
N ILE C 3 7.03 -2.07 -15.29
CA ILE C 3 7.21 -1.42 -16.59
C ILE C 3 6.02 -1.75 -17.47
N VAL C 4 5.40 -0.71 -18.04
CA VAL C 4 4.32 -0.84 -19.01
C VAL C 4 4.89 -0.63 -20.40
N HIS C 5 4.63 -1.58 -21.31
CA HIS C 5 5.12 -1.50 -22.67
C HIS C 5 3.96 -1.13 -23.60
N ILE C 6 3.74 0.17 -23.77
CA ILE C 6 2.69 0.69 -24.65
C ILE C 6 3.20 0.63 -26.07
N GLN C 7 2.60 -0.23 -26.88
CA GLN C 7 3.05 -0.46 -28.25
C GLN C 7 2.12 0.26 -29.21
N ALA C 8 2.69 1.01 -30.16
CA ALA C 8 1.89 1.86 -31.02
C ALA C 8 2.24 1.60 -32.47
N GLY C 9 1.21 1.63 -33.33
CA GLY C 9 1.40 1.54 -34.77
C GLY C 9 1.36 0.13 -35.30
N GLN C 10 1.36 0.06 -36.63
CA GLN C 10 1.46 -1.24 -37.29
C GLN C 10 2.83 -1.87 -37.08
N CYS C 11 3.86 -1.03 -36.97
CA CYS C 11 5.21 -1.52 -36.69
C CYS C 11 5.36 -2.01 -35.26
N GLY C 12 5.10 -1.14 -34.28
CA GLY C 12 5.44 -1.45 -32.90
C GLY C 12 4.58 -2.53 -32.29
N ASN C 13 3.36 -2.70 -32.80
CA ASN C 13 2.55 -3.84 -32.39
C ASN C 13 3.08 -5.13 -32.98
N GLN C 14 3.72 -5.04 -34.14
CA GLN C 14 4.37 -6.21 -34.72
C GLN C 14 5.74 -6.45 -34.08
N ILE C 15 6.43 -5.38 -33.72
CA ILE C 15 7.73 -5.50 -33.06
C ILE C 15 7.57 -6.12 -31.67
N GLY C 16 6.64 -5.58 -30.88
CA GLY C 16 6.49 -6.06 -29.52
C GLY C 16 5.81 -7.41 -29.43
N ALA C 17 5.18 -7.86 -30.52
CA ALA C 17 4.66 -9.22 -30.58
C ALA C 17 5.80 -10.23 -30.52
N LYS C 18 6.94 -9.90 -31.14
CA LYS C 18 8.13 -10.72 -31.00
C LYS C 18 8.74 -10.58 -29.62
N PHE C 19 8.51 -9.44 -28.96
CA PHE C 19 9.13 -9.19 -27.65
C PHE C 19 8.51 -10.06 -26.57
N TRP C 20 7.19 -10.03 -26.43
CA TRP C 20 6.53 -10.80 -25.39
C TRP C 20 6.47 -12.27 -25.75
N GLU C 21 6.75 -12.61 -27.01
CA GLU C 21 7.08 -13.98 -27.36
C GLU C 21 8.31 -14.46 -26.61
N VAL C 22 9.33 -13.60 -26.51
CA VAL C 22 10.55 -13.97 -25.80
C VAL C 22 10.30 -14.01 -24.29
N ILE C 23 9.50 -13.06 -23.79
CA ILE C 23 9.27 -12.92 -22.36
C ILE C 23 8.51 -14.12 -21.81
N SER C 24 7.52 -14.60 -22.56
CA SER C 24 6.83 -15.82 -22.16
C SER C 24 7.74 -17.04 -22.29
N ASP C 25 8.66 -17.00 -23.25
CA ASP C 25 9.58 -18.12 -23.44
C ASP C 25 10.74 -18.05 -22.45
N GLU C 26 11.08 -16.84 -22.00
CA GLU C 26 12.17 -16.69 -21.02
C GLU C 26 11.77 -17.28 -19.67
N HIS C 27 10.49 -17.21 -19.33
CA HIS C 27 10.01 -17.70 -18.05
C HIS C 27 9.32 -19.05 -18.15
N GLY C 28 9.24 -19.62 -19.36
CA GLY C 28 8.66 -20.94 -19.55
C GLY C 28 7.18 -21.01 -19.24
N ILE C 29 6.38 -20.18 -19.90
CA ILE C 29 4.97 -20.00 -19.56
C ILE C 29 4.12 -20.46 -20.73
N ASP C 30 3.04 -21.18 -20.43
CA ASP C 30 2.07 -21.62 -21.42
C ASP C 30 1.46 -20.40 -22.13
N PRO C 31 1.10 -20.52 -23.43
CA PRO C 31 0.47 -19.39 -24.15
C PRO C 31 -0.87 -18.90 -23.61
N THR C 32 -1.48 -19.63 -22.68
CA THR C 32 -2.71 -19.18 -22.02
C THR C 32 -2.42 -18.40 -20.74
N GLY C 33 -1.17 -18.31 -20.32
CA GLY C 33 -0.79 -17.55 -19.14
C GLY C 33 -0.38 -18.40 -17.95
N SER C 34 -0.22 -19.70 -18.13
CA SER C 34 0.10 -20.61 -17.04
C SER C 34 1.61 -20.84 -16.95
N TYR C 35 2.14 -20.62 -15.76
CA TYR C 35 3.57 -20.82 -15.48
C TYR C 35 3.87 -22.30 -15.40
N HIS C 36 4.88 -22.73 -16.16
CA HIS C 36 5.36 -24.10 -16.11
C HIS C 36 6.87 -24.17 -16.01
N GLY C 37 7.53 -23.07 -15.64
CA GLY C 37 8.96 -23.09 -15.41
C GLY C 37 9.29 -23.67 -14.05
N ASP C 38 10.58 -23.71 -13.72
CA ASP C 38 11.01 -24.33 -12.48
C ASP C 38 12.00 -23.49 -11.66
N SER C 39 12.19 -22.22 -12.00
CA SER C 39 13.16 -21.38 -11.32
C SER C 39 12.46 -20.29 -10.52
N ASP C 40 13.06 -19.94 -9.39
CA ASP C 40 12.58 -18.81 -8.61
C ASP C 40 12.94 -17.49 -9.26
N LEU C 41 13.96 -17.49 -10.13
CA LEU C 41 14.22 -16.36 -11.00
C LEU C 41 13.05 -16.14 -11.96
N GLN C 42 12.44 -17.23 -12.42
CA GLN C 42 11.26 -17.13 -13.27
C GLN C 42 9.99 -16.97 -12.46
N LEU C 43 10.10 -16.96 -11.13
CA LEU C 43 8.94 -16.92 -10.25
C LEU C 43 8.84 -15.58 -9.51
N GLU C 44 9.98 -14.99 -9.14
CA GLU C 44 9.94 -13.80 -8.31
C GLU C 44 9.69 -12.53 -9.12
N ARG C 45 10.31 -12.43 -10.30
CA ARG C 45 10.25 -11.22 -11.11
C ARG C 45 9.09 -11.21 -12.09
N ILE C 46 8.01 -11.93 -11.78
CA ILE C 46 6.83 -11.93 -12.64
C ILE C 46 6.10 -10.60 -12.52
N ASN C 47 6.14 -10.00 -11.33
CA ASN C 47 5.42 -8.77 -10.99
C ASN C 47 5.83 -7.59 -11.85
N VAL C 48 7.09 -7.59 -12.31
CA VAL C 48 7.61 -6.49 -13.12
C VAL C 48 6.92 -6.44 -14.47
N TYR C 49 6.69 -7.61 -15.08
CA TYR C 49 6.11 -7.67 -16.42
C TYR C 49 4.68 -8.18 -16.46
N TYR C 50 4.30 -9.12 -15.60
CA TYR C 50 3.01 -9.78 -15.73
C TYR C 50 2.13 -9.49 -14.54
N ASN C 51 0.84 -9.34 -14.81
CA ASN C 51 -0.18 -9.24 -13.77
C ASN C 51 -0.79 -10.61 -13.55
N GLU C 52 -0.57 -11.19 -12.38
CA GLU C 52 -1.09 -12.51 -12.07
C GLU C 52 -2.58 -12.43 -11.74
N ALA C 53 -3.39 -13.14 -12.49
CA ALA C 53 -4.82 -13.25 -12.24
C ALA C 53 -5.13 -14.53 -11.49
N ALA C 54 -6.42 -14.78 -11.29
CA ALA C 54 -6.86 -15.97 -10.58
C ALA C 54 -6.62 -17.22 -11.42
N GLY C 55 -6.09 -18.26 -10.78
CA GLY C 55 -5.84 -19.51 -11.46
C GLY C 55 -4.51 -19.60 -12.17
N ASN C 56 -3.48 -18.88 -11.67
CA ASN C 56 -2.13 -18.81 -12.25
C ASN C 56 -2.19 -18.37 -13.71
N LYS C 57 -2.89 -17.26 -13.94
CA LYS C 57 -2.97 -16.64 -15.25
C LYS C 57 -2.26 -15.30 -15.19
N TYR C 58 -1.38 -15.05 -16.15
CA TYR C 58 -0.53 -13.88 -16.13
C TYR C 58 -0.99 -12.93 -17.22
N VAL C 59 -1.37 -11.72 -16.83
CA VAL C 59 -1.80 -10.68 -17.75
C VAL C 59 -0.56 -9.87 -18.12
N PRO C 60 -0.14 -9.86 -19.38
CA PRO C 60 1.04 -9.08 -19.77
C PRO C 60 0.76 -7.59 -19.71
N ARG C 61 1.61 -6.88 -18.96
CA ARG C 61 1.43 -5.45 -18.74
C ARG C 61 2.00 -4.71 -19.97
N ALA C 62 1.20 -4.72 -21.04
CA ALA C 62 1.60 -4.12 -22.30
C ALA C 62 0.35 -3.67 -23.04
N ILE C 63 0.44 -2.50 -23.66
CA ILE C 63 -0.72 -1.84 -24.26
C ILE C 63 -0.51 -1.73 -25.76
N LEU C 64 -1.53 -2.14 -26.51
CA LEU C 64 -1.45 -2.17 -27.97
C LEU C 64 -2.28 -1.00 -28.52
N VAL C 65 -1.62 -0.12 -29.27
CA VAL C 65 -2.24 1.11 -29.76
C VAL C 65 -2.21 1.08 -31.29
N ASP C 66 -3.38 1.21 -31.90
CA ASP C 66 -3.48 1.36 -33.36
C ASP C 66 -4.84 1.98 -33.65
N LEU C 67 -4.95 2.60 -34.81
CA LEU C 67 -6.23 3.07 -35.33
C LEU C 67 -6.83 2.11 -36.34
N GLU C 68 -6.29 0.90 -36.43
CA GLU C 68 -6.81 -0.16 -37.29
C GLU C 68 -6.74 -1.48 -36.54
N PRO C 69 -7.76 -2.33 -36.68
CA PRO C 69 -7.72 -3.63 -36.01
C PRO C 69 -6.79 -4.64 -36.68
N GLY C 70 -6.45 -4.44 -37.95
CA GLY C 70 -5.76 -5.41 -38.80
C GLY C 70 -4.47 -6.00 -38.29
N THR C 71 -3.62 -5.19 -37.66
CA THR C 71 -2.39 -5.70 -37.07
C THR C 71 -2.72 -6.56 -35.85
N MET C 72 -3.65 -6.09 -35.01
CA MET C 72 -4.00 -6.83 -33.80
C MET C 72 -4.88 -8.03 -34.08
N ASP C 73 -5.55 -8.07 -35.24
CA ASP C 73 -6.38 -9.21 -35.57
C ASP C 73 -5.53 -10.45 -35.84
N SER C 74 -4.38 -10.27 -36.46
CA SER C 74 -3.50 -11.39 -36.75
C SER C 74 -2.82 -11.91 -35.49
N VAL C 75 -2.45 -11.02 -34.57
CA VAL C 75 -1.80 -11.43 -33.33
C VAL C 75 -2.81 -12.15 -32.43
N ARG C 76 -4.06 -11.66 -32.41
CA ARG C 76 -5.10 -12.30 -31.62
C ARG C 76 -5.49 -13.66 -32.19
N SER C 77 -5.66 -13.74 -33.51
CA SER C 77 -6.01 -15.00 -34.13
C SER C 77 -4.83 -15.96 -34.14
N GLY C 78 -3.61 -15.42 -34.11
CA GLY C 78 -2.43 -16.24 -34.02
C GLY C 78 -2.11 -16.61 -32.58
N PRO C 79 -0.93 -17.18 -32.35
CA PRO C 79 -0.52 -17.51 -30.98
C PRO C 79 -0.24 -16.24 -30.17
N PHE C 80 -0.25 -16.40 -28.84
CA PHE C 80 0.06 -15.40 -27.83
C PHE C 80 -0.91 -14.22 -27.81
N GLY C 81 -2.01 -14.26 -28.56
CA GLY C 81 -3.08 -13.30 -28.35
C GLY C 81 -4.05 -13.78 -27.30
N GLN C 82 -3.95 -15.06 -26.92
CA GLN C 82 -4.85 -15.64 -25.94
C GLN C 82 -4.47 -15.23 -24.52
N ILE C 83 -3.18 -14.97 -24.27
CA ILE C 83 -2.74 -14.46 -22.97
C ILE C 83 -3.16 -13.01 -22.77
N PHE C 84 -3.46 -12.29 -23.84
CA PHE C 84 -3.82 -10.88 -23.76
C PHE C 84 -5.30 -10.74 -23.39
N ARG C 85 -5.58 -9.79 -22.51
CA ARG C 85 -6.97 -9.46 -22.24
C ARG C 85 -7.52 -8.57 -23.36
N PRO C 86 -8.84 -8.55 -23.56
CA PRO C 86 -9.42 -7.67 -24.58
C PRO C 86 -9.29 -6.19 -24.25
N ASP C 87 -9.00 -5.84 -22.99
CA ASP C 87 -8.74 -4.46 -22.61
C ASP C 87 -7.45 -3.92 -23.21
N ASN C 88 -6.52 -4.79 -23.59
CA ASN C 88 -5.33 -4.39 -24.34
C ASN C 88 -5.63 -4.13 -25.81
N PHE C 89 -6.82 -4.49 -26.28
CA PHE C 89 -7.19 -4.42 -27.69
C PHE C 89 -8.04 -3.17 -27.86
N VAL C 90 -7.37 -2.02 -27.98
CA VAL C 90 -8.04 -0.72 -28.10
C VAL C 90 -7.71 -0.15 -29.46
N PHE C 91 -8.74 0.14 -30.25
CA PHE C 91 -8.53 0.64 -31.60
C PHE C 91 -9.75 1.45 -32.04
N GLY C 92 -9.59 2.11 -33.18
CA GLY C 92 -10.67 2.78 -33.86
C GLY C 92 -10.78 2.35 -35.30
N GLN C 93 -11.59 3.08 -36.05
CA GLN C 93 -11.77 2.86 -37.48
C GLN C 93 -12.33 4.13 -38.11
N SER C 94 -11.68 4.66 -39.15
CA SER C 94 -10.50 4.05 -39.78
C SER C 94 -9.17 4.60 -39.27
N GLY C 95 -8.10 4.22 -39.94
CA GLY C 95 -6.77 4.65 -39.56
C GLY C 95 -6.39 6.01 -40.10
N ALA C 96 -5.22 6.48 -39.67
CA ALA C 96 -4.72 7.77 -40.13
C ALA C 96 -4.10 7.65 -41.52
N GLY C 97 -3.66 6.44 -41.88
CA GLY C 97 -2.98 6.25 -43.14
C GLY C 97 -1.57 6.79 -43.16
N ASN C 98 -0.77 6.44 -42.14
CA ASN C 98 0.59 6.93 -41.91
C ASN C 98 0.67 8.45 -41.85
N ASN C 99 -0.31 9.10 -41.25
CA ASN C 99 -0.38 10.55 -41.19
C ASN C 99 -0.13 11.01 -39.75
N TRP C 100 0.80 11.95 -39.58
CA TRP C 100 1.11 12.45 -38.25
C TRP C 100 0.04 13.41 -37.75
N ALA C 101 -0.44 14.29 -38.62
CA ALA C 101 -1.39 15.32 -38.21
C ALA C 101 -2.76 14.73 -37.89
N LYS C 102 -3.08 13.59 -38.49
CA LYS C 102 -4.31 12.89 -38.16
C LYS C 102 -4.19 12.12 -36.85
N GLY C 103 -3.01 11.58 -36.58
CA GLY C 103 -2.84 10.77 -35.38
C GLY C 103 -2.53 11.61 -34.15
N HIS C 104 -2.01 12.81 -34.35
CA HIS C 104 -1.61 13.63 -33.20
C HIS C 104 -2.61 14.74 -32.92
N TYR C 105 -3.26 15.28 -33.95
CA TYR C 105 -3.94 16.56 -33.78
C TYR C 105 -5.45 16.47 -33.98
N THR C 106 -5.93 15.84 -35.05
CA THR C 106 -7.34 15.90 -35.40
C THR C 106 -8.05 14.64 -34.92
N GLU C 107 -7.67 13.46 -35.41
CA GLU C 107 -8.53 12.29 -35.21
C GLU C 107 -7.93 11.34 -34.18
N GLY C 108 -6.60 11.27 -34.12
CA GLY C 108 -5.95 10.37 -33.19
C GLY C 108 -6.07 10.73 -31.73
N ALA C 109 -6.47 11.97 -31.43
CA ALA C 109 -6.60 12.39 -30.03
C ALA C 109 -7.84 11.80 -29.38
N GLU C 110 -8.79 11.30 -30.19
CA GLU C 110 -10.05 10.83 -29.65
C GLU C 110 -9.90 9.48 -28.96
N LEU C 111 -8.94 8.67 -29.40
CA LEU C 111 -8.76 7.35 -28.81
C LEU C 111 -7.84 7.42 -27.59
N VAL C 112 -6.99 8.45 -27.50
CA VAL C 112 -5.99 8.57 -26.45
C VAL C 112 -6.63 8.72 -25.08
N ASP C 113 -7.78 9.40 -25.02
CA ASP C 113 -8.51 9.54 -23.76
C ASP C 113 -9.06 8.20 -23.29
N SER C 114 -9.41 7.33 -24.24
CA SER C 114 -9.73 5.96 -23.88
C SER C 114 -8.49 5.15 -23.57
N VAL C 115 -7.37 5.46 -24.22
CA VAL C 115 -6.14 4.71 -23.99
C VAL C 115 -5.54 5.08 -22.64
N LEU C 116 -5.42 6.37 -22.35
CA LEU C 116 -4.82 6.80 -21.09
C LEU C 116 -5.70 6.48 -19.89
N ASP C 117 -7.00 6.25 -20.12
CA ASP C 117 -7.85 5.76 -19.04
C ASP C 117 -7.48 4.33 -18.65
N VAL C 118 -7.11 3.51 -19.64
CA VAL C 118 -6.63 2.15 -19.35
C VAL C 118 -5.27 2.21 -18.68
N VAL C 119 -4.44 3.21 -19.03
CA VAL C 119 -3.17 3.43 -18.36
C VAL C 119 -3.38 3.75 -16.88
N ARG C 120 -4.38 4.59 -16.59
CA ARG C 120 -4.71 4.91 -15.21
C ARG C 120 -5.32 3.71 -14.49
N LYS C 121 -6.11 2.91 -15.21
CA LYS C 121 -6.65 1.70 -14.62
C LYS C 121 -5.57 0.64 -14.42
N GLU C 122 -4.49 0.72 -15.20
CA GLU C 122 -3.38 -0.20 -14.98
C GLU C 122 -2.44 0.29 -13.89
N SER C 123 -2.14 1.59 -13.88
CA SER C 123 -1.17 2.13 -12.93
C SER C 123 -1.69 2.14 -11.51
N GLU C 124 -3.01 2.23 -11.33
CA GLU C 124 -3.59 2.09 -9.99
C GLU C 124 -3.51 0.64 -9.53
N SER C 125 -3.56 -0.31 -10.46
CA SER C 125 -3.39 -1.71 -10.11
C SER C 125 -1.92 -2.06 -9.87
N CYS C 126 -1.00 -1.25 -10.35
CA CYS C 126 0.41 -1.51 -10.14
C CYS C 126 0.84 -1.15 -8.72
N ASP C 127 1.74 -1.94 -8.17
CA ASP C 127 2.25 -1.71 -6.82
C ASP C 127 3.34 -0.65 -6.79
N CYS C 128 4.26 -0.70 -7.76
CA CYS C 128 5.37 0.25 -7.78
C CYS C 128 5.88 0.32 -9.22
N LEU C 129 5.78 1.50 -9.82
CA LEU C 129 6.22 1.70 -11.20
C LEU C 129 7.65 2.20 -11.23
N GLN C 130 8.38 1.81 -12.28
CA GLN C 130 9.77 2.24 -12.44
C GLN C 130 9.95 3.08 -13.70
N GLY C 131 9.16 2.78 -14.74
CA GLY C 131 9.20 3.57 -15.95
C GLY C 131 8.34 2.95 -17.02
N PHE C 132 7.91 3.78 -17.96
CA PHE C 132 7.03 3.33 -19.03
C PHE C 132 7.81 3.17 -20.32
N GLN C 133 7.46 2.11 -21.07
CA GLN C 133 8.19 1.67 -22.24
C GLN C 133 7.30 1.84 -23.47
N LEU C 134 7.89 2.32 -24.57
CA LEU C 134 7.17 2.44 -25.83
C LEU C 134 8.03 1.90 -26.97
N THR C 135 7.38 1.69 -28.12
CA THR C 135 8.03 1.21 -29.34
C THR C 135 7.18 1.61 -30.53
N HIS C 136 7.78 2.32 -31.48
CA HIS C 136 7.11 2.70 -32.72
C HIS C 136 8.17 2.94 -33.78
N SER C 137 7.78 3.60 -34.86
CA SER C 137 8.71 4.06 -35.89
C SER C 137 8.65 5.58 -35.96
N LEU C 138 9.72 6.18 -36.47
CA LEU C 138 9.73 7.62 -36.67
C LEU C 138 8.89 8.01 -37.87
N GLY C 139 8.69 7.09 -38.80
CA GLY C 139 7.79 7.31 -39.93
C GLY C 139 6.44 6.68 -39.71
N GLY C 140 6.08 6.45 -38.45
CA GLY C 140 4.81 5.86 -38.09
C GLY C 140 3.76 6.92 -37.83
N GLY C 141 2.71 6.92 -38.65
CA GLY C 141 1.66 7.92 -38.49
C GLY C 141 0.78 7.64 -37.28
N THR C 142 0.45 6.38 -37.06
CA THR C 142 -0.26 5.99 -35.85
C THR C 142 0.68 5.59 -34.72
N GLY C 143 1.91 5.22 -35.07
CA GLY C 143 2.87 4.85 -34.04
C GLY C 143 3.45 6.05 -33.32
N SER C 144 3.95 7.02 -34.08
CA SER C 144 4.58 8.20 -33.49
C SER C 144 3.61 9.37 -33.36
N GLY C 145 2.55 9.38 -34.15
CA GLY C 145 1.55 10.43 -34.07
C GLY C 145 0.79 10.42 -32.77
N MET C 146 0.20 9.28 -32.43
CA MET C 146 -0.48 9.15 -31.14
C MET C 146 0.54 9.10 -30.00
N GLY C 147 1.74 8.61 -30.28
CA GLY C 147 2.72 8.38 -29.22
C GLY C 147 3.29 9.65 -28.63
N THR C 148 3.56 10.65 -29.48
CA THR C 148 4.02 11.93 -28.97
C THR C 148 2.93 12.65 -28.18
N LEU C 149 1.67 12.36 -28.47
CA LEU C 149 0.58 12.86 -27.65
C LEU C 149 0.52 12.12 -26.32
N LEU C 150 0.90 10.84 -26.33
CA LEU C 150 0.89 10.05 -25.10
C LEU C 150 1.97 10.52 -24.13
N ILE C 151 3.20 10.62 -24.62
CA ILE C 151 4.35 10.89 -23.75
C ILE C 151 4.28 12.32 -23.20
N SER C 152 3.68 13.22 -23.98
CA SER C 152 3.44 14.59 -23.50
C SER C 152 2.45 14.62 -22.35
N LYS C 153 1.48 13.71 -22.34
CA LYS C 153 0.49 13.70 -21.27
C LYS C 153 0.94 12.87 -20.08
N ILE C 154 1.75 11.82 -20.31
CA ILE C 154 2.19 10.99 -19.19
C ILE C 154 3.29 11.70 -18.40
N ARG C 155 4.18 12.42 -19.09
CA ARG C 155 5.20 13.21 -18.40
C ARG C 155 4.55 14.35 -17.62
N GLU C 156 3.43 14.87 -18.11
CA GLU C 156 2.59 15.77 -17.34
C GLU C 156 2.08 15.10 -16.07
N GLU C 157 1.72 13.82 -16.17
CA GLU C 157 1.21 13.10 -15.02
C GLU C 157 2.33 12.53 -14.16
N TYR C 158 3.30 11.88 -14.79
CA TYR C 158 4.34 11.12 -14.10
C TYR C 158 5.71 11.67 -14.46
N PRO C 159 6.17 12.70 -13.75
CA PRO C 159 7.50 13.25 -14.06
C PRO C 159 8.64 12.38 -13.59
N ASP C 160 8.38 11.47 -12.66
CA ASP C 160 9.43 10.75 -11.95
C ASP C 160 9.78 9.40 -12.57
N ARG C 161 9.09 8.99 -13.62
CA ARG C 161 9.31 7.67 -14.19
C ARG C 161 10.12 7.75 -15.48
N ILE C 162 10.74 6.62 -15.81
CA ILE C 162 11.59 6.54 -17.00
C ILE C 162 10.69 6.54 -18.24
N MET C 163 10.81 7.59 -19.04
CA MET C 163 10.01 7.75 -20.25
C MET C 163 10.88 7.49 -21.46
N ASN C 164 10.86 6.25 -21.95
CA ASN C 164 11.62 5.90 -23.14
C ASN C 164 10.71 5.29 -24.19
N THR C 165 11.13 5.43 -25.44
CA THR C 165 10.49 4.75 -26.55
C THR C 165 11.56 4.06 -27.37
N PHE C 166 11.12 3.11 -28.19
CA PHE C 166 12.01 2.41 -29.12
C PHE C 166 11.57 2.77 -30.53
N SER C 167 12.11 3.86 -31.06
CA SER C 167 11.69 4.40 -32.35
C SER C 167 12.61 3.86 -33.43
N VAL C 168 12.03 3.63 -34.60
CA VAL C 168 12.76 3.09 -35.75
C VAL C 168 13.22 4.24 -36.63
N VAL C 169 14.52 4.30 -36.88
CA VAL C 169 15.12 5.32 -37.74
C VAL C 169 14.69 5.01 -39.18
N PRO C 170 14.14 5.98 -39.91
CA PRO C 170 13.70 5.71 -41.28
C PRO C 170 14.88 5.49 -42.22
N SER C 171 14.80 4.44 -43.02
CA SER C 171 15.84 4.08 -43.97
C SER C 171 15.60 4.76 -45.31
N PRO C 172 16.65 5.29 -45.93
CA PRO C 172 16.50 5.78 -47.32
C PRO C 172 16.19 4.66 -48.31
N LYS C 173 16.63 3.44 -48.05
CA LYS C 173 16.24 2.31 -48.88
C LYS C 173 14.78 1.91 -48.70
N VAL C 174 14.20 2.13 -47.51
CA VAL C 174 12.84 1.70 -47.25
C VAL C 174 11.93 2.91 -47.33
N SER C 175 11.26 3.07 -48.46
CA SER C 175 10.38 4.21 -48.67
C SER C 175 8.96 3.74 -48.93
N ASP C 176 8.05 4.21 -48.08
CA ASP C 176 6.62 3.93 -48.21
C ASP C 176 5.86 5.18 -48.61
N THR C 177 6.00 6.26 -47.86
CA THR C 177 5.41 7.55 -48.21
C THR C 177 6.50 8.59 -48.37
N VAL C 178 6.13 9.71 -49.00
CA VAL C 178 7.11 10.76 -49.29
C VAL C 178 7.15 11.76 -48.14
N VAL C 179 6.10 11.77 -47.31
CA VAL C 179 6.00 12.68 -46.18
C VAL C 179 6.52 11.99 -44.92
N GLU C 180 7.26 10.90 -45.10
CA GLU C 180 7.97 10.30 -43.97
C GLU C 180 9.04 11.19 -43.33
N PRO C 181 9.86 11.98 -44.06
CA PRO C 181 10.70 12.95 -43.35
C PRO C 181 9.94 14.09 -42.70
N TYR C 182 8.71 14.38 -43.14
CA TYR C 182 7.86 15.29 -42.40
C TYR C 182 7.48 14.69 -41.04
N ASN C 183 7.24 13.38 -41.03
CA ASN C 183 6.77 12.72 -39.82
C ASN C 183 7.90 12.57 -38.81
N ALA C 184 9.13 12.43 -39.30
CA ALA C 184 10.26 12.21 -38.41
C ALA C 184 10.67 13.50 -37.71
N THR C 185 10.65 14.63 -38.44
CA THR C 185 11.09 15.89 -37.88
C THR C 185 10.11 16.41 -36.84
N LEU C 186 8.81 16.23 -37.10
CA LEU C 186 7.78 16.65 -36.15
C LEU C 186 7.77 15.76 -34.91
N SER C 187 8.26 14.53 -35.04
CA SER C 187 8.37 13.66 -33.88
C SER C 187 9.51 14.10 -32.96
N VAL C 188 10.69 14.31 -33.54
CA VAL C 188 11.89 14.65 -32.77
C VAL C 188 11.73 16.02 -32.09
N HIS C 189 10.89 16.88 -32.69
CA HIS C 189 10.52 18.14 -32.06
C HIS C 189 9.77 17.93 -30.74
N GLN C 190 9.10 16.78 -30.59
CA GLN C 190 8.45 16.48 -29.33
C GLN C 190 9.12 15.37 -28.55
N LEU C 191 9.86 14.48 -29.24
CA LEU C 191 10.45 13.33 -28.54
C LEU C 191 11.65 13.75 -27.69
N VAL C 192 12.38 14.78 -28.12
CA VAL C 192 13.43 15.33 -27.28
C VAL C 192 12.82 16.03 -26.07
N GLU C 193 11.66 16.67 -26.28
CA GLU C 193 11.01 17.41 -25.21
C GLU C 193 10.34 16.49 -24.19
N ASN C 194 9.80 15.36 -24.63
CA ASN C 194 8.91 14.58 -23.79
C ASN C 194 9.53 13.28 -23.29
N THR C 195 10.47 12.69 -24.01
CA THR C 195 11.06 11.43 -23.59
C THR C 195 12.33 11.69 -22.79
N ASP C 196 12.66 10.72 -21.95
CA ASP C 196 13.90 10.75 -21.18
C ASP C 196 15.08 10.21 -21.95
N GLU C 197 14.85 9.21 -22.81
CA GLU C 197 15.88 8.59 -23.63
C GLU C 197 15.19 7.78 -24.73
N THR C 198 15.97 7.32 -25.70
CA THR C 198 15.50 6.37 -26.70
C THR C 198 16.70 5.70 -27.36
N TYR C 199 16.40 4.72 -28.20
CA TYR C 199 17.42 4.00 -28.95
C TYR C 199 17.36 4.41 -30.41
N CYS C 200 18.41 4.10 -31.16
CA CYS C 200 18.47 4.37 -32.59
C CYS C 200 18.49 3.04 -33.33
N ILE C 201 17.38 2.71 -34.00
CA ILE C 201 17.20 1.42 -34.64
C ILE C 201 16.91 1.66 -36.12
N ASP C 202 17.76 1.11 -37.00
CA ASP C 202 17.59 1.24 -38.44
C ASP C 202 17.50 -0.16 -39.02
N ASN C 203 16.45 -0.42 -39.79
CA ASN C 203 16.25 -1.72 -40.44
C ASN C 203 17.29 -1.97 -41.52
N GLU C 204 17.73 -0.89 -42.17
CA GLU C 204 18.76 -1.00 -43.20
C GLU C 204 20.08 -1.48 -42.62
N ALA C 205 20.42 -1.03 -41.42
CA ALA C 205 21.57 -1.59 -40.71
C ALA C 205 21.32 -3.03 -40.32
N LEU C 206 20.06 -3.37 -39.99
CA LEU C 206 19.73 -4.75 -39.64
C LEU C 206 19.69 -5.65 -40.86
N TYR C 207 19.56 -5.06 -42.05
CA TYR C 207 19.65 -5.84 -43.28
C TYR C 207 21.06 -6.36 -43.50
N ASP C 208 22.06 -5.57 -43.10
CA ASP C 208 23.45 -6.00 -43.24
C ASP C 208 23.79 -7.08 -42.23
N ILE C 209 23.22 -7.01 -41.03
CA ILE C 209 23.60 -7.91 -39.94
C ILE C 209 23.12 -9.33 -40.24
N CYS C 210 21.96 -9.45 -40.89
CA CYS C 210 21.41 -10.76 -41.20
C CYS C 210 22.24 -11.48 -42.25
N PHE C 211 22.77 -10.73 -43.21
CA PHE C 211 23.42 -11.37 -44.35
C PHE C 211 24.95 -11.39 -44.23
N ARG C 212 25.55 -10.28 -43.80
CA ARG C 212 27.01 -10.23 -43.75
C ARG C 212 27.55 -10.99 -42.56
N THR C 213 26.89 -10.88 -41.41
CA THR C 213 27.40 -11.50 -40.19
C THR C 213 26.71 -12.82 -39.85
N LEU C 214 25.41 -12.94 -40.11
CA LEU C 214 24.68 -14.14 -39.76
C LEU C 214 24.40 -15.06 -40.95
N LYS C 215 24.68 -14.57 -42.16
CA LYS C 215 24.59 -15.34 -43.41
C LYS C 215 23.17 -15.86 -43.66
N LEU C 216 22.20 -14.98 -43.50
CA LEU C 216 20.80 -15.34 -43.70
C LEU C 216 20.30 -14.80 -45.03
N THR C 217 19.33 -15.50 -45.61
CA THR C 217 18.89 -15.22 -46.97
C THR C 217 17.75 -14.20 -47.04
N THR C 218 16.64 -14.46 -46.36
CA THR C 218 15.46 -13.60 -46.46
C THR C 218 15.11 -13.05 -45.08
N PRO C 219 15.59 -11.85 -44.76
CA PRO C 219 15.20 -11.24 -43.48
C PRO C 219 13.76 -10.76 -43.54
N THR C 220 12.91 -11.37 -42.71
CA THR C 220 11.54 -10.92 -42.54
C THR C 220 11.45 -10.00 -41.34
N TYR C 221 10.28 -9.35 -41.20
CA TYR C 221 10.08 -8.41 -40.09
C TYR C 221 10.08 -9.12 -38.75
N GLY C 222 9.61 -10.36 -38.69
CA GLY C 222 9.74 -11.12 -37.46
C GLY C 222 11.17 -11.51 -37.17
N ASP C 223 11.94 -11.84 -38.20
CA ASP C 223 13.34 -12.21 -38.02
C ASP C 223 14.18 -11.00 -37.64
N LEU C 224 13.83 -9.82 -38.14
CA LEU C 224 14.49 -8.60 -37.70
C LEU C 224 14.15 -8.31 -36.24
N ASN C 225 12.87 -8.39 -35.88
CA ASN C 225 12.44 -8.07 -34.52
C ASN C 225 12.81 -9.17 -33.53
N HIS C 226 13.15 -10.36 -34.00
CA HIS C 226 13.70 -11.39 -33.13
C HIS C 226 15.06 -10.98 -32.61
N LEU C 227 15.85 -10.30 -33.44
CA LEU C 227 17.13 -9.77 -33.01
C LEU C 227 16.95 -8.55 -32.11
N VAL C 228 15.91 -7.75 -32.39
CA VAL C 228 15.65 -6.55 -31.60
C VAL C 228 15.15 -6.94 -30.21
N SER C 229 14.30 -7.97 -30.14
CA SER C 229 13.81 -8.44 -28.84
C SER C 229 14.91 -9.08 -28.02
N ALA C 230 15.96 -9.59 -28.68
CA ALA C 230 17.14 -10.03 -27.95
C ALA C 230 17.89 -8.84 -27.35
N THR C 231 17.77 -7.67 -27.97
CA THR C 231 18.37 -6.46 -27.43
C THR C 231 17.41 -5.69 -26.52
N MET C 232 16.11 -5.79 -26.80
CA MET C 232 15.12 -5.17 -25.91
C MET C 232 15.08 -5.86 -24.56
N SER C 233 14.96 -7.18 -24.55
CA SER C 233 14.97 -7.93 -23.30
C SER C 233 16.37 -8.09 -22.75
N GLY C 234 17.39 -7.83 -23.57
CA GLY C 234 18.76 -7.94 -23.07
C GLY C 234 19.13 -6.82 -22.12
N VAL C 235 18.44 -5.69 -22.22
CA VAL C 235 18.75 -4.53 -21.38
C VAL C 235 17.92 -4.56 -20.11
N THR C 236 16.60 -4.65 -20.26
CA THR C 236 15.67 -4.39 -19.17
C THR C 236 15.59 -5.53 -18.15
N THR C 237 15.96 -6.76 -18.51
CA THR C 237 15.93 -7.85 -17.55
C THR C 237 17.09 -7.78 -16.56
N CYS C 238 18.16 -7.06 -16.89
CA CYS C 238 19.23 -6.83 -15.94
C CYS C 238 18.80 -5.93 -14.78
N LEU C 239 17.80 -5.09 -15.00
CA LEU C 239 17.12 -4.42 -13.90
C LEU C 239 16.39 -5.42 -13.02
N ARG C 240 15.92 -6.52 -13.62
CA ARG C 240 15.09 -7.48 -12.92
C ARG C 240 15.92 -8.58 -12.26
N PHE C 241 16.75 -9.25 -13.06
CA PHE C 241 17.54 -10.38 -12.57
C PHE C 241 18.72 -9.89 -11.73
N PRO C 242 19.12 -10.67 -10.72
CA PRO C 242 20.22 -10.25 -9.84
C PRO C 242 21.57 -10.33 -10.54
N GLY C 243 22.54 -9.60 -10.00
CA GLY C 243 23.89 -9.63 -10.50
C GLY C 243 24.82 -8.88 -9.57
N GLN C 244 26.10 -8.91 -9.90
CA GLN C 244 27.10 -8.16 -9.13
C GLN C 244 27.06 -6.67 -9.44
N LEU C 245 26.84 -6.31 -10.70
CA LEU C 245 26.61 -4.94 -11.11
C LEU C 245 25.17 -4.89 -11.60
N ASN C 246 24.23 -4.71 -10.68
CA ASN C 246 22.84 -4.54 -11.02
C ASN C 246 22.63 -3.13 -11.56
N ALA C 247 22.37 -3.05 -12.86
CA ALA C 247 22.31 -1.78 -13.57
C ALA C 247 20.85 -1.39 -13.75
N ASP C 248 20.38 -0.47 -12.91
CA ASP C 248 19.10 0.16 -13.13
C ASP C 248 19.17 1.01 -14.38
N LEU C 249 18.04 1.10 -15.09
CA LEU C 249 17.98 1.98 -16.26
C LEU C 249 18.01 3.43 -15.83
N ARG C 250 17.51 3.73 -14.63
CA ARG C 250 17.63 5.09 -14.11
C ARG C 250 19.03 5.37 -13.62
N LYS C 251 19.74 4.34 -13.12
CA LYS C 251 21.18 4.45 -12.96
C LYS C 251 21.87 4.60 -14.30
N LEU C 252 21.35 3.91 -15.33
CA LEU C 252 21.93 4.01 -16.65
C LEU C 252 21.63 5.36 -17.29
N ALA C 253 20.47 5.93 -16.95
CA ALA C 253 20.10 7.24 -17.48
C ALA C 253 20.99 8.34 -16.93
N VAL C 254 21.48 8.18 -15.69
CA VAL C 254 22.41 9.17 -15.15
C VAL C 254 23.77 9.05 -15.81
N ASN C 255 24.28 7.83 -15.92
CA ASN C 255 25.65 7.60 -16.39
C ASN C 255 25.83 7.80 -17.89
N MET C 256 24.77 7.68 -18.68
CA MET C 256 24.93 7.76 -20.13
C MET C 256 24.59 9.13 -20.69
N VAL C 257 23.82 9.94 -19.97
CA VAL C 257 23.24 11.16 -20.48
C VAL C 257 23.94 12.34 -19.80
N PRO C 258 24.80 13.09 -20.50
CA PRO C 258 25.42 14.27 -19.87
C PRO C 258 24.58 15.54 -19.98
N PHE C 259 23.70 15.63 -20.97
CA PHE C 259 22.85 16.79 -21.16
C PHE C 259 21.47 16.24 -21.45
N PRO C 260 20.42 16.78 -20.82
CA PRO C 260 19.09 16.14 -20.88
C PRO C 260 18.45 16.07 -22.26
N ARG C 261 18.93 16.88 -23.22
CA ARG C 261 18.51 16.77 -24.60
C ARG C 261 19.37 15.80 -25.40
N LEU C 262 20.50 15.37 -24.87
CA LEU C 262 21.41 14.45 -25.54
C LEU C 262 21.16 13.06 -24.94
N HIS C 263 20.17 12.36 -25.48
CA HIS C 263 19.67 11.12 -24.89
C HIS C 263 19.39 10.08 -25.97
N PHE C 264 20.29 9.95 -26.93
CA PHE C 264 20.12 9.05 -28.06
C PHE C 264 21.19 7.96 -28.01
N PHE C 265 20.76 6.71 -28.09
CA PHE C 265 21.62 5.57 -27.82
C PHE C 265 21.82 4.72 -29.06
N MET C 266 23.00 4.09 -29.14
CA MET C 266 23.35 3.18 -30.21
C MET C 266 23.38 1.75 -29.69
N PRO C 267 22.32 0.98 -29.89
CA PRO C 267 22.30 -0.39 -29.37
C PRO C 267 23.14 -1.34 -30.20
N GLY C 268 23.62 -2.39 -29.55
CA GLY C 268 24.40 -3.42 -30.21
C GLY C 268 24.24 -4.74 -29.51
N PHE C 269 24.26 -5.81 -30.30
CA PHE C 269 24.11 -7.17 -29.79
C PHE C 269 25.42 -7.92 -30.00
N ALA C 270 26.00 -8.42 -28.92
CA ALA C 270 27.34 -8.99 -29.01
C ALA C 270 27.42 -10.42 -29.53
N PRO C 271 26.65 -11.45 -29.02
CA PRO C 271 26.93 -12.82 -29.52
C PRO C 271 26.32 -13.09 -30.89
N LEU C 272 26.81 -12.39 -31.91
CA LEU C 272 26.34 -12.57 -33.27
C LEU C 272 27.28 -13.49 -34.03
N THR C 273 26.78 -14.69 -34.35
CA THR C 273 27.52 -15.64 -35.15
C THR C 273 26.55 -16.54 -35.89
N SER C 274 26.96 -17.00 -37.07
CA SER C 274 26.15 -17.92 -37.83
C SER C 274 26.34 -19.35 -37.32
N ARG C 275 25.59 -20.28 -37.92
CA ARG C 275 25.64 -21.66 -37.46
C ARG C 275 26.80 -22.42 -38.10
N GLY C 276 27.45 -21.82 -39.10
CA GLY C 276 28.65 -22.43 -39.66
C GLY C 276 29.87 -22.20 -38.79
N SER C 277 29.98 -21.01 -38.20
CA SER C 277 31.07 -20.74 -37.27
C SER C 277 30.70 -21.14 -35.84
N GLN C 278 29.57 -21.82 -35.67
CA GLN C 278 29.20 -22.38 -34.38
C GLN C 278 30.19 -23.43 -33.92
N GLN C 279 30.74 -24.19 -34.86
CA GLN C 279 31.82 -25.14 -34.57
C GLN C 279 33.19 -24.52 -34.69
N TYR C 280 33.28 -23.22 -34.96
CA TYR C 280 34.55 -22.56 -35.19
C TYR C 280 34.94 -21.55 -34.12
N ARG C 281 34.01 -21.07 -33.31
CA ARG C 281 34.24 -19.90 -32.47
C ARG C 281 34.16 -20.28 -31.01
N ALA C 282 35.10 -19.75 -30.21
CA ALA C 282 35.03 -19.85 -28.77
C ALA C 282 34.38 -18.60 -28.18
N LEU C 283 33.57 -18.80 -27.14
CA LEU C 283 32.78 -17.73 -26.54
C LEU C 283 33.51 -17.22 -25.32
N THR C 284 34.30 -16.15 -25.50
CA THR C 284 35.03 -15.51 -24.40
C THR C 284 34.64 -14.05 -24.33
N VAL C 285 35.03 -13.42 -23.23
CA VAL C 285 34.85 -11.98 -23.01
C VAL C 285 35.66 -11.14 -24.01
N PRO C 286 36.94 -11.42 -24.34
CA PRO C 286 37.57 -10.65 -25.43
C PRO C 286 36.96 -10.90 -26.80
N GLU C 287 36.30 -12.04 -27.00
CA GLU C 287 35.67 -12.32 -28.28
C GLU C 287 34.44 -11.43 -28.49
N LEU C 288 33.69 -11.19 -27.43
CA LEU C 288 32.46 -10.40 -27.56
C LEU C 288 32.75 -8.91 -27.67
N THR C 289 33.74 -8.42 -26.90
CA THR C 289 34.13 -7.02 -26.99
C THR C 289 34.78 -6.70 -28.33
N GLN C 290 35.39 -7.71 -28.95
CA GLN C 290 35.81 -7.59 -30.35
C GLN C 290 34.62 -7.33 -31.25
N GLN C 291 33.49 -7.98 -30.97
CA GLN C 291 32.29 -7.79 -31.76
C GLN C 291 31.42 -6.65 -31.23
N MET C 292 31.63 -6.24 -29.97
CA MET C 292 30.99 -5.03 -29.48
C MET C 292 31.61 -3.80 -30.13
N PHE C 293 32.92 -3.84 -30.38
CA PHE C 293 33.58 -2.71 -31.02
C PHE C 293 33.33 -2.72 -32.53
N ASP C 294 32.86 -3.85 -33.06
CA ASP C 294 32.59 -4.00 -34.48
C ASP C 294 31.45 -3.08 -34.91
N ALA C 295 31.72 -2.24 -35.91
CA ALA C 295 30.71 -1.31 -36.41
C ALA C 295 29.64 -2.03 -37.21
N LYS C 296 29.93 -3.23 -37.71
CA LYS C 296 28.98 -4.00 -38.48
C LYS C 296 27.86 -4.60 -37.63
N ASN C 297 28.06 -4.68 -36.31
CA ASN C 297 27.07 -5.22 -35.41
C ASN C 297 26.19 -4.15 -34.79
N MET C 298 26.19 -2.94 -35.37
CA MET C 298 25.40 -1.84 -34.83
C MET C 298 24.01 -1.82 -35.46
N MET C 299 23.02 -1.46 -34.65
CA MET C 299 21.62 -1.47 -35.07
C MET C 299 21.20 -0.19 -35.76
N ALA C 300 22.12 0.74 -35.99
CA ALA C 300 21.85 1.97 -36.71
C ALA C 300 22.94 2.21 -37.72
N ALA C 301 22.56 2.77 -38.87
CA ALA C 301 23.49 2.99 -39.98
C ALA C 301 24.34 4.24 -39.70
N CYS C 302 25.39 4.03 -38.91
CA CYS C 302 26.32 5.09 -38.54
C CYS C 302 27.74 4.54 -38.55
N ASP C 303 28.71 5.44 -38.66
CA ASP C 303 30.12 5.05 -38.56
C ASP C 303 30.65 5.51 -37.21
N PRO C 304 30.75 4.63 -36.23
CA PRO C 304 31.32 5.03 -34.92
C PRO C 304 32.81 5.26 -34.96
N ARG C 305 33.50 4.78 -35.99
CA ARG C 305 34.90 5.14 -36.23
C ARG C 305 35.04 6.53 -36.82
N HIS C 306 33.95 7.13 -37.29
CA HIS C 306 33.94 8.53 -37.68
C HIS C 306 33.49 9.43 -36.54
N GLY C 307 32.50 9.00 -35.76
CA GLY C 307 32.07 9.73 -34.59
C GLY C 307 32.96 9.47 -33.40
N ARG C 308 32.61 10.13 -32.30
CA ARG C 308 33.34 9.99 -31.04
C ARG C 308 32.38 9.62 -29.93
N TYR C 309 32.78 8.66 -29.10
CA TYR C 309 31.90 8.10 -28.08
C TYR C 309 31.74 9.08 -26.92
N LEU C 310 30.50 9.51 -26.69
CA LEU C 310 30.18 10.24 -25.47
C LEU C 310 30.23 9.32 -24.26
N THR C 311 29.33 8.32 -24.23
CA THR C 311 29.27 7.33 -23.16
C THR C 311 29.03 5.96 -23.78
N VAL C 312 29.47 4.91 -23.08
CA VAL C 312 29.34 3.53 -23.53
C VAL C 312 28.80 2.70 -22.37
N ALA C 313 27.74 1.94 -22.63
CA ALA C 313 27.23 0.97 -21.68
C ALA C 313 27.53 -0.44 -22.15
N ALA C 314 28.00 -1.28 -21.23
CA ALA C 314 28.39 -2.67 -21.53
C ALA C 314 27.51 -3.59 -20.71
N VAL C 315 26.36 -3.95 -21.27
CA VAL C 315 25.44 -4.89 -20.61
C VAL C 315 25.93 -6.30 -20.84
N PHE C 316 26.16 -7.04 -19.76
CA PHE C 316 26.72 -8.39 -19.81
C PHE C 316 25.76 -9.38 -19.19
N ARG C 317 25.77 -10.61 -19.70
CA ARG C 317 24.96 -11.70 -19.18
C ARG C 317 25.81 -12.95 -19.10
N GLY C 318 25.81 -13.60 -17.94
CA GLY C 318 26.50 -14.85 -17.75
C GLY C 318 27.41 -14.84 -16.53
N ARG C 319 27.98 -16.01 -16.27
CA ARG C 319 28.89 -16.23 -15.15
C ARG C 319 30.29 -15.80 -15.58
N MET C 320 30.61 -14.54 -15.32
CA MET C 320 31.87 -13.94 -15.75
C MET C 320 32.69 -13.52 -14.55
N SER C 321 34.01 -13.54 -14.72
CA SER C 321 34.90 -13.07 -13.67
C SER C 321 35.11 -11.57 -13.80
N MET C 322 35.27 -10.91 -12.65
CA MET C 322 35.40 -9.45 -12.66
C MET C 322 36.76 -9.02 -13.20
N LYS C 323 37.77 -9.89 -13.12
CA LYS C 323 39.09 -9.58 -13.65
C LYS C 323 39.07 -9.54 -15.18
N GLU C 324 38.46 -10.54 -15.81
CA GLU C 324 38.44 -10.62 -17.27
C GLU C 324 37.57 -9.52 -17.85
N VAL C 325 36.55 -9.09 -17.12
CA VAL C 325 35.70 -7.99 -17.56
C VAL C 325 36.46 -6.68 -17.52
N ASP C 326 37.08 -6.37 -16.39
CA ASP C 326 37.67 -5.05 -16.18
C ASP C 326 38.93 -4.85 -17.02
N GLU C 327 39.71 -5.92 -17.20
CA GLU C 327 40.93 -5.81 -18.00
C GLU C 327 40.63 -5.67 -19.48
N GLN C 328 39.60 -6.38 -19.97
CA GLN C 328 39.21 -6.27 -21.37
C GLN C 328 38.54 -4.93 -21.64
N MET C 329 37.80 -4.40 -20.67
CA MET C 329 37.21 -3.08 -20.79
C MET C 329 38.28 -2.00 -20.87
N LEU C 330 39.40 -2.21 -20.17
CA LEU C 330 40.46 -1.22 -20.15
C LEU C 330 41.25 -1.24 -21.46
N ASN C 331 41.44 -2.43 -22.04
CA ASN C 331 42.31 -2.57 -23.20
C ASN C 331 41.69 -1.94 -24.45
N VAL C 332 40.36 -1.93 -24.53
CA VAL C 332 39.69 -1.22 -25.62
C VAL C 332 39.87 0.29 -25.43
N GLN C 333 39.80 0.75 -24.18
CA GLN C 333 40.12 2.14 -23.88
C GLN C 333 41.59 2.45 -24.12
N ASN C 334 42.47 1.46 -23.95
CA ASN C 334 43.88 1.66 -24.26
C ASN C 334 44.10 1.70 -25.76
N LYS C 335 43.22 1.05 -26.53
CA LYS C 335 43.44 0.91 -27.96
C LYS C 335 42.85 2.09 -28.73
N ASN C 336 41.60 2.46 -28.44
CA ASN C 336 40.84 3.36 -29.27
C ASN C 336 40.32 4.53 -28.44
N SER C 337 41.23 5.15 -27.69
CA SER C 337 40.88 6.32 -26.89
C SER C 337 40.64 7.55 -27.75
N SER C 338 41.08 7.54 -29.02
CA SER C 338 40.85 8.68 -29.90
C SER C 338 39.39 8.81 -30.30
N TYR C 339 38.60 7.74 -30.17
CA TYR C 339 37.17 7.78 -30.48
C TYR C 339 36.34 8.09 -29.25
N PHE C 340 36.96 8.65 -28.22
CA PHE C 340 36.31 9.01 -26.97
C PHE C 340 36.28 10.52 -26.82
N VAL C 341 35.46 11.00 -25.89
CA VAL C 341 35.55 12.41 -25.51
C VAL C 341 36.75 12.61 -24.60
N GLU C 342 37.26 13.84 -24.56
CA GLU C 342 38.53 14.09 -23.90
C GLU C 342 38.35 14.19 -22.39
N TRP C 343 37.32 14.90 -21.94
CA TRP C 343 37.19 15.31 -20.55
C TRP C 343 36.69 14.21 -19.63
N ILE C 344 36.49 13.00 -20.11
CA ILE C 344 36.12 11.86 -19.26
C ILE C 344 37.11 10.73 -19.54
N PRO C 345 37.80 10.22 -18.53
CA PRO C 345 38.73 9.10 -18.76
C PRO C 345 38.04 7.75 -18.92
N ASN C 346 36.94 7.50 -18.20
CA ASN C 346 36.24 6.23 -18.29
C ASN C 346 34.89 6.51 -18.95
N ASN C 347 34.85 6.39 -20.27
CA ASN C 347 33.63 6.56 -21.04
C ASN C 347 32.82 5.28 -21.18
N VAL C 348 33.22 4.20 -20.50
CA VAL C 348 32.54 2.92 -20.62
C VAL C 348 31.98 2.53 -19.26
N LYS C 349 30.68 2.32 -19.19
CA LYS C 349 30.01 1.80 -18.01
C LYS C 349 29.91 0.28 -18.12
N THR C 350 30.37 -0.41 -17.10
CA THR C 350 30.24 -1.86 -17.04
C THR C 350 28.94 -2.25 -16.35
N ALA C 351 28.33 -3.34 -16.83
CA ALA C 351 27.07 -3.83 -16.27
C ALA C 351 27.06 -5.35 -16.43
N VAL C 352 27.44 -6.04 -15.36
CA VAL C 352 27.54 -7.50 -15.35
C VAL C 352 26.34 -8.05 -14.59
N CYS C 353 25.57 -8.90 -15.25
CA CYS C 353 24.48 -9.63 -14.61
C CYS C 353 24.93 -11.07 -14.37
N ASP C 354 24.68 -11.57 -13.16
CA ASP C 354 25.11 -12.92 -12.82
C ASP C 354 24.24 -13.98 -13.49
N ILE C 355 23.03 -13.64 -13.87
CA ILE C 355 22.08 -14.64 -14.37
C ILE C 355 22.37 -14.89 -15.85
N PRO C 356 22.75 -16.10 -16.23
CA PRO C 356 23.10 -16.38 -17.63
C PRO C 356 21.85 -16.50 -18.48
N PRO C 357 21.96 -16.28 -19.79
CA PRO C 357 20.81 -16.50 -20.67
C PRO C 357 20.58 -17.99 -20.92
N ARG C 358 19.46 -18.27 -21.59
CA ARG C 358 19.12 -19.64 -21.91
C ARG C 358 19.80 -20.08 -23.19
N GLY C 359 20.40 -21.27 -23.17
CA GLY C 359 21.13 -21.76 -24.33
C GLY C 359 22.55 -21.24 -24.38
N LEU C 360 22.71 -19.93 -24.52
CA LEU C 360 24.04 -19.33 -24.47
C LEU C 360 24.56 -19.32 -23.04
N LYS C 361 25.84 -19.66 -22.90
CA LYS C 361 26.50 -19.53 -21.62
C LYS C 361 26.84 -18.08 -21.32
N MET C 362 27.23 -17.32 -22.33
CA MET C 362 27.54 -15.91 -22.20
C MET C 362 26.85 -15.13 -23.31
N SER C 363 26.31 -13.97 -22.94
CA SER C 363 25.73 -13.05 -23.90
C SER C 363 25.98 -11.65 -23.42
N ALA C 364 25.93 -10.68 -24.34
CA ALA C 364 26.18 -9.31 -23.97
C ALA C 364 25.42 -8.38 -24.89
N THR C 365 25.21 -7.15 -24.43
CA THR C 365 24.49 -6.13 -25.18
C THR C 365 25.27 -4.84 -25.13
N PHE C 366 25.56 -4.29 -26.31
CA PHE C 366 26.26 -3.02 -26.44
C PHE C 366 25.25 -1.88 -26.49
N ILE C 367 25.54 -0.81 -25.74
CA ILE C 367 24.85 0.46 -25.87
C ILE C 367 25.91 1.54 -25.96
N GLY C 368 25.88 2.30 -27.05
CA GLY C 368 26.84 3.36 -27.26
C GLY C 368 26.15 4.70 -27.46
N ASN C 369 26.93 5.75 -27.25
CA ASN C 369 26.49 7.12 -27.49
C ASN C 369 27.61 7.82 -28.25
N SER C 370 27.46 7.96 -29.55
CA SER C 370 28.50 8.53 -30.39
C SER C 370 28.01 9.85 -30.99
N THR C 371 28.96 10.58 -31.59
CA THR C 371 28.60 11.81 -32.28
C THR C 371 28.24 11.56 -33.74
N ALA C 372 28.22 10.30 -34.17
CA ALA C 372 27.86 10.00 -35.56
C ALA C 372 26.36 9.80 -35.71
N ILE C 373 25.59 10.03 -34.66
CA ILE C 373 24.13 9.90 -34.73
C ILE C 373 23.55 11.01 -35.59
N GLN C 374 24.22 12.16 -35.65
CA GLN C 374 23.78 13.28 -36.46
C GLN C 374 23.88 13.02 -37.95
N GLU C 375 24.61 11.97 -38.36
CA GLU C 375 24.71 11.61 -39.77
C GLU C 375 23.36 11.20 -40.35
N LEU C 376 22.64 10.32 -39.63
CA LEU C 376 21.28 9.98 -40.05
C LEU C 376 20.33 11.15 -39.85
N PHE C 377 20.66 12.05 -38.93
CA PHE C 377 19.84 13.25 -38.74
C PHE C 377 19.99 14.21 -39.90
N LYS C 378 21.15 14.17 -40.57
CA LYS C 378 21.31 14.95 -41.79
C LYS C 378 20.55 14.32 -42.95
N ARG C 379 20.32 12.99 -42.88
CA ARG C 379 19.56 12.34 -43.94
C ARG C 379 18.10 12.75 -43.91
N ILE C 380 17.58 13.04 -42.71
CA ILE C 380 16.21 13.50 -42.59
C ILE C 380 16.10 14.95 -43.02
N SER C 381 17.05 15.78 -42.57
CA SER C 381 16.95 17.23 -42.75
C SER C 381 17.17 17.63 -44.20
N GLU C 382 18.10 16.98 -44.90
CA GLU C 382 18.36 17.31 -46.29
C GLU C 382 17.20 16.84 -47.19
N GLN C 383 16.57 15.73 -46.81
CA GLN C 383 15.33 15.35 -47.49
C GLN C 383 14.18 16.28 -47.09
N PHE C 384 14.27 16.88 -45.90
CA PHE C 384 13.22 17.80 -45.47
C PHE C 384 13.30 19.12 -46.23
N THR C 385 14.51 19.64 -46.44
CA THR C 385 14.67 20.94 -47.09
C THR C 385 14.26 20.90 -48.55
N ALA C 386 14.41 19.74 -49.20
CA ALA C 386 13.90 19.59 -50.56
C ALA C 386 12.37 19.56 -50.56
N MET C 387 11.78 18.84 -49.60
CA MET C 387 10.33 18.69 -49.55
C MET C 387 9.64 19.97 -49.08
N PHE C 388 10.32 20.76 -48.23
CA PHE C 388 9.67 21.91 -47.61
C PHE C 388 9.47 23.04 -48.61
N ARG C 389 10.30 23.10 -49.66
CA ARG C 389 10.20 24.18 -50.63
C ARG C 389 9.03 23.99 -51.57
N ARG C 390 8.93 22.82 -52.20
CA ARG C 390 7.96 22.60 -53.26
C ARG C 390 6.58 22.22 -52.74
N LYS C 391 6.47 21.99 -51.43
CA LYS C 391 5.22 21.78 -50.70
C LYS C 391 4.44 20.59 -51.24
N ALA C 392 5.16 19.52 -51.58
CA ALA C 392 4.52 18.34 -52.17
C ALA C 392 3.74 17.58 -51.11
N PHE C 393 2.48 17.28 -51.42
CA PHE C 393 1.48 16.67 -50.53
C PHE C 393 1.32 17.43 -49.22
N LEU C 394 1.51 18.76 -49.26
CA LEU C 394 1.38 19.56 -48.06
C LEU C 394 -0.07 19.92 -47.82
N HIS C 395 -0.88 19.96 -48.87
CA HIS C 395 -2.29 20.32 -48.76
C HIS C 395 -3.10 19.25 -48.01
N TRP C 396 -2.57 18.04 -47.92
CA TRP C 396 -3.18 17.02 -47.06
C TRP C 396 -3.06 17.41 -45.59
N TYR C 397 -1.84 17.75 -45.15
CA TYR C 397 -1.64 18.22 -43.77
C TYR C 397 -2.14 19.64 -43.57
N THR C 398 -2.25 20.43 -44.65
CA THR C 398 -2.77 21.79 -44.51
C THR C 398 -4.27 21.77 -44.23
N GLY C 399 -4.98 20.80 -44.82
CA GLY C 399 -6.39 20.64 -44.50
C GLY C 399 -6.60 20.12 -43.09
N GLU C 400 -5.57 19.49 -42.51
CA GLU C 400 -5.67 19.05 -41.12
C GLU C 400 -5.53 20.22 -40.15
N GLY C 401 -4.83 21.28 -40.55
CA GLY C 401 -4.71 22.47 -39.73
C GLY C 401 -3.31 22.75 -39.22
N MET C 402 -2.29 22.42 -40.02
CA MET C 402 -0.90 22.59 -39.62
C MET C 402 -0.30 23.85 -40.23
N ASP C 403 0.70 24.41 -39.57
CA ASP C 403 1.32 25.65 -40.01
C ASP C 403 2.76 25.40 -40.45
N GLU C 404 3.21 26.20 -41.42
CA GLU C 404 4.54 26.01 -41.99
C GLU C 404 5.64 26.52 -41.07
N MET C 405 5.36 27.57 -40.29
CA MET C 405 6.38 28.07 -39.36
C MET C 405 6.53 27.15 -38.17
N GLU C 406 5.50 26.35 -37.88
CA GLU C 406 5.65 25.26 -36.91
C GLU C 406 6.62 24.21 -37.43
N PHE C 407 6.64 24.00 -38.74
CA PHE C 407 7.55 23.04 -39.34
C PHE C 407 8.99 23.54 -39.32
N THR C 408 9.16 24.86 -39.46
CA THR C 408 10.49 25.45 -39.39
C THR C 408 11.05 25.37 -37.98
N GLU C 409 10.18 25.51 -36.98
CA GLU C 409 10.59 25.34 -35.59
C GLU C 409 11.01 23.91 -35.30
N ALA C 410 10.30 22.95 -35.89
CA ALA C 410 10.75 21.55 -35.83
C ALA C 410 12.04 21.36 -36.61
N GLU C 411 12.20 22.11 -37.71
CA GLU C 411 13.44 22.07 -38.47
C GLU C 411 14.56 22.74 -37.68
N SER C 412 14.26 23.83 -36.99
CA SER C 412 15.25 24.52 -36.18
C SER C 412 15.67 23.68 -34.99
N ASN C 413 14.73 22.94 -34.41
CA ASN C 413 15.05 21.99 -33.35
C ASN C 413 15.91 20.86 -33.89
N MET C 414 15.67 20.45 -35.14
CA MET C 414 16.59 19.51 -35.78
C MET C 414 17.92 20.17 -36.08
N ASN C 415 17.89 21.47 -36.43
CA ASN C 415 19.14 22.20 -36.62
C ASN C 415 19.86 22.42 -35.29
N ASP C 416 19.11 22.54 -34.20
CA ASP C 416 19.73 22.65 -32.88
C ASP C 416 20.34 21.32 -32.47
N LEU C 417 19.66 20.21 -32.77
CA LEU C 417 20.08 18.89 -32.32
C LEU C 417 21.41 18.47 -32.95
N VAL C 418 21.60 18.82 -34.22
CA VAL C 418 22.87 18.54 -34.89
C VAL C 418 23.97 19.42 -34.31
N SER C 419 23.65 20.69 -34.04
CA SER C 419 24.65 21.63 -33.52
C SER C 419 25.02 21.31 -32.07
N GLU C 420 24.13 20.66 -31.33
CA GLU C 420 24.48 20.22 -29.98
C GLU C 420 25.52 19.11 -30.02
N TYR C 421 25.41 18.20 -30.98
CA TYR C 421 26.47 17.21 -31.19
C TYR C 421 27.76 17.87 -31.65
N GLN C 422 27.66 18.97 -32.40
CA GLN C 422 28.86 19.65 -32.90
C GLN C 422 29.62 20.34 -31.77
N GLN C 423 28.91 20.73 -30.71
CA GLN C 423 29.58 21.36 -29.58
C GLN C 423 30.41 20.35 -28.80
N TYR C 424 29.98 19.10 -28.75
CA TYR C 424 30.69 18.07 -28.00
C TYR C 424 31.41 17.06 -28.88
N GLN C 425 31.31 17.18 -30.20
CA GLN C 425 32.16 16.36 -31.06
C GLN C 425 33.61 16.79 -30.95
N ASP C 426 33.90 18.03 -31.29
CA ASP C 426 35.23 18.59 -31.15
C ASP C 426 35.16 19.92 -30.42
N ARG D 1 -17.58 -14.62 46.62
CA ARG D 1 -16.39 -14.90 45.83
C ARG D 1 -16.74 -15.19 44.36
N GLU D 2 -17.78 -14.53 43.85
CA GLU D 2 -18.29 -14.80 42.51
C GLU D 2 -18.71 -13.50 41.84
N CYS D 3 -18.81 -13.55 40.52
CA CYS D 3 -19.29 -12.43 39.72
C CYS D 3 -19.87 -12.95 38.41
N ILE D 4 -20.60 -12.07 37.72
CA ILE D 4 -21.37 -12.43 36.54
C ILE D 4 -20.92 -11.56 35.38
N SER D 5 -20.71 -12.18 34.21
CA SER D 5 -20.38 -11.47 32.99
C SER D 5 -21.67 -11.12 32.26
N ILE D 6 -21.73 -9.92 31.69
CA ILE D 6 -22.92 -9.43 30.99
C ILE D 6 -22.52 -9.04 29.57
N HIS D 7 -23.32 -9.46 28.59
CA HIS D 7 -23.04 -9.24 27.18
C HIS D 7 -24.29 -8.65 26.54
N VAL D 8 -24.22 -7.36 26.18
CA VAL D 8 -25.36 -6.63 25.64
C VAL D 8 -25.01 -6.16 24.23
N GLY D 9 -25.87 -6.49 23.27
CA GLY D 9 -25.68 -6.09 21.89
C GLY D 9 -24.97 -7.14 21.06
N GLN D 10 -24.84 -6.83 19.77
CA GLN D 10 -24.14 -7.74 18.87
C GLN D 10 -22.64 -7.72 19.14
N ALA D 11 -22.13 -6.62 19.69
CA ALA D 11 -20.71 -6.50 19.96
C ALA D 11 -20.28 -7.38 21.13
N GLY D 12 -20.99 -7.29 22.25
CA GLY D 12 -20.50 -7.91 23.47
C GLY D 12 -20.69 -9.41 23.52
N VAL D 13 -21.72 -9.90 22.82
CA VAL D 13 -21.96 -11.34 22.78
C VAL D 13 -20.89 -12.05 21.95
N GLN D 14 -20.48 -11.42 20.84
CA GLN D 14 -19.41 -11.98 20.02
C GLN D 14 -18.07 -11.94 20.74
N ILE D 15 -17.92 -11.01 21.69
CA ILE D 15 -16.80 -11.08 22.62
C ILE D 15 -16.96 -12.27 23.55
N GLY D 16 -18.17 -12.44 24.11
CA GLY D 16 -18.38 -13.49 25.09
C GLY D 16 -18.49 -14.88 24.49
N ASN D 17 -18.66 -14.95 23.17
CA ASN D 17 -18.57 -16.24 22.49
C ASN D 17 -17.15 -16.78 22.54
N ALA D 18 -16.17 -15.89 22.59
CA ALA D 18 -14.78 -16.32 22.69
C ALA D 18 -14.34 -16.44 24.15
N CYS D 19 -14.85 -15.57 25.02
CA CYS D 19 -14.31 -15.46 26.38
C CYS D 19 -14.67 -16.66 27.24
N TRP D 20 -15.87 -17.20 27.05
CA TRP D 20 -16.23 -18.39 27.81
C TRP D 20 -15.56 -19.64 27.25
N GLU D 21 -15.18 -19.60 25.96
CA GLU D 21 -14.29 -20.62 25.42
C GLU D 21 -12.89 -20.48 26.01
N LEU D 22 -12.46 -19.25 26.23
CA LEU D 22 -11.20 -18.98 26.92
C LEU D 22 -11.27 -19.44 28.37
N TYR D 23 -12.44 -19.38 28.97
CA TYR D 23 -12.58 -19.82 30.36
C TYR D 23 -12.63 -21.35 30.44
N CYS D 24 -13.05 -22.01 29.36
CA CYS D 24 -12.91 -23.46 29.29
C CYS D 24 -11.46 -23.86 29.09
N LEU D 25 -10.66 -22.97 28.52
CA LEU D 25 -9.23 -23.24 28.33
C LEU D 25 -8.49 -23.13 29.65
N GLU D 26 -9.09 -22.47 30.64
CA GLU D 26 -8.42 -22.24 31.92
C GLU D 26 -8.26 -23.53 32.71
N HIS D 27 -9.15 -24.50 32.49
CA HIS D 27 -9.06 -25.77 33.20
C HIS D 27 -9.24 -26.97 32.29
N GLY D 28 -9.33 -26.77 30.98
CA GLY D 28 -9.55 -27.87 30.05
C GLY D 28 -10.95 -28.41 30.17
N ILE D 29 -11.93 -27.52 30.16
CA ILE D 29 -13.28 -27.85 30.56
C ILE D 29 -14.03 -28.43 29.37
N GLN D 30 -14.71 -29.55 29.60
CA GLN D 30 -15.48 -30.24 28.58
C GLN D 30 -16.75 -29.44 28.25
N PRO D 31 -17.33 -29.64 27.06
CA PRO D 31 -18.54 -28.88 26.70
C PRO D 31 -19.79 -29.23 27.49
N ASP D 32 -19.78 -30.31 28.27
CA ASP D 32 -20.95 -30.63 29.09
C ASP D 32 -20.92 -29.99 30.47
N GLY D 33 -19.73 -29.67 30.97
CA GLY D 33 -19.57 -29.13 32.30
C GLY D 33 -18.65 -29.92 33.19
N GLN D 34 -18.08 -31.02 32.69
CA GLN D 34 -17.19 -31.85 33.50
C GLN D 34 -15.80 -31.24 33.55
N MET D 35 -15.32 -30.98 34.76
CA MET D 35 -14.00 -30.41 34.95
C MET D 35 -13.42 -30.84 36.30
N PRO D 36 -12.18 -31.30 36.33
CA PRO D 36 -11.49 -31.47 37.62
C PRO D 36 -10.94 -30.15 38.15
N SER D 37 -11.57 -29.62 39.19
CA SER D 37 -11.25 -28.35 39.84
C SER D 37 -11.21 -27.16 38.88
N PHE D 48 -12.85 -24.40 41.55
CA PHE D 48 -13.12 -23.20 40.76
C PHE D 48 -14.62 -22.94 40.61
N ASN D 49 -15.17 -22.14 41.51
CA ASN D 49 -16.51 -21.60 41.36
C ASN D 49 -16.45 -20.10 41.63
N THR D 50 -16.07 -19.35 40.60
CA THR D 50 -16.16 -17.89 40.60
C THR D 50 -16.97 -17.36 39.43
N PHE D 51 -16.71 -17.88 38.23
CA PHE D 51 -17.52 -17.63 37.05
C PHE D 51 -18.60 -18.67 36.86
N PHE D 52 -18.62 -19.70 37.71
CA PHE D 52 -19.43 -20.88 37.50
C PHE D 52 -20.33 -21.15 38.70
N SER D 53 -21.34 -21.98 38.45
CA SER D 53 -22.14 -22.60 39.48
C SER D 53 -22.14 -24.11 39.24
N GLU D 54 -21.77 -24.87 40.26
CA GLU D 54 -21.70 -26.31 40.15
C GLU D 54 -23.05 -26.94 40.44
N THR D 55 -23.48 -27.82 39.56
CA THR D 55 -24.72 -28.58 39.75
C THR D 55 -24.43 -29.86 40.52
N GLY D 56 -25.50 -30.61 40.81
CA GLY D 56 -25.37 -31.86 41.53
C GLY D 56 -24.70 -32.97 40.77
N ALA D 57 -24.73 -32.92 39.43
CA ALA D 57 -24.08 -33.93 38.62
C ALA D 57 -22.62 -33.61 38.32
N GLY D 58 -22.03 -32.64 39.00
CA GLY D 58 -20.66 -32.25 38.75
C GLY D 58 -20.47 -31.39 37.51
N LYS D 59 -21.54 -30.77 37.02
CA LYS D 59 -21.49 -29.95 35.82
C LYS D 59 -21.58 -28.49 36.20
N HIS D 60 -20.90 -27.64 35.45
CA HIS D 60 -20.83 -26.22 35.74
C HIS D 60 -21.49 -25.40 34.65
N VAL D 61 -22.24 -24.39 35.06
CA VAL D 61 -22.89 -23.48 34.12
C VAL D 61 -22.22 -22.12 34.25
N PRO D 62 -22.10 -21.36 33.16
CA PRO D 62 -21.49 -20.03 33.27
C PRO D 62 -22.38 -19.05 34.01
N ARG D 63 -21.74 -17.99 34.51
CA ARG D 63 -22.46 -16.83 35.05
C ARG D 63 -22.41 -15.76 33.96
N ALA D 64 -23.21 -15.97 32.91
CA ALA D 64 -23.16 -15.13 31.73
C ALA D 64 -24.55 -14.57 31.46
N VAL D 65 -24.59 -13.30 31.05
CA VAL D 65 -25.81 -12.62 30.67
C VAL D 65 -25.73 -12.29 29.19
N PHE D 66 -26.62 -12.88 28.40
CA PHE D 66 -26.61 -12.75 26.95
C PHE D 66 -27.80 -11.91 26.54
N VAL D 67 -27.53 -10.70 26.05
CA VAL D 67 -28.58 -9.73 25.72
C VAL D 67 -28.42 -9.31 24.27
N ASP D 68 -29.46 -9.56 23.47
CA ASP D 68 -29.60 -8.97 22.14
C ASP D 68 -31.08 -9.04 21.77
N LEU D 69 -31.61 -7.93 21.24
CA LEU D 69 -33.00 -7.87 20.81
C LEU D 69 -33.24 -8.58 19.49
N GLU D 70 -32.19 -8.89 18.75
CA GLU D 70 -32.28 -9.69 17.55
C GLU D 70 -32.05 -11.15 17.88
N PRO D 71 -32.91 -12.05 17.40
CA PRO D 71 -32.70 -13.48 17.70
C PRO D 71 -31.51 -14.09 16.98
N THR D 72 -31.00 -13.43 15.93
CA THR D 72 -30.02 -14.03 15.02
C THR D 72 -28.70 -14.34 15.72
N VAL D 73 -28.20 -13.39 16.51
CA VAL D 73 -26.98 -13.63 17.28
C VAL D 73 -27.24 -14.65 18.39
N ILE D 74 -28.46 -14.65 18.94
CA ILE D 74 -28.84 -15.64 19.94
C ILE D 74 -28.95 -17.03 19.29
N ASP D 75 -29.42 -17.08 18.04
CA ASP D 75 -29.50 -18.35 17.33
C ASP D 75 -28.11 -18.89 17.00
N GLU D 76 -27.13 -18.00 16.89
CA GLU D 76 -25.74 -18.45 16.71
C GLU D 76 -25.22 -19.12 17.98
N VAL D 77 -25.64 -18.63 19.15
CA VAL D 77 -25.12 -19.15 20.40
C VAL D 77 -25.77 -20.47 20.74
N ARG D 78 -27.10 -20.55 20.61
CA ARG D 78 -27.85 -21.71 21.07
C ARG D 78 -27.70 -22.92 20.16
N THR D 79 -27.16 -22.73 18.95
CA THR D 79 -27.04 -23.82 17.98
C THR D 79 -25.60 -24.23 17.72
N GLY D 80 -24.64 -23.60 18.39
CA GLY D 80 -23.24 -23.92 18.21
C GLY D 80 -22.72 -24.85 19.30
N THR D 81 -21.40 -24.84 19.46
CA THR D 81 -20.78 -25.60 20.52
C THR D 81 -21.02 -24.93 21.87
N TYR D 82 -20.71 -25.65 22.94
CA TYR D 82 -20.84 -25.26 24.35
C TYR D 82 -22.27 -24.92 24.75
N ARG D 83 -23.27 -25.33 23.98
CA ARG D 83 -24.66 -25.07 24.35
C ARG D 83 -25.14 -25.97 25.47
N GLN D 84 -24.43 -27.07 25.74
CA GLN D 84 -24.70 -27.87 26.92
C GLN D 84 -24.31 -27.15 28.19
N LEU D 85 -23.30 -26.29 28.13
CA LEU D 85 -22.96 -25.41 29.24
C LEU D 85 -24.04 -24.37 29.48
N PHE D 86 -24.61 -23.84 28.41
CA PHE D 86 -25.49 -22.67 28.48
C PHE D 86 -26.89 -23.08 28.88
N HIS D 87 -27.56 -22.19 29.60
CA HIS D 87 -28.91 -22.42 30.06
C HIS D 87 -29.86 -21.43 29.38
N PRO D 88 -31.11 -21.82 29.13
CA PRO D 88 -32.07 -20.85 28.57
C PRO D 88 -32.40 -19.67 29.47
N GLU D 89 -32.09 -19.77 30.77
CA GLU D 89 -32.11 -18.60 31.63
C GLU D 89 -31.07 -17.59 31.19
N GLN D 90 -29.89 -18.07 30.77
CA GLN D 90 -28.85 -17.19 30.25
C GLN D 90 -29.16 -16.66 28.86
N LEU D 91 -29.89 -17.43 28.06
CA LEU D 91 -30.19 -17.07 26.67
C LEU D 91 -31.42 -16.18 26.65
N ILE D 92 -31.19 -14.88 26.83
CA ILE D 92 -32.24 -13.88 26.76
C ILE D 92 -32.23 -13.26 25.37
N THR D 93 -33.33 -13.42 24.64
CA THR D 93 -33.46 -12.90 23.29
C THR D 93 -34.65 -11.97 23.20
N GLY D 94 -34.64 -11.11 22.19
CA GLY D 94 -35.75 -10.26 21.87
C GLY D 94 -36.47 -10.72 20.64
N LYS D 95 -37.40 -9.92 20.17
CA LYS D 95 -38.14 -10.27 18.96
C LYS D 95 -38.10 -9.16 17.92
N GLU D 96 -37.99 -7.91 18.35
CA GLU D 96 -37.97 -6.76 17.45
C GLU D 96 -36.65 -6.04 17.64
N ASP D 97 -36.06 -5.57 16.53
CA ASP D 97 -34.78 -4.87 16.57
C ASP D 97 -34.93 -3.52 17.26
N ALA D 98 -33.84 -3.01 17.82
CA ALA D 98 -33.78 -1.65 18.33
C ALA D 98 -33.55 -0.63 17.22
N ALA D 99 -33.32 -1.09 15.98
CA ALA D 99 -33.09 -0.28 14.79
C ALA D 99 -31.89 0.65 14.97
N ASN D 100 -30.86 0.13 15.64
CA ASN D 100 -29.60 0.81 15.94
C ASN D 100 -29.80 2.12 16.69
N ASN D 101 -30.78 2.17 17.59
CA ASN D 101 -31.20 3.42 18.21
C ASN D 101 -30.92 3.40 19.70
N TYR D 102 -30.54 4.56 20.24
CA TYR D 102 -30.41 4.72 21.67
C TYR D 102 -31.77 4.79 22.34
N ALA D 103 -32.71 5.54 21.76
CA ALA D 103 -33.99 5.79 22.40
C ALA D 103 -34.86 4.54 22.42
N ARG D 104 -34.76 3.70 21.37
CA ARG D 104 -35.50 2.45 21.39
C ARG D 104 -34.87 1.44 22.32
N GLY D 105 -33.54 1.43 22.42
CA GLY D 105 -32.88 0.53 23.36
C GLY D 105 -33.11 0.95 24.80
N HIS D 106 -33.03 2.26 25.07
CA HIS D 106 -33.21 2.74 26.44
C HIS D 106 -34.67 2.80 26.83
N TYR D 107 -35.53 3.31 25.95
CA TYR D 107 -36.88 3.62 26.38
C TYR D 107 -37.94 2.76 25.70
N THR D 108 -37.94 2.73 24.37
CA THR D 108 -39.11 2.22 23.65
C THR D 108 -39.17 0.70 23.64
N ILE D 109 -38.19 0.05 23.04
CA ILE D 109 -38.20 -1.39 22.88
C ILE D 109 -37.66 -2.09 24.11
N GLY D 110 -36.72 -1.45 24.81
CA GLY D 110 -36.04 -2.11 25.91
C GLY D 110 -36.87 -2.21 27.17
N LYS D 111 -37.97 -1.45 27.24
CA LYS D 111 -38.80 -1.46 28.45
C LYS D 111 -39.60 -2.75 28.60
N GLU D 112 -39.82 -3.48 27.52
CA GLU D 112 -40.58 -4.72 27.63
C GLU D 112 -39.69 -5.90 27.98
N ILE D 113 -38.38 -5.73 27.88
CA ILE D 113 -37.45 -6.82 28.12
C ILE D 113 -36.77 -6.68 29.48
N ILE D 114 -36.56 -5.44 29.93
CA ILE D 114 -35.84 -5.15 31.18
C ILE D 114 -36.57 -5.67 32.41
N ASP D 115 -37.89 -5.86 32.30
CA ASP D 115 -38.65 -6.45 33.40
C ASP D 115 -38.29 -7.92 33.58
N LEU D 116 -37.96 -8.60 32.48
CA LEU D 116 -37.49 -9.98 32.58
C LEU D 116 -36.01 -10.03 32.92
N VAL D 117 -35.22 -9.12 32.34
CA VAL D 117 -33.76 -9.17 32.47
C VAL D 117 -33.33 -8.88 33.90
N LEU D 118 -33.95 -7.87 34.52
CA LEU D 118 -33.67 -7.60 35.93
C LEU D 118 -34.19 -8.73 36.83
N ASP D 119 -35.23 -9.43 36.37
CA ASP D 119 -35.74 -10.56 37.13
C ASP D 119 -34.80 -11.76 37.04
N ARG D 120 -34.08 -11.89 35.92
CA ARG D 120 -33.14 -13.00 35.78
C ARG D 120 -31.90 -12.78 36.62
N ILE D 121 -31.45 -11.53 36.75
CA ILE D 121 -30.24 -11.23 37.49
C ILE D 121 -30.45 -11.47 38.98
N ARG D 122 -31.66 -11.16 39.47
CA ARG D 122 -31.97 -11.36 40.89
C ARG D 122 -32.08 -12.84 41.23
N LYS D 123 -32.36 -13.68 40.23
CA LYS D 123 -32.22 -15.13 40.42
C LYS D 123 -30.75 -15.49 40.60
N LEU D 124 -29.88 -14.98 39.72
CA LEU D 124 -28.49 -15.38 39.73
C LEU D 124 -27.74 -14.75 40.89
N ALA D 125 -28.12 -13.52 41.27
CA ALA D 125 -27.49 -12.89 42.42
C ALA D 125 -27.90 -13.57 43.71
N ASP D 126 -29.09 -14.15 43.73
CA ASP D 126 -29.49 -14.98 44.87
C ASP D 126 -28.68 -16.27 44.92
N GLN D 127 -28.27 -16.79 43.77
CA GLN D 127 -27.44 -17.98 43.71
C GLN D 127 -26.01 -17.73 44.14
N CYS D 128 -25.54 -16.48 44.10
CA CYS D 128 -24.17 -16.16 44.45
C CYS D 128 -24.04 -15.98 45.96
N THR D 129 -22.86 -16.34 46.47
CA THR D 129 -22.51 -16.21 47.88
C THR D 129 -21.25 -15.35 47.97
N GLY D 130 -21.43 -14.05 48.20
CA GLY D 130 -20.29 -13.15 48.21
C GLY D 130 -20.03 -12.52 46.86
N LEU D 131 -21.05 -11.86 46.30
CA LEU D 131 -20.94 -11.25 44.98
C LEU D 131 -19.94 -10.11 44.98
N GLN D 132 -19.00 -10.15 44.03
CA GLN D 132 -18.03 -9.07 43.91
C GLN D 132 -18.54 -7.96 43.01
N GLY D 133 -19.32 -8.30 42.01
CA GLY D 133 -19.83 -7.33 41.08
C GLY D 133 -20.12 -7.98 39.74
N PHE D 134 -19.87 -7.23 38.67
CA PHE D 134 -20.17 -7.68 37.33
C PHE D 134 -19.37 -6.87 36.31
N SER D 135 -19.39 -7.36 35.07
CA SER D 135 -18.78 -6.66 33.94
C SER D 135 -19.74 -6.73 32.76
N VAL D 136 -19.86 -5.62 32.03
CA VAL D 136 -20.78 -5.51 30.89
C VAL D 136 -19.96 -5.26 29.63
N PHE D 137 -20.22 -6.05 28.60
CA PHE D 137 -19.51 -5.93 27.32
C PHE D 137 -20.48 -5.38 26.28
N HIS D 138 -20.13 -4.24 25.68
CA HIS D 138 -20.99 -3.59 24.70
C HIS D 138 -20.17 -2.62 23.89
N SER D 139 -20.84 -1.78 23.12
CA SER D 139 -20.20 -0.73 22.35
C SER D 139 -20.74 0.64 22.77
N PHE D 140 -20.13 1.69 22.24
CA PHE D 140 -20.60 3.04 22.55
C PHE D 140 -21.66 3.53 21.58
N GLY D 141 -21.56 3.18 20.30
CA GLY D 141 -22.42 3.72 19.28
C GLY D 141 -23.52 2.84 18.76
N GLY D 142 -23.76 1.69 19.40
CA GLY D 142 -24.76 0.75 18.94
C GLY D 142 -26.17 1.15 19.32
N GLY D 143 -27.11 0.24 19.05
CA GLY D 143 -28.47 0.45 19.48
C GLY D 143 -28.79 -0.29 20.76
N THR D 144 -28.45 -1.58 20.77
CA THR D 144 -28.67 -2.39 21.96
C THR D 144 -27.58 -2.14 23.00
N GLY D 145 -26.33 -2.08 22.56
CA GLY D 145 -25.22 -1.91 23.49
C GLY D 145 -25.03 -0.49 23.99
N SER D 146 -25.85 0.46 23.54
CA SER D 146 -25.81 1.82 24.05
C SER D 146 -27.12 2.21 24.72
N GLY D 147 -28.26 1.91 24.08
CA GLY D 147 -29.54 2.26 24.66
C GLY D 147 -29.89 1.37 25.85
N PHE D 148 -29.92 0.06 25.63
CA PHE D 148 -30.34 -0.86 26.68
C PHE D 148 -29.28 -0.97 27.77
N THR D 149 -28.02 -0.73 27.41
CA THR D 149 -26.96 -0.67 28.41
C THR D 149 -27.16 0.52 29.33
N SER D 150 -27.57 1.66 28.76
CA SER D 150 -27.96 2.81 29.57
C SER D 150 -29.22 2.51 30.38
N LEU D 151 -30.08 1.64 29.85
CA LEU D 151 -31.26 1.22 30.60
C LEU D 151 -30.88 0.25 31.70
N LEU D 152 -29.93 -0.65 31.44
CA LEU D 152 -29.61 -1.69 32.40
C LEU D 152 -28.74 -1.15 33.53
N MET D 153 -27.71 -0.38 33.19
CA MET D 153 -26.77 0.11 34.21
C MET D 153 -27.42 1.15 35.11
N GLU D 154 -28.49 1.80 34.64
CA GLU D 154 -29.28 2.67 35.50
C GLU D 154 -30.00 1.86 36.56
N ARG D 155 -30.46 0.67 36.21
CA ARG D 155 -31.24 -0.13 37.15
C ARG D 155 -30.33 -0.93 38.09
N LEU D 156 -29.15 -1.31 37.62
CA LEU D 156 -28.25 -2.08 38.46
C LEU D 156 -27.61 -1.22 39.55
N SER D 157 -27.38 0.06 39.25
CA SER D 157 -26.85 0.96 40.26
C SER D 157 -27.87 1.29 41.35
N VAL D 158 -29.15 1.24 41.02
CA VAL D 158 -30.19 1.43 42.03
C VAL D 158 -30.29 0.20 42.93
N ASP D 159 -30.35 -0.98 42.32
CA ASP D 159 -30.58 -2.20 43.08
C ASP D 159 -29.35 -2.60 43.89
N TYR D 160 -28.20 -2.67 43.25
CA TYR D 160 -26.96 -3.16 43.87
C TYR D 160 -25.94 -2.02 43.85
N GLY D 161 -25.97 -1.18 44.88
CA GLY D 161 -25.10 -0.01 44.90
C GLY D 161 -23.68 -0.34 45.30
N LYS D 162 -23.50 -1.38 46.12
CA LYS D 162 -22.19 -1.72 46.67
C LYS D 162 -21.52 -2.88 45.94
N LYS D 163 -21.69 -2.98 44.63
CA LYS D 163 -21.04 -4.00 43.83
C LYS D 163 -20.19 -3.36 42.74
N SER D 164 -19.31 -4.16 42.15
CA SER D 164 -18.44 -3.67 41.08
C SER D 164 -19.23 -3.51 39.79
N LYS D 165 -19.06 -2.35 39.15
CA LYS D 165 -19.78 -2.01 37.92
C LYS D 165 -18.76 -1.75 36.83
N LEU D 166 -18.39 -2.81 36.12
CA LEU D 166 -17.34 -2.77 35.11
C LEU D 166 -17.93 -2.74 33.72
N GLU D 167 -17.28 -2.02 32.81
CA GLU D 167 -17.62 -2.07 31.39
C GLU D 167 -16.34 -2.09 30.56
N PHE D 168 -16.25 -3.06 29.65
CA PHE D 168 -15.14 -3.12 28.71
C PHE D 168 -15.77 -2.85 27.35
N SER D 169 -15.85 -1.57 26.98
CA SER D 169 -16.70 -1.12 25.89
C SER D 169 -15.87 -0.80 24.65
N ILE D 170 -16.47 -0.99 23.48
CA ILE D 170 -15.78 -0.80 22.21
C ILE D 170 -16.02 0.61 21.71
N TYR D 171 -14.93 1.36 21.49
CA TYR D 171 -15.07 2.71 20.94
C TYR D 171 -14.83 2.69 19.43
N PRO D 172 -15.79 3.17 18.65
CA PRO D 172 -15.62 3.19 17.19
C PRO D 172 -14.53 4.17 16.77
N ALA D 173 -13.85 3.85 15.68
CA ALA D 173 -12.75 4.67 15.23
C ALA D 173 -13.26 5.96 14.62
N PRO D 174 -12.49 7.06 14.73
CA PRO D 174 -12.89 8.29 14.02
C PRO D 174 -12.81 8.18 12.52
N GLN D 175 -12.01 7.24 12.00
CA GLN D 175 -11.96 6.98 10.58
C GLN D 175 -12.84 5.82 10.15
N VAL D 176 -13.02 4.83 11.03
CA VAL D 176 -13.78 3.63 10.71
C VAL D 176 -15.01 3.59 11.60
N SER D 177 -16.18 3.71 10.98
CA SER D 177 -17.45 3.56 11.68
C SER D 177 -18.43 2.86 10.76
N THR D 178 -19.09 1.84 11.30
CA THR D 178 -20.03 1.05 10.53
C THR D 178 -21.42 1.67 10.44
N ALA D 179 -21.71 2.71 11.20
CA ALA D 179 -22.99 3.39 11.15
C ALA D 179 -22.78 4.87 11.43
N VAL D 180 -23.62 5.69 10.81
CA VAL D 180 -23.48 7.14 10.94
C VAL D 180 -24.05 7.60 12.28
N VAL D 181 -24.93 6.80 12.88
CA VAL D 181 -25.59 7.17 14.13
C VAL D 181 -24.75 6.75 15.34
N GLU D 182 -23.58 6.16 15.08
CA GLU D 182 -22.68 5.79 16.18
C GLU D 182 -22.15 6.99 16.96
N PRO D 183 -21.78 8.14 16.37
CA PRO D 183 -21.64 9.34 17.22
C PRO D 183 -22.96 9.89 17.70
N TYR D 184 -24.06 9.64 16.97
CA TYR D 184 -25.35 10.19 17.36
C TYR D 184 -25.95 9.43 18.53
N ASN D 185 -25.51 8.19 18.76
CA ASN D 185 -25.99 7.44 19.92
C ASN D 185 -25.09 7.66 21.14
N SER D 186 -23.79 7.81 20.92
CA SER D 186 -22.83 7.73 22.02
C SER D 186 -22.79 9.00 22.85
N ILE D 187 -23.35 10.10 22.35
CA ILE D 187 -23.38 11.33 23.14
C ILE D 187 -24.35 11.18 24.32
N LEU D 188 -25.53 10.63 24.05
CA LEU D 188 -26.49 10.42 25.12
C LEU D 188 -26.08 9.26 26.02
N THR D 189 -25.28 8.35 25.49
CA THR D 189 -24.90 7.15 26.23
C THR D 189 -23.88 7.48 27.32
N THR D 190 -22.96 8.39 27.02
CA THR D 190 -21.72 8.53 27.79
C THR D 190 -21.98 9.19 29.15
N HIS D 191 -22.88 10.17 29.19
CA HIS D 191 -23.24 10.82 30.44
C HIS D 191 -23.97 9.85 31.38
N THR D 192 -24.85 9.03 30.80
CA THR D 192 -25.48 7.97 31.57
C THR D 192 -24.47 6.88 31.93
N THR D 193 -23.46 6.67 31.08
CA THR D 193 -22.43 5.70 31.37
C THR D 193 -21.54 6.18 32.52
N LEU D 194 -21.15 7.46 32.48
CA LEU D 194 -20.27 8.02 33.51
C LEU D 194 -21.01 8.15 34.84
N GLU D 195 -22.34 8.25 34.78
CA GLU D 195 -23.14 8.42 35.99
C GLU D 195 -23.16 7.15 36.83
N HIS D 196 -23.17 5.99 36.18
CA HIS D 196 -23.43 4.74 36.89
C HIS D 196 -22.23 3.81 36.98
N SER D 197 -21.29 3.88 36.05
CA SER D 197 -20.24 2.88 36.00
C SER D 197 -19.15 3.15 37.03
N ASP D 198 -18.57 2.06 37.55
CA ASP D 198 -17.43 2.13 38.45
C ASP D 198 -16.10 2.14 37.72
N CYS D 199 -16.05 1.55 36.52
CA CYS D 199 -14.84 1.52 35.70
C CYS D 199 -15.28 1.19 34.27
N ALA D 200 -14.77 1.95 33.31
CA ALA D 200 -15.16 1.81 31.92
C ALA D 200 -13.92 1.88 31.03
N PHE D 201 -13.76 0.89 30.15
CA PHE D 201 -12.66 0.90 29.20
C PHE D 201 -13.17 1.32 27.82
N MET D 202 -12.23 1.67 26.95
CA MET D 202 -12.50 1.99 25.56
C MET D 202 -11.66 1.08 24.68
N VAL D 203 -12.28 0.52 23.63
CA VAL D 203 -11.60 -0.40 22.73
C VAL D 203 -11.76 0.13 21.31
N ASP D 204 -10.64 0.50 20.69
CA ASP D 204 -10.63 1.00 19.32
C ASP D 204 -10.04 -0.08 18.44
N ASN D 205 -10.87 -0.65 17.56
CA ASN D 205 -10.50 -1.80 16.74
C ASN D 205 -9.49 -1.44 15.66
N GLU D 206 -9.41 -0.16 15.30
CA GLU D 206 -8.42 0.29 14.32
C GLU D 206 -7.01 0.15 14.86
N ALA D 207 -6.80 0.45 16.15
CA ALA D 207 -5.52 0.18 16.77
C ALA D 207 -5.31 -1.31 16.95
N ILE D 208 -6.39 -2.08 17.08
CA ILE D 208 -6.28 -3.53 17.15
C ILE D 208 -5.88 -4.09 15.79
N TYR D 209 -6.34 -3.44 14.71
CA TYR D 209 -5.95 -3.84 13.36
C TYR D 209 -4.46 -3.62 13.13
N ASP D 210 -3.89 -2.59 13.75
CA ASP D 210 -2.45 -2.35 13.61
C ASP D 210 -1.63 -3.38 14.38
N ILE D 211 -2.20 -3.91 15.47
CA ILE D 211 -1.52 -4.93 16.24
C ILE D 211 -1.48 -6.25 15.48
N CYS D 212 -2.57 -6.58 14.79
CA CYS D 212 -2.66 -7.85 14.09
C CYS D 212 -1.76 -7.88 12.86
N ARG D 213 -1.64 -6.75 12.16
CA ARG D 213 -0.93 -6.73 10.88
C ARG D 213 0.57 -6.62 11.04
N ARG D 214 1.05 -6.22 12.21
CA ARG D 214 2.47 -5.99 12.42
C ARG D 214 3.08 -6.89 13.49
N ASN D 215 2.50 -6.92 14.68
CA ASN D 215 3.03 -7.72 15.77
C ASN D 215 2.54 -9.16 15.71
N LEU D 216 1.54 -9.44 14.88
CA LEU D 216 1.13 -10.80 14.58
C LEU D 216 1.21 -11.11 13.09
N ASP D 217 1.35 -10.07 12.24
CA ASP D 217 1.40 -10.18 10.78
C ASP D 217 0.18 -10.87 10.20
N ILE D 218 -0.99 -10.63 10.78
CA ILE D 218 -2.26 -11.16 10.30
C ILE D 218 -2.85 -10.14 9.35
N GLU D 219 -2.88 -10.47 8.07
CA GLU D 219 -3.42 -9.57 7.06
C GLU D 219 -4.90 -9.76 6.83
N ARG D 220 -5.49 -10.85 7.31
CA ARG D 220 -6.93 -11.08 7.20
C ARG D 220 -7.54 -11.44 8.55
N PRO D 221 -7.79 -10.45 9.42
CA PRO D 221 -8.54 -10.74 10.65
C PRO D 221 -10.03 -10.47 10.49
N THR D 222 -10.82 -11.21 11.26
CA THR D 222 -12.25 -10.96 11.41
C THR D 222 -12.54 -10.68 12.88
N TYR D 223 -13.83 -10.50 13.20
CA TYR D 223 -14.24 -10.28 14.59
C TYR D 223 -13.96 -11.48 15.47
N THR D 224 -13.92 -12.68 14.90
CA THR D 224 -13.53 -13.87 15.66
C THR D 224 -12.08 -13.77 16.12
N ASN D 225 -11.17 -13.41 15.22
CA ASN D 225 -9.76 -13.32 15.57
C ASN D 225 -9.47 -12.11 16.45
N LEU D 226 -10.29 -11.07 16.36
CA LEU D 226 -10.14 -9.94 17.28
C LEU D 226 -10.51 -10.33 18.69
N ASN D 227 -11.58 -11.10 18.85
CA ASN D 227 -12.05 -11.47 20.19
C ASN D 227 -11.15 -12.52 20.83
N ARG D 228 -10.33 -13.21 20.01
CA ARG D 228 -9.31 -14.10 20.56
C ARG D 228 -8.26 -13.30 21.31
N LEU D 229 -7.85 -12.16 20.75
CA LEU D 229 -6.79 -11.37 21.38
C LEU D 229 -7.33 -10.53 22.52
N ILE D 230 -8.55 -10.02 22.37
CA ILE D 230 -9.14 -9.13 23.39
C ILE D 230 -9.42 -9.90 24.68
N GLY D 231 -10.12 -11.02 24.56
CA GLY D 231 -10.52 -11.75 25.76
C GLY D 231 -9.37 -12.45 26.45
N GLN D 232 -8.29 -12.71 25.70
CA GLN D 232 -7.07 -13.25 26.31
C GLN D 232 -6.47 -12.25 27.29
N ILE D 233 -6.53 -10.96 26.94
CA ILE D 233 -6.14 -9.91 27.88
C ILE D 233 -7.12 -9.85 29.04
N VAL D 234 -8.41 -10.01 28.73
CA VAL D 234 -9.46 -9.94 29.75
C VAL D 234 -9.38 -11.15 30.67
N SER D 235 -8.98 -12.31 30.15
CA SER D 235 -8.75 -13.47 31.00
C SER D 235 -7.59 -13.26 31.95
N SER D 236 -6.57 -12.51 31.54
CA SER D 236 -5.53 -12.10 32.47
C SER D 236 -6.03 -11.00 33.40
N ILE D 237 -7.08 -10.28 33.00
CA ILE D 237 -7.66 -9.27 33.89
C ILE D 237 -8.65 -9.91 34.84
N THR D 238 -9.60 -10.69 34.32
CA THR D 238 -10.68 -11.21 35.13
C THR D 238 -10.37 -12.53 35.83
N ALA D 239 -10.06 -13.58 35.07
CA ALA D 239 -9.93 -14.91 35.66
C ALA D 239 -8.64 -15.05 36.47
N SER D 240 -7.65 -14.20 36.17
CA SER D 240 -6.32 -14.42 36.75
C SER D 240 -6.20 -13.81 38.13
N LEU D 241 -6.97 -12.75 38.43
CA LEU D 241 -6.82 -12.07 39.71
C LEU D 241 -7.41 -12.88 40.85
N ARG D 242 -8.28 -13.84 40.56
CA ARG D 242 -8.70 -14.76 41.60
C ARG D 242 -7.69 -15.88 41.77
N PHE D 243 -6.97 -16.21 40.71
CA PHE D 243 -5.98 -17.28 40.76
C PHE D 243 -4.74 -16.79 41.51
N ASP D 244 -4.21 -17.66 42.35
CA ASP D 244 -3.21 -17.26 43.34
C ASP D 244 -1.83 -17.18 42.72
N GLY D 245 -1.06 -16.18 43.14
CA GLY D 245 0.31 -16.04 42.71
C GLY D 245 1.19 -15.50 43.82
N ALA D 246 2.26 -14.80 43.45
CA ALA D 246 3.16 -14.23 44.45
C ALA D 246 2.56 -13.00 45.12
N LEU D 247 1.69 -12.27 44.41
CA LEU D 247 1.05 -11.07 44.96
C LEU D 247 -0.40 -11.07 44.47
N ASN D 248 -1.28 -11.61 45.29
CA ASN D 248 -2.68 -11.82 44.90
C ASN D 248 -3.48 -10.55 45.20
N VAL D 249 -3.89 -9.86 44.13
CA VAL D 249 -4.64 -8.60 44.23
C VAL D 249 -5.96 -8.77 43.48
N ASP D 250 -7.05 -8.33 44.08
CA ASP D 250 -8.37 -8.42 43.47
C ASP D 250 -8.75 -7.09 42.81
N LEU D 251 -9.95 -7.07 42.23
CA LEU D 251 -10.43 -5.87 41.56
C LEU D 251 -10.93 -4.81 42.53
N THR D 252 -11.29 -5.18 43.75
CA THR D 252 -11.78 -4.22 44.72
C THR D 252 -10.70 -3.27 45.21
N GLU D 253 -9.44 -3.66 45.14
CA GLU D 253 -8.36 -2.77 45.49
C GLU D 253 -7.98 -1.89 44.29
N PHE D 254 -8.36 -2.30 43.08
CA PHE D 254 -8.09 -1.48 41.91
C PHE D 254 -8.97 -0.24 41.87
N GLN D 255 -10.21 -0.35 42.36
CA GLN D 255 -11.16 0.75 42.26
C GLN D 255 -10.76 1.91 43.16
N THR D 256 -9.97 1.63 44.20
CA THR D 256 -9.43 2.71 45.02
C THR D 256 -8.12 3.23 44.45
N ASN D 257 -7.20 2.34 44.11
CA ASN D 257 -5.83 2.70 43.77
C ASN D 257 -5.68 3.22 42.35
N LEU D 258 -6.61 2.89 41.46
CA LEU D 258 -6.60 3.41 40.10
C LEU D 258 -7.60 4.53 39.87
N VAL D 259 -8.69 4.56 40.63
CA VAL D 259 -9.66 5.64 40.53
C VAL D 259 -9.69 6.38 41.87
N PRO D 260 -8.89 7.43 42.05
CA PRO D 260 -9.05 8.29 43.22
C PRO D 260 -10.04 9.42 43.00
N TYR D 261 -10.66 9.48 41.83
CA TYR D 261 -11.49 10.57 41.39
C TYR D 261 -12.96 10.22 41.57
N PRO D 262 -13.81 11.23 41.77
CA PRO D 262 -15.26 10.98 41.60
C PRO D 262 -15.61 10.60 40.17
N ARG D 263 -15.24 11.42 39.20
CA ARG D 263 -15.42 11.09 37.79
C ARG D 263 -14.06 11.03 37.09
N GLY D 264 -13.42 9.87 37.21
CA GLY D 264 -12.14 9.66 36.56
C GLY D 264 -11.92 8.25 36.06
N HIS D 265 -12.96 7.43 36.07
CA HIS D 265 -12.78 6.00 35.87
C HIS D 265 -12.79 5.54 34.41
N PHE D 266 -11.89 6.11 33.61
CA PHE D 266 -11.66 5.68 32.23
C PHE D 266 -10.20 5.25 32.09
N PRO D 267 -9.87 4.01 32.46
CA PRO D 267 -8.48 3.57 32.32
C PRO D 267 -8.19 3.03 30.93
N LEU D 268 -6.97 3.27 30.47
CA LEU D 268 -6.47 2.70 29.22
C LEU D 268 -5.88 1.33 29.49
N ALA D 269 -6.52 0.30 28.94
CA ALA D 269 -6.06 -1.07 29.07
C ALA D 269 -5.10 -1.40 27.93
N THR D 270 -3.86 -1.68 28.29
CA THR D 270 -2.83 -2.05 27.33
C THR D 270 -2.26 -3.41 27.68
N TYR D 271 -1.65 -4.03 26.67
CA TYR D 271 -1.07 -5.36 26.79
C TYR D 271 -0.07 -5.55 25.66
N ALA D 272 1.20 -5.73 25.99
CA ALA D 272 2.14 -5.93 24.90
C ALA D 272 3.15 -7.06 25.09
N PRO D 273 2.76 -8.24 25.60
CA PRO D 273 3.46 -9.32 24.92
C PRO D 273 2.61 -9.78 23.76
N VAL D 274 2.99 -9.44 22.52
CA VAL D 274 2.19 -9.80 21.36
C VAL D 274 3.13 -10.45 20.36
N ILE D 275 3.15 -11.78 20.33
CA ILE D 275 4.15 -12.54 19.59
C ILE D 275 3.42 -13.43 18.60
N SER D 276 3.80 -13.33 17.32
CA SER D 276 3.28 -14.23 16.31
C SER D 276 3.90 -15.62 16.44
N ALA D 277 3.43 -16.54 15.61
CA ALA D 277 3.95 -17.91 15.64
C ALA D 277 5.39 -17.98 15.17
N GLU D 278 5.77 -17.13 14.21
CA GLU D 278 7.15 -17.13 13.73
C GLU D 278 8.03 -16.19 14.53
N LYS D 279 7.44 -15.24 15.25
CA LYS D 279 8.23 -14.30 16.03
C LYS D 279 8.82 -14.94 17.28
N ALA D 280 8.28 -16.09 17.70
CA ALA D 280 8.73 -16.77 18.90
C ALA D 280 10.08 -17.46 18.73
N TYR D 281 10.52 -17.69 17.49
CA TYR D 281 11.79 -18.37 17.27
C TYR D 281 12.96 -17.45 17.56
N HIS D 282 12.79 -16.15 17.38
CA HIS D 282 13.79 -15.16 17.74
C HIS D 282 13.16 -14.27 18.81
N GLU D 283 13.25 -14.70 20.06
CA GLU D 283 12.57 -13.99 21.14
C GLU D 283 13.26 -14.28 22.47
N GLN D 284 13.58 -13.22 23.19
CA GLN D 284 13.90 -13.33 24.62
C GLN D 284 13.51 -12.02 25.27
N LEU D 285 12.38 -12.02 25.98
CA LEU D 285 11.81 -10.82 26.57
C LEU D 285 11.94 -10.89 28.09
N SER D 286 12.66 -9.94 28.67
CA SER D 286 12.70 -9.83 30.12
C SER D 286 11.53 -8.98 30.61
N VAL D 287 11.60 -8.58 31.88
CA VAL D 287 10.51 -7.84 32.50
C VAL D 287 10.47 -6.41 31.96
N ALA D 288 11.63 -5.74 31.95
CA ALA D 288 11.67 -4.34 31.55
C ALA D 288 11.51 -4.18 30.04
N GLU D 289 11.83 -5.23 29.28
CA GLU D 289 11.74 -5.15 27.83
C GLU D 289 10.29 -5.16 27.37
N ILE D 290 9.42 -5.87 28.09
CA ILE D 290 8.00 -5.89 27.74
C ILE D 290 7.35 -4.57 28.08
N THR D 291 7.72 -3.98 29.22
CA THR D 291 7.16 -2.70 29.64
C THR D 291 7.59 -1.56 28.73
N ASN D 292 8.74 -1.70 28.07
CA ASN D 292 9.12 -0.75 27.04
C ASN D 292 8.21 -0.88 25.82
N ALA D 293 7.81 -2.11 25.49
CA ALA D 293 6.89 -2.32 24.38
C ALA D 293 5.47 -1.89 24.76
N CYS D 294 5.16 -1.89 26.06
CA CYS D 294 3.87 -1.38 26.50
C CYS D 294 3.78 0.13 26.37
N PHE D 295 4.93 0.80 26.35
CA PHE D 295 4.99 2.25 26.20
C PHE D 295 4.92 2.68 24.75
N GLU D 296 4.89 1.74 23.82
CA GLU D 296 4.80 2.01 22.39
C GLU D 296 3.39 2.47 22.04
N PRO D 297 3.27 3.45 21.14
CA PRO D 297 1.94 3.88 20.69
C PRO D 297 1.21 2.83 19.88
N ALA D 298 1.93 1.89 19.27
CA ALA D 298 1.28 0.84 18.48
C ALA D 298 0.63 -0.23 19.34
N ASN D 299 0.94 -0.27 20.64
CA ASN D 299 0.45 -1.29 21.55
C ASN D 299 -0.47 -0.71 22.62
N GLN D 300 -1.29 0.27 22.25
CA GLN D 300 -2.12 0.94 23.24
C GLN D 300 -3.57 0.51 23.18
N MET D 301 -3.96 -0.21 22.11
CA MET D 301 -5.28 -0.75 21.80
C MET D 301 -6.31 0.33 21.48
N VAL D 302 -5.91 1.60 21.55
CA VAL D 302 -6.72 2.76 21.24
C VAL D 302 -5.84 3.71 20.43
N LYS D 303 -6.39 4.26 19.34
CA LYS D 303 -5.66 5.22 18.52
C LYS D 303 -5.53 6.51 19.31
N CYS D 304 -4.39 6.66 19.99
CA CYS D 304 -4.11 7.83 20.81
C CYS D 304 -2.61 8.02 20.89
N ASP D 305 -2.18 9.13 21.46
CA ASP D 305 -0.77 9.42 21.60
C ASP D 305 -0.44 9.56 23.08
N PRO D 306 0.23 8.56 23.68
CA PRO D 306 0.54 8.63 25.12
C PRO D 306 1.65 9.63 25.46
N ARG D 307 2.37 10.07 24.44
CA ARG D 307 3.47 11.01 24.63
C ARG D 307 2.99 12.38 25.10
N HIS D 308 1.84 12.83 24.58
CA HIS D 308 1.29 14.13 24.96
C HIS D 308 0.20 14.00 26.02
N GLY D 309 0.09 12.85 26.68
CA GLY D 309 -0.87 12.66 27.74
C GLY D 309 -0.19 12.51 29.10
N LYS D 310 -0.89 12.99 30.12
CA LYS D 310 -0.39 12.96 31.48
C LYS D 310 -0.90 11.73 32.21
N TYR D 311 0.04 10.94 32.71
CA TYR D 311 -0.27 9.70 33.42
C TYR D 311 -0.67 10.00 34.85
N MET D 312 -1.85 9.53 35.23
CA MET D 312 -2.31 9.64 36.60
C MET D 312 -1.85 8.43 37.40
N ALA D 313 -1.97 7.24 36.80
CA ALA D 313 -1.59 6.00 37.46
C ALA D 313 -1.06 5.00 36.45
N CYS D 314 -0.35 4.00 36.95
CA CYS D 314 0.19 2.92 36.12
C CYS D 314 0.08 1.62 36.90
N CYS D 315 -0.98 0.87 36.66
CA CYS D 315 -1.22 -0.42 37.30
C CYS D 315 -0.72 -1.53 36.40
N LEU D 316 -0.10 -2.54 37.00
CA LEU D 316 0.57 -3.61 36.27
C LEU D 316 0.02 -4.96 36.71
N LEU D 317 -0.32 -5.80 35.74
CA LEU D 317 -0.76 -7.18 35.99
C LEU D 317 0.22 -8.12 35.32
N TYR D 318 0.71 -9.09 36.07
CA TYR D 318 1.77 -9.99 35.61
C TYR D 318 1.27 -11.43 35.55
N ARG D 319 1.94 -12.24 34.73
CA ARG D 319 1.64 -13.65 34.59
C ARG D 319 2.94 -14.46 34.55
N GLY D 320 2.87 -15.68 35.06
CA GLY D 320 3.89 -16.66 34.76
C GLY D 320 5.22 -16.41 35.46
N ASP D 321 6.28 -16.37 34.65
CA ASP D 321 7.66 -16.26 35.14
C ASP D 321 7.91 -14.83 35.58
N VAL D 322 7.65 -14.57 36.87
CA VAL D 322 7.81 -13.25 37.46
C VAL D 322 8.74 -13.37 38.66
N VAL D 323 9.78 -12.54 38.68
CA VAL D 323 10.67 -12.41 39.83
C VAL D 323 10.52 -11.00 40.37
N PRO D 324 10.14 -10.82 41.64
CA PRO D 324 9.87 -9.47 42.16
C PRO D 324 11.10 -8.60 42.30
N LYS D 325 12.28 -9.20 42.45
CA LYS D 325 13.52 -8.43 42.51
C LYS D 325 13.82 -7.79 41.15
N ASP D 326 13.44 -8.47 40.07
CA ASP D 326 13.64 -7.93 38.74
C ASP D 326 12.61 -6.86 38.43
N VAL D 327 11.46 -6.89 39.11
CA VAL D 327 10.45 -5.85 38.93
C VAL D 327 10.96 -4.52 39.49
N ASN D 328 11.69 -4.58 40.61
CA ASN D 328 12.26 -3.37 41.19
C ASN D 328 13.32 -2.77 40.29
N ALA D 329 14.05 -3.60 39.56
CA ALA D 329 14.96 -3.10 38.54
C ALA D 329 14.18 -2.56 37.35
N ALA D 330 13.01 -3.14 37.08
CA ALA D 330 12.19 -2.67 35.96
C ALA D 330 11.51 -1.35 36.28
N ILE D 331 11.22 -1.11 37.56
CA ILE D 331 10.67 0.19 37.96
C ILE D 331 11.72 1.28 37.78
N ALA D 332 12.97 0.98 38.15
CA ALA D 332 14.06 1.92 37.92
C ALA D 332 14.37 2.05 36.43
N THR D 333 14.03 1.03 35.65
CA THR D 333 14.20 1.11 34.20
C THR D 333 13.18 2.08 33.59
N ILE D 334 11.94 2.01 34.07
CA ILE D 334 10.89 2.92 33.60
C ILE D 334 11.19 4.35 34.04
N LYS D 335 11.68 4.52 35.26
CA LYS D 335 12.06 5.85 35.75
C LYS D 335 13.29 6.38 35.02
N THR D 336 14.09 5.49 34.44
CA THR D 336 15.20 5.92 33.59
C THR D 336 14.71 6.37 32.23
N LYS D 337 13.74 5.63 31.66
CA LYS D 337 13.25 5.88 30.31
C LYS D 337 12.07 6.82 30.26
N ARG D 338 11.99 7.80 31.16
CA ARG D 338 10.78 8.61 31.31
C ARG D 338 10.54 9.54 30.10
N THR D 339 9.46 9.24 29.38
CA THR D 339 8.83 10.13 28.41
C THR D 339 7.34 10.17 28.71
N ILE D 340 6.98 10.11 29.99
CA ILE D 340 5.66 9.67 30.41
C ILE D 340 4.78 10.84 30.82
N GLN D 341 5.40 11.94 31.27
CA GLN D 341 4.76 13.12 31.86
C GLN D 341 3.83 12.68 33.00
N PHE D 342 4.42 12.12 34.05
CA PHE D 342 3.64 11.63 35.17
C PHE D 342 3.27 12.80 36.08
N VAL D 343 2.04 12.77 36.60
CA VAL D 343 1.51 13.91 37.33
C VAL D 343 2.12 13.99 38.72
N ASP D 344 1.90 15.14 39.37
CA ASP D 344 2.50 15.42 40.67
C ASP D 344 1.52 15.21 41.83
N TRP D 345 0.26 14.88 41.55
CA TRP D 345 -0.71 14.68 42.62
C TRP D 345 -0.41 13.41 43.40
N CYS D 346 0.20 12.41 42.75
CA CYS D 346 0.71 11.23 43.41
C CYS D 346 2.18 11.13 43.05
N PRO D 347 3.07 10.99 44.04
CA PRO D 347 4.51 10.95 43.73
C PRO D 347 4.99 9.73 42.95
N THR D 348 4.74 8.53 43.45
CA THR D 348 5.28 7.33 42.82
C THR D 348 4.33 6.13 42.94
N GLY D 349 3.04 6.36 42.69
CA GLY D 349 2.10 5.26 42.87
C GLY D 349 2.00 4.36 41.65
N PHE D 350 2.70 3.22 41.71
CA PHE D 350 2.85 2.28 40.60
C PHE D 350 2.45 0.91 41.12
N LYS D 351 1.18 0.56 40.96
CA LYS D 351 0.66 -0.67 41.55
C LYS D 351 1.00 -1.87 40.66
N VAL D 352 1.37 -2.98 41.29
CA VAL D 352 1.80 -4.19 40.60
C VAL D 352 0.93 -5.36 41.05
N GLY D 353 0.44 -6.14 40.10
CA GLY D 353 -0.23 -7.40 40.41
C GLY D 353 0.50 -8.58 39.79
N ILE D 354 0.78 -9.61 40.57
CA ILE D 354 1.61 -10.72 40.15
C ILE D 354 0.83 -12.03 40.30
N ASN D 355 0.68 -12.77 39.21
CA ASN D 355 0.13 -14.11 39.24
C ASN D 355 1.20 -15.09 38.79
N TYR D 356 1.30 -16.21 39.50
CA TYR D 356 2.35 -17.19 39.21
C TYR D 356 2.00 -18.01 37.97
N GLU D 357 0.73 -18.10 37.63
CA GLU D 357 0.29 -19.03 36.60
C GLU D 357 0.63 -18.47 35.22
N PRO D 358 1.10 -19.31 34.29
CA PRO D 358 1.44 -18.81 32.97
C PRO D 358 0.18 -18.49 32.18
N PRO D 359 0.28 -17.60 31.18
CA PRO D 359 -0.89 -17.30 30.35
C PRO D 359 -1.20 -18.44 29.39
N THR D 360 -2.47 -18.52 28.98
CA THR D 360 -2.96 -19.59 28.14
C THR D 360 -2.92 -19.18 26.67
N VAL D 361 -2.85 -20.19 25.80
CA VAL D 361 -2.79 -20.01 24.35
C VAL D 361 -3.82 -20.94 23.71
N VAL D 362 -4.66 -20.39 22.85
CA VAL D 362 -5.76 -21.12 22.23
C VAL D 362 -5.17 -22.02 21.14
N PRO D 363 -5.47 -23.32 21.15
CA PRO D 363 -5.20 -24.14 19.97
C PRO D 363 -6.13 -23.72 18.83
N GLY D 364 -5.54 -23.08 17.82
CA GLY D 364 -6.30 -22.49 16.74
C GLY D 364 -6.06 -21.00 16.56
N GLY D 365 -5.43 -20.34 17.54
CA GLY D 365 -5.08 -18.94 17.39
C GLY D 365 -3.72 -18.75 16.73
N ASP D 366 -3.35 -17.48 16.56
CA ASP D 366 -2.09 -17.12 15.94
C ASP D 366 -1.08 -16.57 16.93
N LEU D 367 -1.36 -16.68 18.22
CA LEU D 367 -0.45 -16.22 19.27
C LEU D 367 0.43 -17.39 19.71
N ALA D 368 1.69 -17.09 19.99
CA ALA D 368 2.62 -18.13 20.41
C ALA D 368 2.57 -18.31 21.92
N LYS D 369 3.18 -19.40 22.38
CA LYS D 369 3.20 -19.68 23.81
C LYS D 369 4.33 -18.91 24.48
N VAL D 370 3.97 -18.09 25.48
CA VAL D 370 4.93 -17.26 26.19
C VAL D 370 4.98 -17.70 27.64
N GLN D 371 6.12 -17.40 28.28
CA GLN D 371 6.33 -17.73 29.68
C GLN D 371 5.73 -16.70 30.63
N ARG D 372 5.43 -15.50 30.13
CA ARG D 372 4.98 -14.42 30.99
C ARG D 372 4.13 -13.44 30.17
N ALA D 373 3.21 -12.78 30.85
CA ALA D 373 2.34 -11.79 30.22
C ALA D 373 2.20 -10.59 31.13
N VAL D 374 2.24 -9.41 30.54
CA VAL D 374 2.20 -8.15 31.27
C VAL D 374 1.03 -7.30 30.77
N CYS D 375 0.06 -7.06 31.64
CA CYS D 375 -1.01 -6.12 31.38
C CYS D 375 -0.72 -4.82 32.11
N MET D 376 -0.99 -3.70 31.44
CA MET D 376 -0.76 -2.39 32.01
C MET D 376 -2.01 -1.52 31.87
N LEU D 377 -2.41 -0.91 32.99
CA LEU D 377 -3.51 0.02 33.02
C LEU D 377 -2.98 1.42 33.27
N SER D 378 -3.58 2.41 32.61
CA SER D 378 -3.12 3.79 32.78
C SER D 378 -4.27 4.76 32.57
N ASN D 379 -4.20 5.88 33.29
CA ASN D 379 -5.08 7.02 33.09
C ASN D 379 -4.29 8.14 32.43
N THR D 380 -4.62 8.45 31.19
CA THR D 380 -3.90 9.48 30.44
C THR D 380 -4.87 10.57 30.00
N THR D 381 -4.30 11.73 29.70
CA THR D 381 -5.12 12.86 29.28
C THR D 381 -5.29 12.96 27.77
N ALA D 382 -4.76 11.99 27.02
CA ALA D 382 -4.97 11.98 25.58
C ALA D 382 -6.29 11.31 25.19
N ILE D 383 -7.09 10.91 26.17
CA ILE D 383 -8.36 10.25 25.90
C ILE D 383 -9.35 11.26 25.33
N ALA D 384 -9.29 12.51 25.79
CA ALA D 384 -10.24 13.53 25.38
C ALA D 384 -10.06 13.95 23.93
N GLU D 385 -8.90 13.66 23.35
CA GLU D 385 -8.72 13.89 21.91
C GLU D 385 -9.57 12.94 21.09
N ALA D 386 -9.79 11.72 21.60
CA ALA D 386 -10.77 10.83 20.97
C ALA D 386 -12.18 11.32 21.23
N TRP D 387 -12.41 12.01 22.36
CA TRP D 387 -13.71 12.62 22.59
C TRP D 387 -13.86 13.90 21.80
N ALA D 388 -12.74 14.54 21.44
CA ALA D 388 -12.79 15.72 20.58
C ALA D 388 -13.18 15.34 19.16
N ARG D 389 -12.81 14.13 18.74
CA ARG D 389 -13.27 13.62 17.45
C ARG D 389 -14.77 13.34 17.50
N LEU D 390 -15.28 12.91 18.65
CA LEU D 390 -16.69 12.58 18.77
C LEU D 390 -17.55 13.83 18.78
N ASP D 391 -17.05 14.89 19.43
CA ASP D 391 -17.85 16.09 19.61
C ASP D 391 -17.98 16.90 18.33
N HIS D 392 -16.90 16.95 17.54
CA HIS D 392 -16.93 17.71 16.29
C HIS D 392 -17.83 17.05 15.26
N LYS D 393 -17.92 15.72 15.28
CA LYS D 393 -18.86 15.03 14.40
C LYS D 393 -20.30 15.30 14.83
N PHE D 394 -20.53 15.36 16.13
CA PHE D 394 -21.89 15.52 16.63
C PHE D 394 -22.39 16.95 16.45
N ASP D 395 -21.46 17.92 16.50
CA ASP D 395 -21.87 19.31 16.35
C ASP D 395 -22.23 19.62 14.91
N LEU D 396 -21.62 18.93 13.95
CA LEU D 396 -22.03 19.06 12.56
C LEU D 396 -23.40 18.44 12.34
N MET D 397 -23.68 17.33 13.02
CA MET D 397 -24.99 16.70 12.92
C MET D 397 -26.04 17.52 13.67
N TYR D 398 -25.63 18.21 14.73
CA TYR D 398 -26.58 19.04 15.47
C TYR D 398 -26.82 20.36 14.76
N ALA D 399 -25.88 20.81 13.92
CA ALA D 399 -26.10 22.03 13.17
C ALA D 399 -27.06 21.80 12.01
N LYS D 400 -26.83 20.75 11.23
CA LYS D 400 -27.69 20.45 10.10
C LYS D 400 -28.99 19.77 10.51
N ARG D 401 -29.07 19.31 11.77
CA ARG D 401 -30.22 18.59 12.33
C ARG D 401 -30.57 17.34 11.51
N ALA D 402 -29.54 16.64 11.04
CA ALA D 402 -29.75 15.37 10.36
C ALA D 402 -30.02 14.29 11.38
N PHE D 403 -30.84 13.31 10.99
CA PHE D 403 -31.24 12.13 11.75
C PHE D 403 -32.00 12.47 13.04
N VAL D 404 -32.45 13.71 13.22
CA VAL D 404 -33.03 14.09 14.50
C VAL D 404 -34.47 13.62 14.58
N HIS D 405 -35.10 13.36 13.43
CA HIS D 405 -36.48 12.90 13.41
C HIS D 405 -36.63 11.45 13.85
N TRP D 406 -35.53 10.71 13.96
CA TRP D 406 -35.62 9.34 14.42
C TRP D 406 -35.77 9.24 15.93
N TYR D 407 -35.49 10.32 16.66
CA TYR D 407 -35.69 10.34 18.11
C TYR D 407 -36.79 11.30 18.54
N VAL D 408 -37.04 12.36 17.78
CA VAL D 408 -38.24 13.17 17.99
C VAL D 408 -39.47 12.34 17.68
N GLY D 409 -39.37 11.46 16.66
CA GLY D 409 -40.37 10.43 16.46
C GLY D 409 -40.48 9.44 17.59
N GLU D 410 -39.40 9.23 18.35
CA GLU D 410 -39.44 8.47 19.58
C GLU D 410 -39.80 9.35 20.77
N GLY D 411 -39.96 10.66 20.57
CA GLY D 411 -40.33 11.56 21.63
C GLY D 411 -39.17 12.18 22.40
N MET D 412 -37.94 12.09 21.89
CA MET D 412 -36.80 12.66 22.57
C MET D 412 -36.75 14.16 22.30
N GLU D 413 -36.06 14.88 23.19
CA GLU D 413 -35.97 16.33 23.13
C GLU D 413 -34.66 16.75 22.48
N GLU D 414 -34.74 17.77 21.63
CA GLU D 414 -33.52 18.34 21.04
C GLU D 414 -32.70 19.09 22.07
N GLY D 415 -33.37 19.65 23.09
CA GLY D 415 -32.65 20.29 24.18
C GLY D 415 -31.87 19.32 25.05
N GLU D 416 -32.30 18.07 25.12
CA GLU D 416 -31.53 17.05 25.82
C GLU D 416 -30.26 16.69 25.05
N PHE D 417 -30.27 16.91 23.74
CA PHE D 417 -29.15 16.50 22.90
C PHE D 417 -27.95 17.41 23.11
N SER D 418 -28.19 18.73 23.19
CA SER D 418 -27.12 19.66 23.53
C SER D 418 -26.83 19.65 25.03
N GLU D 419 -27.78 19.16 25.84
CA GLU D 419 -27.55 19.01 27.27
C GLU D 419 -26.50 17.94 27.54
N ALA D 420 -26.58 16.82 26.83
CA ALA D 420 -25.56 15.78 26.96
C ALA D 420 -24.25 16.21 26.32
N ARG D 421 -24.33 17.15 25.36
CA ARG D 421 -23.11 17.73 24.80
C ARG D 421 -22.38 18.57 25.83
N GLU D 422 -23.14 19.30 26.67
CA GLU D 422 -22.51 20.03 27.75
C GLU D 422 -22.01 19.08 28.83
N ASP D 423 -22.66 17.91 28.97
CA ASP D 423 -22.13 16.87 29.83
C ASP D 423 -20.88 16.23 29.22
N MET D 424 -20.88 16.07 27.90
CA MET D 424 -19.67 15.68 27.19
C MET D 424 -18.62 16.79 27.28
N ALA D 425 -19.06 18.05 27.31
CA ALA D 425 -18.13 19.15 27.56
C ALA D 425 -17.61 19.10 28.98
N ALA D 426 -18.49 18.77 29.94
CA ALA D 426 -18.06 18.65 31.34
C ALA D 426 -17.15 17.43 31.53
N LEU D 427 -17.31 16.42 30.68
CA LEU D 427 -16.37 15.31 30.67
C LEU D 427 -14.98 15.77 30.24
N GLU D 428 -14.90 16.63 29.24
CA GLU D 428 -13.61 17.12 28.79
C GLU D 428 -13.07 18.20 29.73
N LYS D 429 -13.94 18.80 30.55
CA LYS D 429 -13.46 19.66 31.62
C LYS D 429 -12.72 18.87 32.69
N ASP D 430 -13.12 17.61 32.90
CA ASP D 430 -12.49 16.79 33.92
C ASP D 430 -11.04 16.46 33.57
N TYR D 431 -10.77 16.25 32.28
CA TYR D 431 -9.39 16.06 31.86
C TYR D 431 -8.65 17.39 31.75
N GLU D 432 -9.40 18.49 31.66
CA GLU D 432 -8.77 19.81 31.68
C GLU D 432 -8.36 20.18 33.10
N GLU D 433 -9.16 19.81 34.09
CA GLU D 433 -8.83 20.10 35.48
C GLU D 433 -7.65 19.26 35.94
N VAL D 434 -7.52 18.04 35.43
CA VAL D 434 -6.35 17.22 35.75
C VAL D 434 -5.16 17.65 34.89
N GLY D 435 -5.40 17.97 33.62
CA GLY D 435 -4.33 18.29 32.69
C GLY D 435 -3.63 19.61 32.94
N VAL D 436 -4.38 20.64 33.33
CA VAL D 436 -3.76 21.94 33.60
C VAL D 436 -3.06 21.94 34.95
N ASP D 437 -3.76 21.49 35.99
CA ASP D 437 -3.24 21.56 37.34
C ASP D 437 -2.23 20.44 37.59
N SER D 438 -1.33 20.69 38.53
CA SER D 438 -0.33 19.72 38.91
C SER D 438 0.08 19.92 40.36
N ARG E 1 -40.45 -11.25 12.02
CA ARG E 1 -39.68 -10.45 11.08
C ARG E 1 -39.99 -10.88 9.66
N GLU E 2 -41.24 -10.72 9.24
CA GLU E 2 -41.71 -11.28 7.98
C GLU E 2 -42.09 -10.17 7.01
N ILE E 3 -41.95 -10.46 5.72
CA ILE E 3 -42.06 -9.48 4.64
C ILE E 3 -43.10 -9.95 3.64
N VAL E 4 -44.06 -9.09 3.34
CA VAL E 4 -45.06 -9.33 2.30
C VAL E 4 -44.65 -8.55 1.06
N HIS E 5 -44.56 -9.24 -0.08
CA HIS E 5 -44.18 -8.63 -1.34
C HIS E 5 -45.40 -8.52 -2.25
N ILE E 6 -46.14 -7.42 -2.12
CA ILE E 6 -47.30 -7.14 -2.95
C ILE E 6 -46.83 -6.62 -4.29
N GLN E 7 -47.11 -7.36 -5.35
CA GLN E 7 -46.63 -7.03 -6.68
C GLN E 7 -47.80 -6.53 -7.51
N ALA E 8 -47.61 -5.39 -8.17
CA ALA E 8 -48.71 -4.73 -8.86
C ALA E 8 -48.33 -4.42 -10.30
N GLY E 9 -49.30 -4.54 -11.19
CA GLY E 9 -49.13 -4.16 -12.59
C GLY E 9 -48.61 -5.28 -13.45
N GLN E 10 -48.59 -5.00 -14.76
CA GLN E 10 -48.01 -5.94 -15.71
C GLN E 10 -46.50 -6.01 -15.55
N CYS E 11 -45.88 -4.91 -15.13
CA CYS E 11 -44.44 -4.90 -14.89
C CYS E 11 -44.06 -5.69 -13.65
N GLY E 12 -44.57 -5.28 -12.48
CA GLY E 12 -44.06 -5.81 -11.22
C GLY E 12 -44.44 -7.26 -10.98
N ASN E 13 -45.53 -7.72 -11.60
CA ASN E 13 -45.85 -9.14 -11.56
C ASN E 13 -44.88 -9.93 -12.42
N GLN E 14 -44.40 -9.32 -13.50
CA GLN E 14 -43.37 -9.96 -14.32
C GLN E 14 -42.00 -9.83 -13.66
N ILE E 15 -41.76 -8.70 -12.98
CA ILE E 15 -40.50 -8.51 -12.28
C ILE E 15 -40.36 -9.49 -11.11
N GLY E 16 -41.39 -9.57 -10.27
CA GLY E 16 -41.29 -10.39 -9.09
C GLY E 16 -41.39 -11.88 -9.37
N ALA E 17 -41.85 -12.25 -10.57
CA ALA E 17 -41.79 -13.64 -11.00
C ALA E 17 -40.36 -14.11 -11.14
N LYS E 18 -39.47 -13.22 -11.58
CA LYS E 18 -38.05 -13.50 -11.57
C LYS E 18 -37.48 -13.50 -10.17
N PHE E 19 -38.11 -12.75 -9.25
CA PHE E 19 -37.60 -12.65 -7.90
C PHE E 19 -37.80 -13.94 -7.13
N TRP E 20 -39.04 -14.45 -7.12
CA TRP E 20 -39.32 -15.67 -6.37
C TRP E 20 -38.80 -16.90 -7.09
N GLU E 21 -38.43 -16.75 -8.35
CA GLU E 21 -37.58 -17.74 -9.02
C GLU E 21 -36.25 -17.89 -8.29
N VAL E 22 -35.66 -16.77 -7.88
CA VAL E 22 -34.37 -16.81 -7.19
C VAL E 22 -34.56 -17.36 -5.77
N ILE E 23 -35.65 -16.96 -5.11
CA ILE E 23 -35.87 -17.30 -3.70
C ILE E 23 -36.07 -18.80 -3.52
N SER E 24 -36.83 -19.43 -4.42
CA SER E 24 -36.97 -20.87 -4.40
C SER E 24 -35.65 -21.55 -4.77
N ASP E 25 -34.87 -20.93 -5.65
CA ASP E 25 -33.60 -21.51 -6.05
C ASP E 25 -32.53 -21.26 -4.99
N GLU E 26 -32.67 -20.18 -4.21
CA GLU E 26 -31.71 -19.90 -3.14
C GLU E 26 -31.80 -20.92 -2.03
N HIS E 27 -33.00 -21.44 -1.79
CA HIS E 27 -33.22 -22.40 -0.72
C HIS E 27 -33.34 -23.83 -1.22
N GLY E 28 -33.22 -24.04 -2.53
CA GLY E 28 -33.23 -25.39 -3.08
C GLY E 28 -34.56 -26.11 -2.95
N ILE E 29 -35.64 -25.50 -3.45
CA ILE E 29 -37.00 -25.96 -3.19
C ILE E 29 -37.62 -26.39 -4.52
N ASP E 30 -38.34 -27.52 -4.48
CA ASP E 30 -39.10 -28.00 -5.61
C ASP E 30 -40.15 -26.97 -6.03
N PRO E 31 -40.47 -26.87 -7.35
CA PRO E 31 -41.49 -25.90 -7.80
C PRO E 31 -42.91 -26.11 -7.29
N THR E 32 -43.18 -27.21 -6.60
CA THR E 32 -44.48 -27.44 -5.96
C THR E 32 -44.51 -27.00 -4.50
N GLY E 33 -43.37 -26.62 -3.93
CA GLY E 33 -43.28 -26.13 -2.58
C GLY E 33 -42.53 -27.03 -1.61
N SER E 34 -41.86 -28.07 -2.12
CA SER E 34 -41.17 -29.03 -1.29
C SER E 34 -39.70 -28.68 -1.14
N TYR E 35 -39.25 -28.60 0.11
CA TYR E 35 -37.86 -28.30 0.43
C TYR E 35 -36.99 -29.51 0.13
N HIS E 36 -35.90 -29.28 -0.61
CA HIS E 36 -34.92 -30.33 -0.89
C HIS E 36 -33.50 -29.84 -0.69
N GLY E 37 -33.31 -28.72 0.00
CA GLY E 37 -31.99 -28.25 0.33
C GLY E 37 -31.39 -29.00 1.49
N ASP E 38 -30.18 -28.63 1.89
CA ASP E 38 -29.47 -29.34 2.95
C ASP E 38 -28.86 -28.44 4.02
N SER E 39 -29.23 -27.16 4.07
CA SER E 39 -28.64 -26.23 5.00
C SER E 39 -29.69 -25.74 6.00
N ASP E 40 -29.23 -25.50 7.23
CA ASP E 40 -30.10 -24.88 8.23
C ASP E 40 -30.31 -23.41 7.95
N LEU E 41 -29.38 -22.80 7.19
CA LEU E 41 -29.61 -21.46 6.66
C LEU E 41 -30.79 -21.46 5.70
N GLN E 42 -30.96 -22.56 4.95
CA GLN E 42 -32.11 -22.71 4.07
C GLN E 42 -33.32 -23.27 4.81
N LEU E 43 -33.16 -23.57 6.10
CA LEU E 43 -34.22 -24.20 6.87
C LEU E 43 -34.80 -23.28 7.92
N GLU E 44 -33.99 -22.41 8.52
CA GLU E 44 -34.46 -21.60 9.63
C GLU E 44 -35.21 -20.36 9.17
N ARG E 45 -34.74 -19.71 8.10
CA ARG E 45 -35.28 -18.44 7.65
C ARG E 45 -36.39 -18.61 6.61
N ILE E 46 -37.09 -19.74 6.65
CA ILE E 46 -38.20 -19.96 5.72
C ILE E 46 -39.39 -19.11 6.12
N ASN E 47 -39.54 -18.86 7.42
CA ASN E 47 -40.66 -18.15 8.02
C ASN E 47 -40.78 -16.71 7.52
N VAL E 48 -39.64 -16.11 7.17
CA VAL E 48 -39.62 -14.72 6.72
C VAL E 48 -40.32 -14.58 5.37
N TYR E 49 -40.08 -15.52 4.46
CA TYR E 49 -40.65 -15.43 3.12
C TYR E 49 -41.77 -16.42 2.84
N TYR E 50 -41.71 -17.63 3.38
CA TYR E 50 -42.64 -18.67 2.99
C TYR E 50 -43.54 -19.07 4.15
N ASN E 51 -44.78 -19.40 3.81
CA ASN E 51 -45.72 -19.97 4.77
C ASN E 51 -45.76 -21.47 4.57
N GLU E 52 -45.29 -22.21 5.57
CA GLU E 52 -45.24 -23.67 5.49
C GLU E 52 -46.63 -24.24 5.73
N ALA E 53 -47.14 -24.96 4.73
CA ALA E 53 -48.40 -25.66 4.83
C ALA E 53 -48.16 -27.12 5.23
N ALA E 54 -49.25 -27.89 5.29
CA ALA E 54 -49.16 -29.28 5.66
C ALA E 54 -48.50 -30.09 4.56
N GLY E 55 -47.56 -30.96 4.94
CA GLY E 55 -46.87 -31.79 4.00
C GLY E 55 -45.64 -31.18 3.36
N ASN E 56 -44.96 -30.28 4.08
CA ASN E 56 -43.77 -29.55 3.59
C ASN E 56 -44.06 -28.80 2.29
N LYS E 57 -45.12 -27.99 2.32
CA LYS E 57 -45.48 -27.13 1.21
C LYS E 57 -45.35 -25.69 1.66
N TYR E 58 -44.63 -24.89 0.87
CA TYR E 58 -44.30 -23.53 1.26
C TYR E 58 -45.12 -22.56 0.41
N VAL E 59 -45.92 -21.74 1.09
CA VAL E 59 -46.75 -20.74 0.43
C VAL E 59 -45.95 -19.44 0.39
N PRO E 60 -45.62 -18.93 -0.79
CA PRO E 60 -44.86 -17.67 -0.87
C PRO E 60 -45.69 -16.49 -0.43
N ARG E 61 -45.17 -15.75 0.55
CA ARG E 61 -45.87 -14.60 1.10
C ARG E 61 -45.67 -13.42 0.14
N ALA E 62 -46.46 -13.44 -0.93
CA ALA E 62 -46.37 -12.43 -1.98
C ALA E 62 -47.74 -12.32 -2.64
N ILE E 63 -48.11 -11.08 -3.00
CA ILE E 63 -49.44 -10.79 -3.51
C ILE E 63 -49.31 -10.24 -4.92
N LEU E 64 -50.08 -10.80 -5.84
CA LEU E 64 -50.04 -10.42 -7.25
C LEU E 64 -51.28 -9.60 -7.57
N VAL E 65 -51.07 -8.34 -7.97
CA VAL E 65 -52.15 -7.39 -8.19
C VAL E 65 -52.14 -6.97 -9.65
N ASP E 66 -53.29 -7.11 -10.31
CA ASP E 66 -53.49 -6.60 -11.66
C ASP E 66 -54.99 -6.48 -11.88
N LEU E 67 -55.38 -5.65 -12.85
CA LEU E 67 -56.74 -5.59 -13.33
C LEU E 67 -56.94 -6.39 -14.61
N GLU E 68 -55.96 -7.22 -14.96
CA GLU E 68 -56.03 -8.12 -16.10
C GLU E 68 -55.44 -9.46 -15.71
N PRO E 69 -56.08 -10.57 -16.12
CA PRO E 69 -55.52 -11.89 -15.80
C PRO E 69 -54.29 -12.26 -16.62
N GLY E 70 -54.09 -11.62 -17.78
CA GLY E 70 -53.11 -12.01 -18.79
C GLY E 70 -51.67 -12.18 -18.35
N THR E 71 -51.19 -11.30 -17.47
CA THR E 71 -49.85 -11.45 -16.94
C THR E 71 -49.77 -12.65 -16.00
N MET E 72 -50.77 -12.82 -15.15
CA MET E 72 -50.78 -13.94 -14.22
C MET E 72 -51.14 -15.25 -14.88
N ASP E 73 -51.78 -15.21 -16.05
CA ASP E 73 -52.12 -16.44 -16.75
C ASP E 73 -50.87 -17.14 -17.27
N SER E 74 -49.87 -16.37 -17.69
CA SER E 74 -48.63 -16.97 -18.18
C SER E 74 -47.79 -17.54 -17.05
N VAL E 75 -47.78 -16.87 -15.90
CA VAL E 75 -46.98 -17.32 -14.76
C VAL E 75 -47.61 -18.57 -14.15
N ARG E 76 -48.94 -18.61 -14.10
CA ARG E 76 -49.64 -19.78 -13.56
C ARG E 76 -49.51 -20.98 -14.49
N SER E 77 -49.66 -20.75 -15.79
CA SER E 77 -49.50 -21.85 -16.75
C SER E 77 -48.04 -22.24 -16.90
N GLY E 78 -47.13 -21.30 -16.66
CA GLY E 78 -45.73 -21.59 -16.69
C GLY E 78 -45.24 -22.18 -15.38
N PRO E 79 -43.92 -22.29 -15.23
CA PRO E 79 -43.37 -22.79 -13.96
C PRO E 79 -43.54 -21.78 -12.84
N PHE E 80 -43.44 -22.27 -11.60
CA PHE E 80 -43.48 -21.53 -10.35
C PHE E 80 -44.82 -20.83 -10.08
N GLY E 81 -45.85 -21.06 -10.89
CA GLY E 81 -47.19 -20.69 -10.50
C GLY E 81 -47.86 -21.78 -9.70
N GLN E 82 -47.28 -22.98 -9.72
CA GLN E 82 -47.84 -24.12 -9.00
C GLN E 82 -47.59 -24.02 -7.50
N ILE E 83 -46.49 -23.38 -7.08
CA ILE E 83 -46.24 -23.13 -5.67
C ILE E 83 -47.18 -22.05 -5.12
N PHE E 84 -47.73 -21.21 -5.98
CA PHE E 84 -48.60 -20.14 -5.57
C PHE E 84 -50.00 -20.67 -5.26
N ARG E 85 -50.57 -20.21 -4.16
CA ARG E 85 -51.94 -20.56 -3.86
C ARG E 85 -52.88 -19.78 -4.77
N PRO E 86 -54.10 -20.30 -5.00
CA PRO E 86 -55.07 -19.54 -5.81
C PRO E 86 -55.55 -18.25 -5.16
N ASP E 87 -55.35 -18.09 -3.85
CA ASP E 87 -55.72 -16.85 -3.17
C ASP E 87 -54.83 -15.68 -3.56
N ASN E 88 -53.63 -15.93 -4.07
CA ASN E 88 -52.76 -14.88 -4.56
C ASN E 88 -53.22 -14.31 -5.90
N PHE E 89 -54.14 -14.98 -6.57
CA PHE E 89 -54.53 -14.66 -7.93
C PHE E 89 -55.81 -13.83 -7.85
N VAL E 90 -55.66 -12.54 -7.55
CA VAL E 90 -56.78 -11.62 -7.38
C VAL E 90 -56.71 -10.60 -8.50
N PHE E 91 -57.78 -10.50 -9.29
CA PHE E 91 -57.80 -9.59 -10.42
C PHE E 91 -59.24 -9.19 -10.75
N GLY E 92 -59.37 -8.25 -11.67
CA GLY E 92 -60.62 -7.88 -12.25
C GLY E 92 -60.59 -7.92 -13.75
N GLN E 93 -61.65 -7.38 -14.37
CA GLN E 93 -61.76 -7.28 -15.81
C GLN E 93 -62.78 -6.20 -16.16
N SER E 94 -62.41 -5.22 -16.97
CA SER E 94 -61.11 -5.15 -17.63
C SER E 94 -60.08 -4.29 -16.91
N GLY E 95 -58.96 -4.03 -17.59
CA GLY E 95 -57.89 -3.24 -17.02
C GLY E 95 -58.11 -1.75 -17.16
N ALA E 96 -57.20 -0.99 -16.54
CA ALA E 96 -57.27 0.47 -16.62
C ALA E 96 -56.70 0.97 -17.93
N GLY E 97 -55.82 0.19 -18.56
CA GLY E 97 -55.16 0.61 -19.78
C GLY E 97 -54.08 1.64 -19.52
N ASN E 98 -53.20 1.31 -18.57
CA ASN E 98 -52.12 2.18 -18.07
C ASN E 98 -52.62 3.53 -17.59
N ASN E 99 -53.79 3.57 -16.94
CA ASN E 99 -54.41 4.81 -16.52
C ASN E 99 -54.31 4.94 -15.01
N TRP E 100 -53.83 6.09 -14.54
CA TRP E 100 -53.69 6.30 -13.10
C TRP E 100 -55.04 6.61 -12.46
N ALA E 101 -55.86 7.44 -13.13
CA ALA E 101 -57.11 7.88 -12.55
C ALA E 101 -58.13 6.75 -12.51
N LYS E 102 -57.98 5.76 -13.39
CA LYS E 102 -58.87 4.60 -13.34
C LYS E 102 -58.42 3.61 -12.28
N GLY E 103 -57.10 3.52 -12.03
CA GLY E 103 -56.61 2.55 -11.08
C GLY E 103 -56.60 3.07 -9.66
N HIS E 104 -56.59 4.40 -9.50
CA HIS E 104 -56.52 4.95 -8.16
C HIS E 104 -57.87 5.47 -7.69
N TYR E 105 -58.69 6.00 -8.59
CA TYR E 105 -59.81 6.82 -8.16
C TYR E 105 -61.18 6.22 -8.49
N THR E 106 -61.39 5.76 -9.72
CA THR E 106 -62.73 5.35 -10.15
C THR E 106 -62.86 3.84 -10.07
N GLU E 107 -62.06 3.08 -10.80
CA GLU E 107 -62.38 1.66 -10.96
C GLU E 107 -61.44 0.78 -10.15
N GLY E 108 -60.21 1.22 -9.95
CA GLY E 108 -59.23 0.43 -9.22
C GLY E 108 -59.48 0.28 -7.74
N ALA E 109 -60.32 1.15 -7.16
CA ALA E 109 -60.58 1.09 -5.72
C ALA E 109 -61.49 -0.09 -5.36
N GLU E 110 -62.19 -0.65 -6.35
CA GLU E 110 -63.15 -1.70 -6.07
C GLU E 110 -62.44 -3.03 -5.75
N LEU E 111 -61.23 -3.22 -6.28
CA LEU E 111 -60.52 -4.47 -6.03
C LEU E 111 -59.65 -4.38 -4.79
N VAL E 112 -59.23 -3.16 -4.42
CA VAL E 112 -58.31 -2.94 -3.29
C VAL E 112 -58.95 -3.37 -1.97
N ASP E 113 -60.27 -3.18 -1.86
CA ASP E 113 -60.99 -3.63 -0.67
C ASP E 113 -60.99 -5.16 -0.57
N SER E 114 -60.96 -5.84 -1.71
CA SER E 114 -60.76 -7.28 -1.69
C SER E 114 -59.29 -7.63 -1.49
N VAL E 115 -58.38 -6.80 -2.00
CA VAL E 115 -56.95 -7.09 -1.87
C VAL E 115 -56.48 -6.87 -0.45
N LEU E 116 -56.86 -5.74 0.15
CA LEU E 116 -56.45 -5.45 1.53
C LEU E 116 -57.13 -6.39 2.53
N ASP E 117 -58.24 -7.01 2.15
CA ASP E 117 -58.83 -8.04 2.99
C ASP E 117 -57.93 -9.28 3.04
N VAL E 118 -57.29 -9.60 1.91
CA VAL E 118 -56.34 -10.71 1.88
C VAL E 118 -55.08 -10.35 2.66
N VAL E 119 -54.69 -9.07 2.64
CA VAL E 119 -53.57 -8.59 3.44
C VAL E 119 -53.86 -8.78 4.92
N ARG E 120 -55.09 -8.49 5.34
CA ARG E 120 -55.48 -8.71 6.72
C ARG E 120 -55.56 -10.20 7.05
N LYS E 121 -55.96 -11.01 6.05
CA LYS E 121 -55.95 -12.45 6.25
C LYS E 121 -54.54 -13.01 6.27
N GLU E 122 -53.59 -12.30 5.66
CA GLU E 122 -52.21 -12.77 5.70
C GLU E 122 -51.49 -12.26 6.95
N SER E 123 -51.73 -11.00 7.33
CA SER E 123 -51.03 -10.40 8.45
C SER E 123 -51.47 -11.00 9.79
N GLU E 124 -52.72 -11.47 9.87
CA GLU E 124 -53.13 -12.18 11.07
C GLU E 124 -52.50 -13.57 11.13
N SER E 125 -52.21 -14.17 9.97
CA SER E 125 -51.51 -15.44 9.94
C SER E 125 -50.03 -15.29 10.21
N CYS E 126 -49.49 -14.09 10.06
CA CYS E 126 -48.07 -13.86 10.32
C CYS E 126 -47.78 -13.83 11.83
N ASP E 127 -46.55 -14.21 12.19
CA ASP E 127 -46.13 -14.21 13.59
C ASP E 127 -45.53 -12.86 14.00
N CYS E 128 -44.69 -12.29 13.15
CA CYS E 128 -44.06 -11.01 13.46
C CYS E 128 -43.69 -10.34 12.15
N LEU E 129 -44.17 -9.11 11.97
CA LEU E 129 -43.94 -8.38 10.73
C LEU E 129 -42.75 -7.44 10.89
N GLN E 130 -42.02 -7.22 9.80
CA GLN E 130 -40.89 -6.31 9.83
C GLN E 130 -41.07 -5.17 8.81
N GLY E 131 -41.65 -5.48 7.66
CA GLY E 131 -41.90 -4.46 6.66
C GLY E 131 -42.62 -5.05 5.47
N PHE E 132 -43.23 -4.17 4.69
CA PHE E 132 -44.03 -4.58 3.55
C PHE E 132 -43.40 -4.10 2.25
N GLN E 133 -43.22 -5.03 1.32
CA GLN E 133 -42.45 -4.83 0.10
C GLN E 133 -43.39 -4.68 -1.08
N LEU E 134 -43.07 -3.77 -1.99
CA LEU E 134 -43.83 -3.58 -3.22
C LEU E 134 -42.90 -3.41 -4.40
N THR E 135 -43.45 -3.56 -5.61
CA THR E 135 -42.72 -3.38 -6.86
C THR E 135 -43.71 -3.02 -7.95
N HIS E 136 -43.46 -1.91 -8.64
CA HIS E 136 -44.26 -1.49 -9.78
C HIS E 136 -43.40 -0.61 -10.67
N SER E 137 -44.06 0.10 -11.58
CA SER E 137 -43.41 1.12 -12.38
C SER E 137 -44.04 2.47 -12.09
N LEU E 138 -43.29 3.54 -12.34
CA LEU E 138 -43.85 4.88 -12.20
C LEU E 138 -44.81 5.20 -13.33
N GLY E 139 -44.64 4.54 -14.47
CA GLY E 139 -45.58 4.65 -15.57
C GLY E 139 -46.58 3.52 -15.59
N GLY E 140 -46.77 2.88 -14.44
CA GLY E 140 -47.71 1.77 -14.32
C GLY E 140 -49.07 2.26 -13.88
N GLY E 141 -50.05 2.10 -14.76
CA GLY E 141 -51.41 2.55 -14.43
C GLY E 141 -52.09 1.65 -13.41
N THR E 142 -51.94 0.33 -13.56
CA THR E 142 -52.42 -0.59 -12.54
C THR E 142 -51.35 -0.90 -11.51
N GLY E 143 -50.08 -0.64 -11.84
CA GLY E 143 -49.02 -0.89 -10.87
C GLY E 143 -48.94 0.19 -9.81
N SER E 144 -48.85 1.45 -10.23
CA SER E 144 -48.70 2.56 -9.31
C SER E 144 -50.05 3.19 -8.93
N GLY E 145 -51.04 3.05 -9.80
CA GLY E 145 -52.37 3.60 -9.52
C GLY E 145 -53.04 2.93 -8.35
N MET E 146 -53.11 1.60 -8.38
CA MET E 146 -53.63 0.87 -7.23
C MET E 146 -52.64 0.90 -6.07
N GLY E 147 -51.35 1.02 -6.39
CA GLY E 147 -50.32 0.90 -5.36
C GLY E 147 -50.27 2.08 -4.42
N THR E 148 -50.46 3.30 -4.95
CA THR E 148 -50.54 4.47 -4.09
C THR E 148 -51.78 4.45 -3.23
N LEU E 149 -52.84 3.79 -3.68
CA LEU E 149 -54.01 3.60 -2.85
C LEU E 149 -53.74 2.55 -1.77
N LEU E 150 -52.87 1.60 -2.06
CA LEU E 150 -52.52 0.57 -1.08
C LEU E 150 -51.69 1.16 0.06
N ILE E 151 -50.62 1.87 -0.27
CA ILE E 151 -49.66 2.34 0.73
C ILE E 151 -50.28 3.43 1.60
N SER E 152 -51.23 4.18 1.02
CA SER E 152 -51.96 5.18 1.80
C SER E 152 -52.85 4.53 2.85
N LYS E 153 -53.33 3.31 2.59
CA LYS E 153 -54.22 2.64 3.54
C LYS E 153 -53.47 1.74 4.51
N ILE E 154 -52.33 1.18 4.09
CA ILE E 154 -51.58 0.31 4.99
C ILE E 154 -50.82 1.14 6.02
N ARG E 155 -50.34 2.32 5.62
CA ARG E 155 -49.71 3.24 6.57
C ARG E 155 -50.74 3.74 7.60
N GLU E 156 -52.00 3.86 7.17
CA GLU E 156 -53.10 4.06 8.11
C GLU E 156 -53.25 2.88 9.05
N GLU E 157 -53.09 1.66 8.51
CA GLU E 157 -53.23 0.47 9.34
C GLU E 157 -51.97 0.21 10.16
N TYR E 158 -50.83 0.05 9.49
CA TYR E 158 -49.57 -0.33 10.13
C TYR E 158 -48.53 0.75 9.89
N PRO E 159 -48.47 1.75 10.79
CA PRO E 159 -47.46 2.81 10.62
C PRO E 159 -46.06 2.36 10.98
N ASP E 160 -45.92 1.26 11.71
CA ASP E 160 -44.65 0.88 12.32
C ASP E 160 -43.77 -0.01 11.45
N ARG E 161 -44.23 -0.38 10.25
CA ARG E 161 -43.46 -1.29 9.43
C ARG E 161 -42.82 -0.56 8.26
N ILE E 162 -41.81 -1.21 7.69
CA ILE E 162 -41.06 -0.62 6.57
C ILE E 162 -41.93 -0.61 5.33
N MET E 163 -42.28 0.58 4.86
CA MET E 163 -43.15 0.76 3.70
C MET E 163 -42.31 1.17 2.51
N ASN E 164 -41.85 0.19 1.74
CA ASN E 164 -41.03 0.46 0.57
C ASN E 164 -41.66 -0.14 -0.68
N THR E 165 -41.33 0.47 -1.82
CA THR E 165 -41.70 -0.07 -3.10
C THR E 165 -40.47 -0.06 -3.99
N PHE E 166 -40.53 -0.85 -5.06
CA PHE E 166 -39.49 -0.87 -6.07
C PHE E 166 -40.08 -0.35 -7.37
N SER E 167 -39.98 0.97 -7.57
CA SER E 167 -40.62 1.62 -8.70
C SER E 167 -39.61 1.79 -9.83
N VAL E 168 -40.11 1.70 -11.06
CA VAL E 168 -39.28 1.79 -12.25
C VAL E 168 -39.33 3.22 -12.77
N VAL E 169 -38.16 3.84 -12.90
CA VAL E 169 -38.04 5.20 -13.43
C VAL E 169 -38.35 5.14 -14.92
N PRO E 170 -39.26 5.98 -15.42
CA PRO E 170 -39.58 5.95 -16.85
C PRO E 170 -38.42 6.47 -17.70
N SER E 171 -38.12 5.74 -18.78
CA SER E 171 -37.04 6.08 -19.68
C SER E 171 -37.54 6.97 -20.81
N PRO E 172 -36.78 7.99 -21.20
CA PRO E 172 -37.12 8.75 -22.42
C PRO E 172 -37.02 7.91 -23.69
N LYS E 173 -36.16 6.89 -23.71
CA LYS E 173 -36.12 5.96 -24.83
C LYS E 173 -37.33 5.04 -24.88
N VAL E 174 -37.92 4.70 -23.74
CA VAL E 174 -39.01 3.74 -23.70
C VAL E 174 -40.32 4.51 -23.59
N SER E 175 -41.01 4.65 -24.72
CA SER E 175 -42.27 5.38 -24.75
C SER E 175 -43.40 4.48 -25.21
N ASP E 176 -44.39 4.32 -24.32
CA ASP E 176 -45.59 3.56 -24.61
C ASP E 176 -46.81 4.47 -24.73
N THR E 177 -47.08 5.28 -23.72
CA THR E 177 -48.11 6.30 -23.77
C THR E 177 -47.51 7.67 -23.52
N VAL E 178 -48.28 8.70 -23.86
CA VAL E 178 -47.79 10.08 -23.75
C VAL E 178 -48.14 10.64 -22.37
N VAL E 179 -49.10 10.01 -21.69
CA VAL E 179 -49.53 10.45 -20.37
C VAL E 179 -48.77 9.69 -19.29
N GLU E 180 -47.66 9.05 -19.68
CA GLU E 180 -46.76 8.46 -18.69
C GLU E 180 -46.10 9.48 -17.74
N PRO E 181 -45.63 10.67 -18.17
CA PRO E 181 -45.19 11.65 -17.16
C PRO E 181 -46.32 12.22 -16.32
N TYR E 182 -47.57 12.16 -16.78
CA TYR E 182 -48.69 12.47 -15.90
C TYR E 182 -48.79 11.45 -14.77
N ASN E 183 -48.54 10.18 -15.10
CA ASN E 183 -48.72 9.12 -14.13
C ASN E 183 -47.57 9.10 -13.12
N ALA E 184 -46.39 9.53 -13.54
CA ALA E 184 -45.23 9.51 -12.66
C ALA E 184 -45.30 10.64 -11.64
N THR E 185 -45.76 11.83 -12.07
CA THR E 185 -45.81 12.99 -11.19
C THR E 185 -46.88 12.81 -10.12
N LEU E 186 -48.02 12.23 -10.49
CA LEU E 186 -49.10 12.00 -9.54
C LEU E 186 -48.74 10.88 -8.56
N SER E 187 -47.84 9.99 -8.96
CA SER E 187 -47.38 8.95 -8.04
C SER E 187 -46.46 9.52 -6.97
N VAL E 188 -45.46 10.30 -7.37
CA VAL E 188 -44.45 10.85 -6.46
C VAL E 188 -45.10 11.83 -5.48
N HIS E 189 -46.21 12.44 -5.89
CA HIS E 189 -47.02 13.27 -5.00
C HIS E 189 -47.57 12.46 -3.82
N GLN E 190 -47.75 11.16 -4.00
CA GLN E 190 -48.19 10.32 -2.89
C GLN E 190 -47.09 9.39 -2.39
N LEU E 191 -46.11 9.05 -3.24
CA LEU E 191 -45.09 8.10 -2.82
C LEU E 191 -44.12 8.71 -1.82
N VAL E 192 -43.88 10.02 -1.91
CA VAL E 192 -43.11 10.69 -0.86
C VAL E 192 -43.92 10.74 0.42
N GLU E 193 -45.23 10.91 0.30
CA GLU E 193 -46.08 11.07 1.47
C GLU E 193 -46.33 9.74 2.18
N ASN E 194 -46.44 8.64 1.43
CA ASN E 194 -46.94 7.39 1.98
C ASN E 194 -45.86 6.34 2.21
N THR E 195 -44.78 6.36 1.43
CA THR E 195 -43.75 5.34 1.58
C THR E 195 -42.67 5.82 2.53
N ASP E 196 -41.93 4.86 3.05
CA ASP E 196 -40.76 5.14 3.89
C ASP E 196 -39.49 5.31 3.08
N GLU E 197 -39.35 4.59 1.96
CA GLU E 197 -38.20 4.64 1.10
C GLU E 197 -38.55 3.94 -0.21
N THR E 198 -37.68 4.09 -1.21
CA THR E 198 -37.76 3.33 -2.45
C THR E 198 -36.42 3.39 -3.17
N TYR E 199 -36.32 2.64 -4.26
CA TYR E 199 -35.12 2.61 -5.08
C TYR E 199 -35.37 3.36 -6.37
N CYS E 200 -34.31 3.60 -7.13
CA CYS E 200 -34.40 4.23 -8.44
C CYS E 200 -33.90 3.24 -9.49
N ILE E 201 -34.82 2.72 -10.31
CA ILE E 201 -34.51 1.68 -11.28
C ILE E 201 -34.91 2.19 -12.65
N ASP E 202 -33.94 2.26 -13.57
CA ASP E 202 -34.18 2.70 -14.94
C ASP E 202 -33.72 1.59 -15.88
N ASN E 203 -34.62 1.16 -16.76
CA ASN E 203 -34.32 0.10 -17.73
C ASN E 203 -33.31 0.58 -18.78
N GLU E 204 -33.33 1.87 -19.08
CA GLU E 204 -32.38 2.45 -20.03
C GLU E 204 -30.96 2.37 -19.49
N ALA E 205 -30.78 2.58 -18.19
CA ALA E 205 -29.48 2.36 -17.58
C ALA E 205 -29.12 0.87 -17.57
N LEU E 206 -30.12 0.00 -17.45
CA LEU E 206 -29.86 -1.43 -17.48
C LEU E 206 -29.53 -1.91 -18.89
N TYR E 207 -29.92 -1.14 -19.91
CA TYR E 207 -29.55 -1.47 -21.28
C TYR E 207 -28.06 -1.30 -21.50
N ASP E 208 -27.46 -0.32 -20.84
CA ASP E 208 -26.01 -0.14 -20.93
C ASP E 208 -25.27 -1.23 -20.18
N ILE E 209 -25.84 -1.72 -19.08
CA ILE E 209 -25.15 -2.69 -18.23
C ILE E 209 -25.05 -4.03 -18.94
N CYS E 210 -26.11 -4.40 -19.67
CA CYS E 210 -26.13 -5.71 -20.32
C CYS E 210 -25.17 -5.76 -21.49
N PHE E 211 -24.96 -4.64 -22.17
CA PHE E 211 -24.18 -4.65 -23.40
C PHE E 211 -22.76 -4.18 -23.20
N ARG E 212 -22.56 -3.07 -22.48
CA ARG E 212 -21.21 -2.52 -22.34
C ARG E 212 -20.37 -3.32 -21.35
N THR E 213 -20.99 -3.75 -20.25
CA THR E 213 -20.25 -4.44 -19.20
C THR E 213 -20.37 -5.95 -19.26
N LEU E 214 -21.53 -6.48 -19.65
CA LEU E 214 -21.76 -7.91 -19.66
C LEU E 214 -21.69 -8.51 -21.05
N LYS E 215 -21.65 -7.67 -22.09
CA LYS E 215 -21.50 -8.07 -23.50
C LYS E 215 -22.62 -9.01 -23.94
N LEU E 216 -23.86 -8.62 -23.65
CA LEU E 216 -25.00 -9.42 -24.05
C LEU E 216 -25.70 -8.78 -25.24
N THR E 217 -26.36 -9.62 -26.03
CA THR E 217 -26.92 -9.19 -27.31
C THR E 217 -28.34 -8.65 -27.20
N THR E 218 -29.28 -9.47 -26.74
CA THR E 218 -30.70 -9.10 -26.69
C THR E 218 -31.19 -9.13 -25.26
N PRO E 219 -31.16 -7.99 -24.55
CA PRO E 219 -31.71 -7.96 -23.20
C PRO E 219 -33.23 -8.01 -23.22
N THR E 220 -33.77 -9.10 -22.68
CA THR E 220 -35.21 -9.23 -22.51
C THR E 220 -35.59 -8.76 -21.11
N TYR E 221 -36.91 -8.66 -20.88
CA TYR E 221 -37.40 -8.23 -19.58
C TYR E 221 -37.07 -9.23 -18.48
N GLY E 222 -37.05 -10.52 -18.81
CA GLY E 222 -36.58 -11.51 -17.86
C GLY E 222 -35.08 -11.39 -17.59
N ASP E 223 -34.31 -11.06 -18.63
CA ASP E 223 -32.87 -10.88 -18.47
C ASP E 223 -32.55 -9.62 -17.67
N LEU E 224 -33.38 -8.58 -17.83
CA LEU E 224 -33.22 -7.38 -17.01
C LEU E 224 -33.58 -7.68 -15.56
N ASN E 225 -34.72 -8.34 -15.34
CA ASN E 225 -35.19 -8.61 -13.98
C ASN E 225 -34.38 -9.70 -13.29
N HIS E 226 -33.62 -10.49 -14.04
CA HIS E 226 -32.69 -11.43 -13.42
C HIS E 226 -31.57 -10.68 -12.73
N LEU E 227 -31.16 -9.54 -13.30
CA LEU E 227 -30.17 -8.69 -12.64
C LEU E 227 -30.78 -7.94 -11.46
N VAL E 228 -32.04 -7.53 -11.59
CA VAL E 228 -32.71 -6.77 -10.54
C VAL E 228 -32.98 -7.66 -9.33
N SER E 229 -33.35 -8.92 -9.58
CA SER E 229 -33.61 -9.85 -8.48
C SER E 229 -32.31 -10.23 -7.77
N ALA E 230 -31.16 -10.11 -8.44
CA ALA E 230 -29.89 -10.24 -7.75
C ALA E 230 -29.64 -9.07 -6.81
N THR E 231 -30.23 -7.91 -7.13
CA THR E 231 -30.13 -6.75 -6.25
C THR E 231 -31.29 -6.68 -5.27
N MET E 232 -32.46 -7.17 -5.66
CA MET E 232 -33.60 -7.25 -4.73
C MET E 232 -33.32 -8.23 -3.60
N SER E 233 -32.91 -9.45 -3.94
CA SER E 233 -32.58 -10.43 -2.92
C SER E 233 -31.20 -10.18 -2.33
N GLY E 234 -30.39 -9.34 -2.96
CA GLY E 234 -29.08 -9.02 -2.41
C GLY E 234 -29.16 -8.16 -1.18
N VAL E 235 -30.24 -7.40 -1.03
CA VAL E 235 -30.39 -6.49 0.10
C VAL E 235 -31.07 -7.18 1.27
N THR E 236 -32.24 -7.76 1.02
CA THR E 236 -33.14 -8.19 2.08
C THR E 236 -32.75 -9.50 2.74
N THR E 237 -31.95 -10.34 2.08
CA THR E 237 -31.52 -11.58 2.71
C THR E 237 -30.45 -11.35 3.78
N CYS E 238 -29.76 -10.21 3.74
CA CYS E 238 -28.84 -9.85 4.81
C CYS E 238 -29.56 -9.54 6.11
N LEU E 239 -30.81 -9.11 6.04
CA LEU E 239 -31.67 -9.06 7.22
C LEU E 239 -31.93 -10.46 7.74
N ARG E 240 -31.96 -11.45 6.85
CA ARG E 240 -32.33 -12.81 7.20
C ARG E 240 -31.12 -13.63 7.60
N PHE E 241 -30.12 -13.69 6.73
CA PHE E 241 -28.94 -14.52 6.97
C PHE E 241 -28.01 -13.86 7.98
N PRO E 242 -27.31 -14.65 8.80
CA PRO E 242 -26.44 -14.08 9.83
C PRO E 242 -25.18 -13.47 9.25
N GLY E 243 -24.55 -12.61 10.05
CA GLY E 243 -23.30 -12.00 9.67
C GLY E 243 -22.68 -11.27 10.84
N GLN E 244 -21.51 -10.68 10.60
CA GLN E 244 -20.87 -9.85 11.60
C GLN E 244 -21.50 -8.46 11.68
N LEU E 245 -21.86 -7.89 10.54
CA LEU E 245 -22.63 -6.65 10.47
C LEU E 245 -23.98 -7.02 9.89
N ASN E 246 -24.89 -7.48 10.76
CA ASN E 246 -26.25 -7.76 10.35
C ASN E 246 -27.00 -6.46 10.19
N ALA E 247 -27.30 -6.12 8.94
CA ALA E 247 -27.86 -4.82 8.58
C ALA E 247 -29.36 -4.97 8.40
N ASP E 248 -30.11 -4.57 9.42
CA ASP E 248 -31.55 -4.44 9.27
C ASP E 248 -31.86 -3.31 8.30
N LEU E 249 -32.95 -3.49 7.55
CA LEU E 249 -33.38 -2.42 6.64
C LEU E 249 -33.90 -1.24 7.43
N ARG E 250 -34.48 -1.49 8.61
CA ARG E 250 -34.90 -0.39 9.47
C ARG E 250 -33.70 0.28 10.12
N LYS E 251 -32.63 -0.48 10.38
CA LYS E 251 -31.35 0.14 10.68
C LYS E 251 -30.83 0.89 9.47
N LEU E 252 -31.05 0.35 8.28
CA LEU E 252 -30.59 1.00 7.06
C LEU E 252 -31.43 2.24 6.77
N ALA E 253 -32.72 2.20 7.11
CA ALA E 253 -33.58 3.35 6.88
C ALA E 253 -33.21 4.52 7.78
N VAL E 254 -32.67 4.24 8.98
CA VAL E 254 -32.18 5.32 9.83
C VAL E 254 -30.89 5.91 9.28
N ASN E 255 -29.95 5.04 8.89
CA ASN E 255 -28.61 5.48 8.52
C ASN E 255 -28.53 6.12 7.14
N MET E 256 -29.52 5.89 6.28
CA MET E 256 -29.42 6.39 4.91
C MET E 256 -30.29 7.62 4.67
N VAL E 257 -31.23 7.91 5.56
CA VAL E 257 -32.26 8.93 5.33
C VAL E 257 -32.02 10.06 6.32
N PRO E 258 -31.44 11.19 5.90
CA PRO E 258 -31.30 12.32 6.83
C PRO E 258 -32.53 13.20 6.92
N PHE E 259 -33.33 13.29 5.87
CA PHE E 259 -34.53 14.11 5.86
C PHE E 259 -35.65 13.18 5.45
N PRO E 260 -36.79 13.20 6.16
CA PRO E 260 -37.82 12.16 5.97
C PRO E 260 -38.48 12.13 4.61
N ARG E 261 -38.47 13.25 3.88
CA ARG E 261 -38.96 13.27 2.52
C ARG E 261 -37.89 12.88 1.50
N LEU E 262 -36.64 12.80 1.93
CA LEU E 262 -35.51 12.49 1.05
C LEU E 262 -35.12 11.03 1.32
N HIS E 263 -35.76 10.12 0.61
CA HIS E 263 -35.66 8.68 0.86
C HIS E 263 -35.55 7.90 -0.45
N PHE E 264 -34.72 8.38 -1.37
CA PHE E 264 -34.57 7.79 -2.69
C PHE E 264 -33.16 7.23 -2.84
N PHE E 265 -33.05 5.99 -3.32
CA PHE E 265 -31.80 5.25 -3.28
C PHE E 265 -31.31 4.93 -4.68
N MET E 266 -29.99 4.82 -4.81
CA MET E 266 -29.32 4.45 -6.05
C MET E 266 -28.72 3.06 -5.91
N PRO E 267 -29.39 2.03 -6.38
CA PRO E 267 -28.87 0.66 -6.23
C PRO E 267 -27.76 0.37 -7.22
N GLY E 268 -26.92 -0.58 -6.85
CA GLY E 268 -25.82 -1.02 -7.71
C GLY E 268 -25.43 -2.44 -7.38
N PHE E 269 -25.02 -3.18 -8.41
CA PHE E 269 -24.62 -4.56 -8.27
C PHE E 269 -23.14 -4.67 -8.58
N ALA E 270 -22.36 -5.19 -7.62
CA ALA E 270 -20.91 -5.15 -7.76
C ALA E 270 -20.29 -6.25 -8.64
N PRO E 271 -20.58 -7.58 -8.47
CA PRO E 271 -19.82 -8.54 -9.30
C PRO E 271 -20.34 -8.65 -10.73
N LEU E 272 -20.21 -7.57 -11.49
CA LEU E 272 -20.64 -7.55 -12.88
C LEU E 272 -19.43 -7.80 -13.79
N THR E 273 -19.44 -8.96 -14.44
CA THR E 273 -18.41 -9.30 -15.41
C THR E 273 -19.00 -10.28 -16.42
N SER E 274 -18.46 -10.24 -17.64
CA SER E 274 -18.87 -11.19 -18.66
C SER E 274 -18.12 -12.51 -18.49
N ARG E 275 -18.46 -13.47 -19.35
CA ARG E 275 -17.86 -14.79 -19.24
C ARG E 275 -16.51 -14.86 -19.94
N GLY E 276 -16.15 -13.83 -20.71
CA GLY E 276 -14.82 -13.78 -21.30
C GLY E 276 -13.75 -13.37 -20.30
N SER E 277 -14.07 -12.41 -19.43
CA SER E 277 -13.14 -12.03 -18.38
C SER E 277 -13.33 -12.87 -17.13
N GLN E 278 -14.15 -13.92 -17.22
CA GLN E 278 -14.30 -14.85 -16.11
C GLN E 278 -13.01 -15.59 -15.83
N GLN E 279 -12.23 -15.88 -16.86
CA GLN E 279 -10.90 -16.45 -16.73
C GLN E 279 -9.83 -15.39 -16.56
N TYR E 280 -10.20 -14.11 -16.53
CA TYR E 280 -9.24 -13.02 -16.52
C TYR E 280 -9.27 -12.16 -15.27
N ARG E 281 -10.34 -12.20 -14.48
CA ARG E 281 -10.53 -11.26 -13.39
C ARG E 281 -10.42 -11.97 -12.05
N ALA E 282 -9.70 -11.34 -11.12
CA ALA E 282 -9.65 -11.82 -9.75
C ALA E 282 -10.72 -11.14 -8.91
N LEU E 283 -11.39 -11.93 -8.07
CA LEU E 283 -12.52 -11.47 -7.27
C LEU E 283 -12.00 -11.06 -5.90
N THR E 284 -11.71 -9.76 -5.73
CA THR E 284 -11.25 -9.23 -4.46
C THR E 284 -12.15 -8.08 -4.04
N VAL E 285 -11.97 -7.66 -2.80
CA VAL E 285 -12.67 -6.51 -2.22
C VAL E 285 -12.28 -5.19 -2.91
N PRO E 286 -11.00 -4.89 -3.22
CA PRO E 286 -10.74 -3.69 -4.04
C PRO E 286 -11.26 -3.78 -5.46
N GLU E 287 -11.46 -4.99 -5.99
CA GLU E 287 -12.00 -5.15 -7.33
C GLU E 287 -13.47 -4.76 -7.38
N LEU E 288 -14.23 -5.10 -6.34
CA LEU E 288 -15.66 -4.84 -6.35
C LEU E 288 -15.97 -3.38 -6.07
N THR E 289 -15.24 -2.77 -5.12
CA THR E 289 -15.43 -1.36 -4.82
C THR E 289 -14.98 -0.46 -5.97
N GLN E 290 -14.06 -0.96 -6.79
CA GLN E 290 -13.76 -0.33 -8.06
C GLN E 290 -15.01 -0.30 -8.95
N GLN E 291 -15.78 -1.39 -8.93
CA GLN E 291 -16.99 -1.45 -9.74
C GLN E 291 -18.21 -0.94 -8.98
N MET E 292 -18.12 -0.83 -7.65
CA MET E 292 -19.17 -0.13 -6.91
C MET E 292 -19.11 1.37 -7.17
N PHE E 293 -17.90 1.90 -7.36
CA PHE E 293 -17.77 3.33 -7.65
C PHE E 293 -18.01 3.60 -9.12
N ASP E 294 -18.04 2.55 -9.95
CA ASP E 294 -18.25 2.68 -11.38
C ASP E 294 -19.67 3.19 -11.66
N ALA E 295 -19.76 4.30 -12.38
CA ALA E 295 -21.06 4.88 -12.69
C ALA E 295 -21.81 4.07 -13.74
N LYS E 296 -21.10 3.25 -14.51
CA LYS E 296 -21.71 2.41 -15.51
C LYS E 296 -22.49 1.24 -14.92
N ASN E 297 -22.23 0.89 -13.66
CA ASN E 297 -22.92 -0.21 -13.01
C ASN E 297 -24.12 0.24 -12.19
N MET E 298 -24.59 1.47 -12.41
CA MET E 298 -25.71 2.00 -11.66
C MET E 298 -27.03 1.66 -12.35
N MET E 299 -28.04 1.35 -11.54
CA MET E 299 -29.34 0.92 -12.05
C MET E 299 -30.25 2.08 -12.42
N ALA E 300 -29.77 3.31 -12.33
CA ALA E 300 -30.53 4.47 -12.74
C ALA E 300 -29.62 5.38 -13.57
N ALA E 301 -30.22 6.02 -14.58
CA ALA E 301 -29.47 6.87 -15.51
C ALA E 301 -29.17 8.22 -14.85
N CYS E 302 -28.11 8.24 -14.05
CA CYS E 302 -27.66 9.43 -13.35
C CYS E 302 -26.15 9.49 -13.36
N ASP E 303 -25.60 10.69 -13.20
CA ASP E 303 -24.16 10.88 -13.12
C ASP E 303 -23.80 11.13 -11.66
N PRO E 304 -23.27 10.15 -10.94
CA PRO E 304 -22.84 10.39 -9.55
C PRO E 304 -21.61 11.26 -9.43
N ARG E 305 -20.83 11.41 -10.51
CA ARG E 305 -19.74 12.38 -10.55
C ARG E 305 -20.24 13.80 -10.72
N HIS E 306 -21.48 13.98 -11.16
CA HIS E 306 -22.16 15.27 -11.15
C HIS E 306 -22.82 15.55 -9.81
N GLY E 307 -23.52 14.56 -9.25
CA GLY E 307 -24.14 14.70 -7.95
C GLY E 307 -23.15 14.53 -6.82
N ARG E 308 -23.67 14.64 -5.60
CA ARG E 308 -22.88 14.47 -4.39
C ARG E 308 -23.57 13.48 -3.47
N TYR E 309 -22.79 12.55 -2.92
CA TYR E 309 -23.34 11.46 -2.12
C TYR E 309 -23.81 11.95 -0.77
N LEU E 310 -25.11 11.79 -0.51
CA LEU E 310 -25.64 12.00 0.83
C LEU E 310 -25.20 10.86 1.75
N THR E 311 -25.64 9.64 1.46
CA THR E 311 -25.28 8.45 2.23
C THR E 311 -24.99 7.31 1.26
N VAL E 312 -24.15 6.37 1.70
CA VAL E 312 -23.75 5.22 0.89
C VAL E 312 -23.89 3.96 1.75
N ALA E 313 -24.59 2.95 1.23
CA ALA E 313 -24.65 1.64 1.86
C ALA E 313 -23.85 0.63 1.04
N ALA E 314 -23.04 -0.17 1.74
CA ALA E 314 -22.18 -1.17 1.10
C ALA E 314 -22.59 -2.55 1.59
N VAL E 315 -23.54 -3.16 0.90
CA VAL E 315 -24.01 -4.50 1.24
C VAL E 315 -23.02 -5.52 0.68
N PHE E 316 -22.48 -6.38 1.55
CA PHE E 316 -21.44 -7.33 1.19
C PHE E 316 -21.93 -8.75 1.46
N ARG E 317 -21.47 -9.69 0.64
CA ARG E 317 -21.77 -11.11 0.81
C ARG E 317 -20.49 -11.91 0.63
N GLY E 318 -20.20 -12.78 1.59
CA GLY E 318 -19.06 -13.67 1.50
C GLY E 318 -18.20 -13.63 2.75
N ARG E 319 -17.23 -14.54 2.76
CA ARG E 319 -16.29 -14.69 3.88
C ARG E 319 -15.17 -13.66 3.69
N MET E 320 -15.38 -12.48 4.23
CA MET E 320 -14.48 -11.35 4.08
C MET E 320 -13.85 -10.98 5.41
N SER E 321 -12.62 -10.47 5.34
CA SER E 321 -11.95 -9.99 6.54
C SER E 321 -12.37 -8.56 6.82
N MET E 322 -12.41 -8.22 8.11
CA MET E 322 -12.85 -6.88 8.50
C MET E 322 -11.80 -5.82 8.18
N LYS E 323 -10.53 -6.23 8.11
CA LYS E 323 -9.46 -5.30 7.78
C LYS E 323 -9.53 -4.86 6.32
N GLU E 324 -9.73 -5.81 5.41
CA GLU E 324 -9.76 -5.48 3.99
C GLU E 324 -11.00 -4.67 3.64
N VAL E 325 -12.09 -4.89 4.38
CA VAL E 325 -13.32 -4.13 4.16
C VAL E 325 -13.13 -2.67 4.60
N ASP E 326 -12.62 -2.48 5.82
CA ASP E 326 -12.57 -1.13 6.40
C ASP E 326 -11.52 -0.26 5.73
N GLU E 327 -10.40 -0.86 5.33
CA GLU E 327 -9.33 -0.09 4.69
C GLU E 327 -9.71 0.30 3.28
N GLN E 328 -10.38 -0.59 2.55
CA GLN E 328 -10.85 -0.26 1.21
C GLN E 328 -11.98 0.76 1.25
N MET E 329 -12.82 0.72 2.30
CA MET E 329 -13.87 1.71 2.47
C MET E 329 -13.28 3.08 2.77
N LEU E 330 -12.14 3.11 3.45
CA LEU E 330 -11.50 4.38 3.79
C LEU E 330 -10.83 5.01 2.57
N ASN E 331 -10.27 4.19 1.69
CA ASN E 331 -9.48 4.72 0.58
C ASN E 331 -10.36 5.39 -0.47
N VAL E 332 -11.59 4.90 -0.63
CA VAL E 332 -12.54 5.55 -1.53
C VAL E 332 -12.96 6.88 -0.95
N GLN E 333 -13.12 6.94 0.38
CA GLN E 333 -13.40 8.22 1.04
C GLN E 333 -12.20 9.14 0.98
N ASN E 334 -10.99 8.59 0.94
CA ASN E 334 -9.80 9.41 0.77
C ASN E 334 -9.69 9.92 -0.67
N LYS E 335 -10.30 9.19 -1.60
CA LYS E 335 -10.11 9.50 -3.02
C LYS E 335 -11.11 10.57 -3.48
N ASN E 336 -12.39 10.37 -3.21
CA ASN E 336 -13.46 11.15 -3.83
C ASN E 336 -14.35 11.75 -2.74
N SER E 337 -13.71 12.40 -1.77
CA SER E 337 -14.44 13.09 -0.72
C SER E 337 -15.14 14.35 -1.23
N SER E 338 -14.76 14.86 -2.40
CA SER E 338 -15.45 15.99 -2.99
C SER E 338 -16.85 15.64 -3.47
N TYR E 339 -17.12 14.35 -3.71
CA TYR E 339 -18.44 13.89 -4.10
C TYR E 339 -19.29 13.52 -2.89
N PHE E 340 -18.90 13.95 -1.71
CA PHE E 340 -19.61 13.68 -0.47
C PHE E 340 -20.20 14.96 0.07
N VAL E 341 -21.10 14.82 1.04
CA VAL E 341 -21.56 15.99 1.77
C VAL E 341 -20.49 16.39 2.77
N GLU E 342 -20.50 17.65 3.18
CA GLU E 342 -19.41 18.18 4.00
C GLU E 342 -19.56 17.80 5.46
N TRP E 343 -20.78 17.89 5.99
CA TRP E 343 -21.01 17.83 7.42
C TRP E 343 -21.02 16.41 7.99
N ILE E 344 -20.75 15.39 7.19
CA ILE E 344 -20.62 14.03 7.67
C ILE E 344 -19.29 13.48 7.19
N PRO E 345 -18.41 13.02 8.09
CA PRO E 345 -17.13 12.45 7.64
C PRO E 345 -17.24 11.03 7.10
N ASN E 346 -18.14 10.20 7.66
CA ASN E 346 -18.29 8.83 7.19
C ASN E 346 -19.65 8.74 6.50
N ASN E 347 -19.66 8.97 5.20
CA ASN E 347 -20.87 8.87 4.39
C ASN E 347 -21.12 7.47 3.84
N VAL E 348 -20.32 6.48 4.25
CA VAL E 348 -20.45 5.12 3.74
C VAL E 348 -20.76 4.19 4.91
N LYS E 349 -21.90 3.52 4.82
CA LYS E 349 -22.28 2.49 5.78
C LYS E 349 -21.81 1.14 5.27
N THR E 350 -21.09 0.41 6.12
CA THR E 350 -20.65 -0.93 5.79
C THR E 350 -21.67 -1.96 6.26
N ALA E 351 -21.82 -3.03 5.47
CA ALA E 351 -22.78 -4.09 5.77
C ALA E 351 -22.20 -5.40 5.24
N VAL E 352 -21.54 -6.14 6.14
CA VAL E 352 -20.89 -7.40 5.79
C VAL E 352 -21.75 -8.55 6.29
N CYS E 353 -22.15 -9.42 5.38
CA CYS E 353 -22.86 -10.65 5.72
C CYS E 353 -21.88 -11.82 5.63
N ASP E 354 -21.89 -12.68 6.65
CA ASP E 354 -20.96 -13.81 6.67
C ASP E 354 -21.36 -14.90 5.68
N ILE E 355 -22.64 -14.95 5.31
CA ILE E 355 -23.14 -16.06 4.49
C ILE E 355 -22.82 -15.77 3.03
N PRO E 356 -22.01 -16.59 2.37
CA PRO E 356 -21.64 -16.33 0.99
C PRO E 356 -22.78 -16.69 0.04
N PRO E 357 -22.81 -16.11 -1.15
CA PRO E 357 -23.81 -16.52 -2.14
C PRO E 357 -23.46 -17.86 -2.77
N ARG E 358 -24.40 -18.38 -3.56
CA ARG E 358 -24.19 -19.64 -4.24
C ARG E 358 -23.43 -19.41 -5.54
N GLY E 359 -22.40 -20.22 -5.76
CA GLY E 359 -21.57 -20.08 -6.94
C GLY E 359 -20.47 -19.06 -6.75
N LEU E 360 -20.85 -17.80 -6.53
CA LEU E 360 -19.86 -16.77 -6.24
C LEU E 360 -19.31 -16.93 -4.83
N LYS E 361 -17.99 -16.82 -4.71
CA LYS E 361 -17.37 -16.78 -3.40
C LYS E 361 -17.60 -15.43 -2.73
N MET E 362 -17.58 -14.35 -3.50
CA MET E 362 -17.82 -13.01 -2.99
C MET E 362 -18.81 -12.30 -3.90
N SER E 363 -19.76 -11.60 -3.29
CA SER E 363 -20.68 -10.75 -4.04
C SER E 363 -20.99 -9.53 -3.18
N ALA E 364 -21.43 -8.46 -3.83
CA ALA E 364 -21.72 -7.25 -3.09
C ALA E 364 -22.83 -6.48 -3.79
N THR E 365 -23.42 -5.54 -3.05
CA THR E 365 -24.52 -4.73 -3.56
C THR E 365 -24.32 -3.29 -3.12
N PHE E 366 -24.25 -2.39 -4.09
CA PHE E 366 -24.11 -0.96 -3.83
C PHE E 366 -25.48 -0.33 -3.66
N ILE E 367 -25.60 0.52 -2.64
CA ILE E 367 -26.74 1.41 -2.49
C ILE E 367 -26.20 2.81 -2.23
N GLY E 368 -26.55 3.76 -3.09
CA GLY E 368 -26.10 5.12 -2.96
C GLY E 368 -27.26 6.08 -2.80
N ASN E 369 -26.95 7.26 -2.28
CA ASN E 369 -27.90 8.37 -2.20
C ASN E 369 -27.17 9.62 -2.66
N SER E 370 -27.38 10.00 -3.91
CA SER E 370 -26.69 11.14 -4.49
C SER E 370 -27.67 12.26 -4.76
N THR E 371 -27.12 13.44 -5.07
CA THR E 371 -27.97 14.56 -5.45
C THR E 371 -28.23 14.59 -6.95
N ALA E 372 -27.84 13.55 -7.68
CA ALA E 372 -28.10 13.49 -9.11
C ALA E 372 -29.45 12.84 -9.40
N ILE E 373 -30.21 12.52 -8.37
CA ILE E 373 -31.52 11.90 -8.56
C ILE E 373 -32.50 12.91 -9.14
N GLN E 374 -32.27 14.20 -8.86
CA GLN E 374 -33.12 15.26 -9.39
C GLN E 374 -32.96 15.46 -10.89
N GLU E 375 -31.92 14.88 -11.50
CA GLU E 375 -31.71 15.00 -12.94
C GLU E 375 -32.81 14.29 -13.71
N LEU E 376 -33.13 13.05 -13.34
CA LEU E 376 -34.26 12.36 -13.96
C LEU E 376 -35.58 12.97 -13.54
N PHE E 377 -35.61 13.65 -12.38
CA PHE E 377 -36.81 14.35 -11.95
C PHE E 377 -37.06 15.58 -12.83
N LYS E 378 -35.99 16.16 -13.37
CA LYS E 378 -36.16 17.23 -14.34
C LYS E 378 -36.65 16.70 -15.68
N ARG E 379 -36.34 15.44 -15.98
CA ARG E 379 -36.78 14.85 -17.24
C ARG E 379 -38.28 14.65 -17.27
N ILE E 380 -38.88 14.37 -16.11
CA ILE E 380 -40.32 14.22 -16.03
C ILE E 380 -41.00 15.58 -16.07
N SER E 381 -40.45 16.53 -15.30
CA SER E 381 -41.11 17.83 -15.12
C SER E 381 -41.09 18.68 -16.38
N GLU E 382 -39.98 18.65 -17.12
CA GLU E 382 -39.89 19.40 -18.37
C GLU E 382 -40.80 18.79 -19.44
N GLN E 383 -40.97 17.47 -19.40
CA GLN E 383 -41.99 16.83 -20.22
C GLN E 383 -43.38 17.13 -19.68
N PHE E 384 -43.49 17.38 -18.37
CA PHE E 384 -44.79 17.65 -17.79
C PHE E 384 -45.27 19.05 -18.14
N THR E 385 -44.36 20.04 -18.11
CA THR E 385 -44.75 21.42 -18.40
C THR E 385 -45.17 21.61 -19.84
N ALA E 386 -44.61 20.82 -20.75
CA ALA E 386 -45.06 20.86 -22.14
C ALA E 386 -46.45 20.25 -22.28
N MET E 387 -46.67 19.12 -21.59
CA MET E 387 -47.95 18.41 -21.73
C MET E 387 -49.08 19.13 -20.99
N PHE E 388 -48.76 19.87 -19.93
CA PHE E 388 -49.79 20.47 -19.09
C PHE E 388 -50.44 21.66 -19.80
N ARG E 389 -49.73 22.30 -20.71
CA ARG E 389 -50.25 23.49 -21.37
C ARG E 389 -51.29 23.13 -22.43
N ARG E 390 -50.95 22.19 -23.32
CA ARG E 390 -51.78 21.90 -24.48
C ARG E 390 -52.91 20.93 -24.16
N LYS E 391 -52.90 20.34 -22.96
CA LYS E 391 -53.94 19.49 -22.41
C LYS E 391 -54.21 18.27 -23.30
N ALA E 392 -53.13 17.69 -23.84
CA ALA E 392 -53.27 16.58 -24.76
C ALA E 392 -53.65 15.30 -24.02
N PHE E 393 -54.73 14.65 -24.49
CA PHE E 393 -55.37 13.49 -23.86
C PHE E 393 -55.77 13.76 -22.41
N LEU E 394 -56.08 15.01 -22.10
CA LEU E 394 -56.48 15.35 -20.74
C LEU E 394 -57.95 15.04 -20.52
N HIS E 395 -58.74 15.03 -21.59
CA HIS E 395 -60.17 14.77 -21.50
C HIS E 395 -60.47 13.33 -21.12
N TRP E 396 -59.50 12.43 -21.28
CA TRP E 396 -59.65 11.07 -20.76
C TRP E 396 -59.67 11.07 -19.24
N TYR E 397 -58.67 11.71 -18.62
CA TYR E 397 -58.65 11.83 -17.16
C TYR E 397 -59.63 12.87 -16.64
N THR E 398 -60.06 13.80 -17.49
CA THR E 398 -61.06 14.78 -17.06
C THR E 398 -62.43 14.12 -16.88
N GLY E 399 -62.74 13.15 -17.75
CA GLY E 399 -63.97 12.40 -17.56
C GLY E 399 -63.92 11.47 -16.36
N GLU E 400 -62.71 11.14 -15.90
CA GLU E 400 -62.57 10.34 -14.69
C GLU E 400 -62.87 11.16 -13.44
N GLY E 401 -62.67 12.47 -13.50
CA GLY E 401 -62.98 13.33 -12.37
C GLY E 401 -61.77 14.00 -11.73
N MET E 402 -60.77 14.33 -12.52
CA MET E 402 -59.53 14.89 -12.00
C MET E 402 -59.47 16.39 -12.26
N ASP E 403 -58.78 17.11 -11.38
CA ASP E 403 -58.71 18.57 -11.46
C ASP E 403 -57.30 19.02 -11.84
N GLU E 404 -57.22 20.15 -12.53
CA GLU E 404 -55.94 20.65 -13.02
C GLU E 404 -55.09 21.25 -11.90
N MET E 405 -55.73 21.88 -10.90
CA MET E 405 -54.96 22.45 -9.80
C MET E 405 -54.44 21.36 -8.87
N GLU E 406 -55.08 20.19 -8.88
CA GLU E 406 -54.50 19.02 -8.23
C GLU E 406 -53.21 18.60 -8.92
N PHE E 407 -53.15 18.77 -10.24
CA PHE E 407 -51.94 18.43 -10.98
C PHE E 407 -50.83 19.43 -10.72
N THR E 408 -51.20 20.69 -10.48
CA THR E 408 -50.23 21.72 -10.16
C THR E 408 -49.62 21.47 -8.78
N GLU E 409 -50.44 20.96 -7.85
CA GLU E 409 -49.95 20.61 -6.52
C GLU E 409 -48.97 19.45 -6.58
N ALA E 410 -49.24 18.47 -7.45
CA ALA E 410 -48.27 17.42 -7.70
C ALA E 410 -47.03 17.97 -8.40
N GLU E 411 -47.21 18.98 -9.24
CA GLU E 411 -46.06 19.64 -9.86
C GLU E 411 -45.31 20.47 -8.84
N SER E 412 -46.04 21.12 -7.93
CA SER E 412 -45.40 21.90 -6.87
C SER E 412 -44.66 20.99 -5.89
N ASN E 413 -45.22 19.81 -5.63
CA ASN E 413 -44.50 18.82 -4.83
C ASN E 413 -43.28 18.30 -5.58
N MET E 414 -43.37 18.21 -6.90
CA MET E 414 -42.20 17.86 -7.70
C MET E 414 -41.20 19.02 -7.72
N ASN E 415 -41.70 20.25 -7.71
CA ASN E 415 -40.81 21.41 -7.66
C ASN E 415 -40.16 21.53 -6.29
N ASP E 416 -40.87 21.15 -5.23
CA ASP E 416 -40.30 21.18 -3.90
C ASP E 416 -39.25 20.09 -3.73
N LEU E 417 -39.48 18.93 -4.34
CA LEU E 417 -38.59 17.78 -4.16
C LEU E 417 -37.23 18.02 -4.79
N VAL E 418 -37.22 18.67 -5.96
CA VAL E 418 -35.95 19.04 -6.59
C VAL E 418 -35.23 20.08 -5.77
N SER E 419 -35.98 21.06 -5.24
CA SER E 419 -35.38 22.13 -4.46
C SER E 419 -34.84 21.65 -3.12
N GLU E 420 -35.41 20.56 -2.58
CA GLU E 420 -34.85 19.97 -1.37
C GLU E 420 -33.49 19.34 -1.64
N TYR E 421 -33.33 18.74 -2.81
CA TYR E 421 -32.00 18.30 -3.25
C TYR E 421 -31.08 19.49 -3.47
N GLN E 422 -31.63 20.62 -3.92
CA GLN E 422 -30.83 21.82 -4.13
C GLN E 422 -30.35 22.42 -2.82
N GLN E 423 -31.13 22.24 -1.73
CA GLN E 423 -30.72 22.76 -0.44
C GLN E 423 -29.53 22.00 0.12
N TYR E 424 -29.44 20.70 -0.16
CA TYR E 424 -28.41 19.86 0.41
C TYR E 424 -27.30 19.49 -0.58
N GLN E 425 -27.44 19.87 -1.85
CA GLN E 425 -26.34 19.68 -2.79
C GLN E 425 -25.18 20.61 -2.46
N ASP E 426 -25.43 21.91 -2.51
CA ASP E 426 -24.42 22.90 -2.17
C ASP E 426 -24.98 23.89 -1.17
PG GTP F . 23.69 2.40 -5.31
O1G GTP F . 22.61 3.40 -4.93
O2G GTP F . 23.16 1.03 -5.54
O3G GTP F . 24.46 2.94 -6.51
O3B GTP F . 24.75 2.36 -4.13
PB GTP F . 26.09 1.51 -3.96
O1B GTP F . 26.99 2.19 -2.95
O2B GTP F . 25.78 0.14 -3.52
O3A GTP F . 26.87 1.46 -5.35
PA GTP F . 27.72 0.30 -6.04
O1A GTP F . 27.64 -0.94 -5.15
O2A GTP F . 27.14 -0.02 -7.37
O5' GTP F . 29.24 0.76 -6.11
C5' GTP F . 30.18 0.33 -7.10
C4' GTP F . 31.53 0.12 -6.45
O4' GTP F . 31.42 -0.91 -5.45
C3' GTP F . 32.64 -0.31 -7.40
O3' GTP F . 33.88 0.29 -7.05
C2' GTP F . 32.68 -1.82 -7.20
O2' GTP F . 33.96 -2.38 -7.47
C1' GTP F . 32.36 -1.93 -5.71
N9 GTP F . 31.78 -3.22 -5.31
C8 GTP F . 30.47 -3.61 -5.38
N7 GTP F . 30.25 -4.80 -4.88
C5 GTP F . 31.51 -5.24 -4.48
C6 GTP F . 31.94 -6.47 -3.89
O6 GTP F . 31.24 -7.43 -3.56
N1 GTP F . 33.29 -6.50 -3.66
C2 GTP F . 34.16 -5.48 -3.97
N2 GTP F . 35.45 -5.68 -3.69
N3 GTP F . 33.78 -4.34 -4.53
C4 GTP F . 32.46 -4.28 -4.75
MG MG G . 23.83 -0.57 -3.95
PB GDP H . 1.85 3.53 -38.66
O1B GDP H . 2.39 3.76 -37.25
O2B GDP H . 0.97 2.30 -38.63
O3B GDP H . 1.15 4.72 -39.21
O3A GDP H . 3.11 3.16 -39.57
PA GDP H . 4.45 2.38 -39.24
O1A GDP H . 4.67 2.45 -37.74
O2A GDP H . 4.33 0.98 -39.68
O5' GDP H . 5.62 3.20 -39.95
C5' GDP H . 6.30 2.84 -41.17
C4' GDP H . 7.73 2.52 -40.85
O4' GDP H . 7.79 1.38 -39.97
C3' GDP H . 8.61 2.16 -42.06
O3' GDP H . 9.94 2.63 -41.87
C2' GDP H . 8.53 0.64 -42.08
O2' GDP H . 9.68 0.06 -42.69
C1' GDP H . 8.51 0.32 -40.59
N9 GDP H . 7.83 -0.94 -40.28
C8 GDP H . 6.51 -1.25 -40.45
N7 GDP H . 6.21 -2.46 -40.04
C5 GDP H . 7.40 -2.98 -39.58
C6 GDP H . 7.72 -4.26 -39.01
O6 GDP H . 6.95 -5.19 -38.82
N1 GDP H . 9.06 -4.36 -38.71
C2 GDP H . 10.00 -3.39 -38.90
N2 GDP H . 11.25 -3.67 -38.53
N3 GDP H . 9.71 -2.20 -39.40
C4 GDP H . 8.42 -2.06 -39.72
O01 TA1 I . 17.21 -18.94 -32.22
C01 TA1 I . 18.48 -19.11 -31.58
C02 TA1 I . 19.60 -18.40 -32.59
O02 TA1 I . 18.94 -17.16 -32.93
C03 TA1 I . 18.54 -16.97 -34.20
O03 TA1 I . 18.61 -17.81 -35.06
C04 TA1 I . 18.03 -15.59 -34.42
C05 TA1 I . 18.01 -14.67 -33.36
C06 TA1 I . 17.59 -13.38 -33.58
C07 TA1 I . 17.17 -12.97 -34.83
C08 TA1 I . 17.18 -13.88 -35.88
C09 TA1 I . 17.60 -15.18 -35.67
C10 TA1 I . 21.11 -18.18 -32.10
C11 TA1 I . 21.64 -16.62 -32.12
O04 TA1 I . 20.82 -15.79 -31.24
C12 TA1 I . 20.83 -15.86 -29.88
O05 TA1 I . 21.50 -16.62 -29.24
C13 TA1 I . 19.91 -14.83 -29.32
C14 TA1 I . 21.80 -15.81 -33.44
O06 TA1 I . 23.05 -15.28 -33.01
C15 TA1 I . 23.16 -16.35 -32.03
C16 TA1 I . 24.12 -17.43 -32.45
C17 TA1 I . 23.62 -18.82 -32.02
O07 TA1 I . 24.61 -19.79 -32.38
C18 TA1 I . 22.24 -19.21 -32.61
C19 TA1 I . 22.30 -19.37 -34.14
C20 TA1 I . 22.20 -20.69 -32.09
O08 TA1 I . 22.96 -21.45 -32.65
C21 TA1 I . 21.17 -21.40 -30.80
O09 TA1 I . 21.18 -22.83 -31.07
C22 TA1 I . 21.67 -23.65 -30.12
O10 TA1 I . 22.10 -23.26 -29.07
C23 TA1 I . 21.60 -25.07 -30.55
C24 TA1 I . 19.78 -20.88 -30.34
C25 TA1 I . 19.68 -20.24 -29.15
C26 TA1 I . 18.66 -19.12 -28.97
O11 TA1 I . 18.87 -18.12 -27.92
C27 TA1 I . 18.07 -18.21 -26.84
O12 TA1 I . 17.32 -19.14 -26.64
C28 TA1 I . 18.18 -16.99 -25.94
O13 TA1 I . 17.65 -17.31 -24.66
C29 TA1 I . 17.40 -15.83 -26.57
N01 TA1 I . 16.04 -16.26 -26.87
C30 TA1 I . 15.59 -16.34 -28.14
O14 TA1 I . 16.28 -16.00 -29.09
C31 TA1 I . 14.21 -16.87 -28.32
C32 TA1 I . 13.16 -16.41 -27.54
C33 TA1 I . 11.88 -16.89 -27.73
C34 TA1 I . 11.62 -17.81 -28.72
C35 TA1 I . 12.65 -18.28 -29.50
C36 TA1 I . 13.94 -17.82 -29.31
C37 TA1 I . 17.44 -14.55 -25.76
C38 TA1 I . 18.42 -13.60 -25.99
C39 TA1 I . 18.46 -12.43 -25.25
C40 TA1 I . 17.52 -12.19 -24.27
C41 TA1 I . 16.54 -13.14 -24.03
C42 TA1 I . 16.49 -14.30 -24.77
C43 TA1 I . 18.39 -18.34 -30.26
C44 TA1 I . 20.53 -20.56 -27.95
C45 TA1 I . 18.70 -20.71 -31.45
C46 TA1 I . 17.42 -21.55 -31.30
C47 TA1 I . 18.93 -21.25 -32.87
PG GTP J . -27.92 -2.82 17.77
O1G GTP J . -29.31 -2.53 18.35
O2G GTP J . -27.88 -4.14 17.07
O3G GTP J . -27.50 -1.66 16.89
O3B GTP J . -26.90 -2.83 18.98
PB GTP J . -25.32 -3.05 19.04
O1B GTP J . -24.77 -2.34 20.27
O2B GTP J . -25.00 -4.49 19.10
O3A GTP J . -24.64 -2.40 17.75
PA GTP J . -23.48 -2.92 16.80
O1A GTP J . -23.06 -4.31 17.29
O2A GTP J . -23.97 -3.02 15.41
O5' GTP J . -22.22 -1.96 16.97
C5' GTP J . -21.22 -1.76 15.96
C4' GTP J . -19.88 -1.56 16.63
O4' GTP J . -19.53 -2.76 17.37
C3' GTP J . -18.71 -1.29 15.68
O3' GTP J . -17.81 -0.34 16.23
C2' GTP J . -18.08 -2.67 15.52
O2' GTP J . -16.70 -2.60 15.20
C1' GTP J . -18.28 -3.25 16.92
N9 GTP J . -18.30 -4.72 16.96
C8 GTP J . -19.38 -5.54 16.75
N7 GTP J . -19.08 -6.81 16.89
C5 GTP J . -17.74 -6.82 17.22
C6 GTP J . -16.84 -7.90 17.52
O6 GTP J . -17.09 -9.10 17.55
N1 GTP J . -15.56 -7.46 17.79
C2 GTP J . -15.16 -6.14 17.79
N2 GTP J . -13.88 -5.90 18.08
N3 GTP J . -15.99 -5.14 17.53
C4 GTP J . -17.25 -5.53 17.27
MG MG K . -26.77 -5.58 18.68
PB GDP L . -49.59 -1.22 -15.70
O1B GDP L . -49.14 -1.22 -14.25
O2B GDP L . -49.86 -2.67 -16.10
O3B GDP L . -50.76 -0.34 -15.98
O3A GDP L . -48.34 -0.76 -16.57
PA GDP L . -46.78 -1.06 -16.42
O1A GDP L . -46.51 -1.36 -14.95
O2A GDP L . -46.42 -2.23 -17.26
O5' GDP L . -46.02 0.28 -16.79
C5' GDP L . -45.29 0.55 -18.01
C4' GDP L . -43.85 0.74 -17.66
O4' GDP L . -43.32 -0.47 -17.10
C3' GDP L . -42.94 1.07 -18.84
O3' GDP L . -41.88 1.94 -18.44
C2' GDP L . -42.41 -0.30 -19.27
O2' GDP L . -41.15 -0.22 -19.91
C1' GDP L . -42.27 -0.99 -17.91
N9 GDP L . -42.41 -2.44 -17.97
C8 GDP L . -43.52 -3.17 -18.29
N7 GDP L . -43.34 -4.47 -18.23
C5 GDP L . -42.01 -4.61 -17.85
C6 GDP L . -41.21 -5.77 -17.61
O6 GDP L . -41.56 -6.94 -17.69
N1 GDP L . -39.92 -5.45 -17.26
C2 GDP L . -39.42 -4.18 -17.14
N2 GDP L . -38.13 -4.06 -16.80
N3 GDP L . -40.15 -3.08 -17.34
C4 GDP L . -41.42 -3.37 -17.69
O01 TA1 M . -26.44 -17.00 -14.25
C01 TA1 M . -25.20 -16.81 -13.54
C02 TA1 M . -24.48 -15.48 -14.22
O02 TA1 M . -25.60 -14.56 -14.29
C03 TA1 M . -26.07 -14.19 -15.49
O03 TA1 M . -25.68 -14.67 -16.53
C04 TA1 M . -27.09 -13.12 -15.38
C05 TA1 M . -27.46 -12.62 -14.14
C06 TA1 M . -28.36 -11.58 -14.04
C07 TA1 M . -28.93 -11.05 -15.19
C08 TA1 M . -28.58 -11.54 -16.43
C09 TA1 M . -27.66 -12.58 -16.53
C10 TA1 M . -23.17 -14.83 -13.56
C11 TA1 M . -23.31 -13.24 -13.14
O04 TA1 M . -24.39 -13.08 -12.15
C12 TA1 M . -24.30 -13.49 -10.87
O05 TA1 M . -23.37 -14.08 -10.38
C13 TA1 M . -25.55 -13.11 -10.14
C14 TA1 M . -23.52 -12.13 -14.20
O06 TA1 M . -22.58 -11.28 -13.54
C15 TA1 M . -22.03 -12.43 -12.86
C16 TA1 M . -20.73 -12.91 -13.46
C17 TA1 M . -20.62 -14.42 -13.42
O07 TA1 M . -19.33 -14.81 -13.91
C18 TA1 M . -21.73 -15.18 -14.20
C19 TA1 M . -21.64 -14.89 -15.71
C20 TA1 M . -21.16 -16.62 -14.07
O08 TA1 M . -20.16 -16.84 -14.71
C21 TA1 M . -21.80 -18.00 -13.09
O09 TA1 M . -21.23 -19.18 -13.73
C22 TA1 M . -20.65 -20.11 -12.95
O10 TA1 M . -20.56 -20.00 -11.77
C23 TA1 M . -20.14 -21.25 -13.76
C24 TA1 M . -23.26 -18.18 -12.63
C25 TA1 M . -23.59 -17.87 -11.35
C26 TA1 M . -25.00 -17.41 -11.00
O11 TA1 M . -25.22 -16.74 -9.73
C27 TA1 M . -25.87 -17.45 -8.78
O12 TA1 M . -26.16 -18.61 -8.89
C28 TA1 M . -26.23 -16.60 -7.57
O13 TA1 M . -26.55 -17.44 -6.49
C29 TA1 M . -27.42 -15.69 -7.93
N01 TA1 M . -28.52 -16.50 -8.43
C30 TA1 M . -28.93 -16.42 -9.69
O14 TA1 M . -28.44 -15.62 -10.49
C31 TA1 M . -30.02 -17.35 -10.12
C32 TA1 M . -31.15 -17.52 -9.31
C33 TA1 M . -32.17 -18.37 -9.72
C34 TA1 M . -32.08 -19.04 -10.92
C35 TA1 M . -30.97 -18.87 -11.72
C36 TA1 M . -29.95 -18.03 -11.32
C37 TA1 M . -27.84 -14.76 -6.80
C38 TA1 M . -27.33 -13.47 -6.71
C39 TA1 M . -27.72 -12.64 -5.69
C40 TA1 M . -28.62 -13.06 -4.73
C41 TA1 M . -29.12 -14.34 -4.81
C42 TA1 M . -28.75 -15.18 -5.83
C43 TA1 M . -25.61 -16.53 -12.08
C44 TA1 M . -22.63 -17.93 -10.20
C45 TA1 M . -24.34 -18.17 -13.77
C46 TA1 M . -25.16 -19.46 -13.95
C47 TA1 M . -23.96 -18.19 -15.25
#